data_2FYU
#
_entry.id   2FYU
#
_cell.length_a   154.263
_cell.length_b   154.263
_cell.length_c   590.191
_cell.angle_alpha   90.00
_cell.angle_beta   90.00
_cell.angle_gamma   90.00
#
_symmetry.space_group_name_H-M   'I 41 2 2'
#
loop_
_entity.id
_entity.type
_entity.pdbx_description
1 polymer 'Ubiquinol-cytochrome-c reductase complex core protein I, mitochondrial'
2 polymer 'Ubiquinol-cytochrome-c reductase complex core protein 2, mitochondrial'
3 polymer 'Cytochrome b'
4 polymer 'Cytochrome c1, heme protein, mitochondrial'
5 polymer 'Ubiquinol-cytochrome c reductase iron-sulfur subunit, mitochondrial'
6 polymer 'Hypothetical protein LOC616871'
7 polymer 'Ubiquinol-cytochrome c reductase complex ubiquinone-binding protein QP-C'
8 polymer 'Ubiquinol-cytochrome c reductase complex 11 kDa protein'
9 polymer 'Ubiquinol-cytochrome c reductase iron-sulfur subunit, mitochondrial'
10 polymer 'Ubiquinol-cytochrome c reductase complex 7.2 kDa protein'
11 polymer 'Ubiquinol-cytochrome c reductase complex 6.4 kDa protein'
12 non-polymer 'PROTOPORPHYRIN IX CONTAINING FE'
13 non-polymer (5S)-3-ANILINO-5-(2,4-DIFLUOROPHENYL)-5-METHYL-1,3-OXAZOLIDINE-2,4-DIONE
14 non-polymer 'FE2/S2 (INORGANIC) CLUSTER'
15 water water
#
loop_
_entity_poly.entity_id
_entity_poly.type
_entity_poly.pdbx_seq_one_letter_code
_entity_poly.pdbx_strand_id
1 'polypeptide(L)'
;TATYAQALQSVPETQVSQLDNGLRVASEQSSQPTCTVGVWIDAGSRYESEKNNGAGYFVEHLAFKGTKNRPGNALEKEVE
SMGAHLNAYSTREHTAYYIKALSKDLPKAVELLADIVQNCSLEDSQIEKERDVILQELQENDTSMRDVVFNYLHATAFQG
TPLAQSVEGPSENVRKLSRADLTEYLSRHYKAPRMVLAAAGGLEHRQLLDLAQKHFSGLSGTYDEDAVPTLSPCRFTGSQ
ICHREDGLPLAHVAIAVEGPGWAHPDNVALQVANAIIGHYDCTYGGGAHLSSPLASIAATNKLCQSFQTFNICYADTGLL
GAHFVCDHMSIDDMMFVLQGQWMRLCTSATESEVLRGKNLLRNALVSHLDGTTPVCEDIGRSLLTYGRRIPLAEWESRIA
EVDARVVREVCSKYFYDQCPAVAGFGPIEQLPDYNRIRSGMFWLRF
;
A
2 'polypeptide(L)'
;SLKVAPKVKATEAPAGVPPHPQDLEFTRLPNGLVIASLENYAPASRIGLFIKAGSRYENSNNLGTSHLLRLASSLTTKGA
SSFKITRGIEAVGGKLSVTSTRENMAYTVECLRDDVDILMEFLLNVTTAPEFRRWEVAALQPQLRIDKAVALQNPQAHVI
ENLHAAAYRNALANSLYCPDYRIGKVTPVELHDYVQNHFTSARMALIGLGVSHPVLKQVAEQFLNIRGGLGLSGAKAKYH
GGEIREQNGDSLVHAALVAESAAIGSAEANAFSVLQHVLGAGPHVKRGSNATSSLYQAVAKGVHQPFDVSAFNASYSDSG
LFGFYTISQAASAGDVIKAAYNQVKTIAQGNLSNPDVQAAKNKLKAGYLMSVESSEGFLDEVGSQALAAGSYTPPSTVLQ
QIDAVADADVINAAKKFVSGRKSMAASGNLGHTPFIDEL
;
B
3 'polypeptide(L)'
;MTNIRKSHPLMKIVNNAFIDLPAPSNISSWWNFGSLLGICLILQILTGLFLAMHYTSDTTTAFSSVTHICRDVNYGWIIR
YMHANGASMFFICLYMHVGRGLYYGSYTFLETWNIGVILLLTVMATAFMGYVLPWGQMSFWGATVITNLLSAIPYIGTNL
VEWIWGGFSVDKATLTRFFAFHFILPFIIMAIAMVHLLFLHETGSNNPTGISSDVDKIPFHPYYTIKDILGALLLILALM
LLVLFAPDLLGDPDNYTPANPLNTPPHIKPEWYFLFAYAILRSIPNKLGGVLALAFSILILALIPLLHTSKQRSMMFRPL
SQCLFWALVADLLTLTWIGGQPVEHPYITIGQLASVLYFLLILVLMPTAGTIENKLLKW
;
C
4 'polypeptide(L)'
;SDLELHPPSYPWSHRGLLSSLDHTSIRRGFQVYKQVCSSCHSMDYVAYRHLVGVCYTEDEAKALAEEVEVQDGPNEDGEM
FMRPGKLSDYFPKPYPNPEAARAANNGALPPDLSYIVRARHGGEDYVFSLLTGYCEPPTGVSLREGLYFNPYFPGQAIGM
APPIYNEVLEFDDGTPATMSQVAKDVCTFLRWAAEPEHDHRKRMGLKMLLMMGLLLPLVYAMKRHKWSVLKSRKLAYRPP
K
;
D
5 'polypeptide(L)'
;SHTDIKVPDFSDYRRPEVLDSTKSSKESSEARKGFSYLVTATTTVGVAYAAKNVVSQFVSSMSASADVLAMSKIEIKLSD
IPEGKNMAFKWRGKPLFVRHRTKKEIDQEAAVEVSQLRDPQHDLERVKKPEWVILIGVCTHLGCVPIANAGDFGGYYCPC
HGSHYDASGRIRKGPAPLNLEVPSYEFTSDDMVIVG
;
E
6 'polypeptide(L)'
;AGRPAVSASSRWLEGIRKWYYNAAGFNKLGLMRDDTIHENDDVKEAIRRLPENLYDDRVFRIKRALDLSMRQQILPKEQW
TKYEEDKSYLEPYLKEVIRERKEREEWAKK
;
F
7 'polypeptide(L)'
;GRQFGHLTRVRHVITYSLSPFEQRAFPHYFSKGIPNVLRRTRACILRVAPPFVAFYLVYTWGTQEFEKSKRKNPAAYEND
R
;
G
8 'polypeptide(L)' GDPKEEEEEEEELVDPLTTVREQCEQLEKCVKARERLELCDERVSSRSQTEEDCTEELLDFLHARDHCVAHKLFNSLK H
9 'polypeptide(L)' MLSVAARSGPFAPVLSATSRGVAGALRPLVQAAVPATSESPVLDLKRSVLCRESLRGQAAGRPLVASVSLNVPASVRY I
10 'polypeptide(L)' VAPTLTARLYSLLFRRTSTFALTIVVGALFFERAFDQGADAIYEHINEGKLWKHIKHKYENK J
11 'polypeptide(L)' MLTRFLGPRYRQLARNWVPTASLWGAVGAVGLVWATDWRLILDWVPYINGKFKKDD K
#
loop_
_chem_comp.id
_chem_comp.type
_chem_comp.name
_chem_comp.formula
FDN non-polymer (5S)-3-ANILINO-5-(2,4-DIFLUOROPHENYL)-5-METHYL-1,3-OXAZOLIDINE-2,4-DIONE 'C16 H12 F2 N2 O3'
FES non-polymer 'FE2/S2 (INORGANIC) CLUSTER' 'Fe2 S2'
HEM non-polymer 'PROTOPORPHYRIN IX CONTAINING FE' 'C34 H32 Fe N4 O4'
#
# COMPACT_ATOMS: atom_id res chain seq x y z
N THR A 1 -61.30 -0.74 13.17
CA THR A 1 -59.94 -0.52 13.79
C THR A 1 -59.10 0.46 12.95
N ALA A 2 -58.46 1.41 13.64
CA ALA A 2 -57.74 2.57 13.04
C ALA A 2 -56.54 2.18 12.16
N THR A 3 -56.29 2.99 11.13
CA THR A 3 -55.05 2.93 10.32
C THR A 3 -53.87 3.59 11.05
N TYR A 4 -52.65 3.25 10.63
CA TYR A 4 -51.41 4.00 10.96
C TYR A 4 -51.51 5.52 10.71
N ALA A 5 -52.07 5.90 9.56
CA ALA A 5 -52.28 7.30 9.14
C ALA A 5 -53.20 8.08 10.09
N GLN A 6 -54.33 7.46 10.47
CA GLN A 6 -55.28 7.98 11.47
C GLN A 6 -54.65 8.15 12.86
N ALA A 7 -53.81 7.18 13.24
CA ALA A 7 -53.16 7.10 14.55
C ALA A 7 -52.17 8.24 14.79
N LEU A 8 -51.51 8.68 13.70
CA LEU A 8 -50.58 9.81 13.71
C LEU A 8 -51.26 11.16 13.91
N GLN A 9 -52.44 11.31 13.29
CA GLN A 9 -53.34 12.45 13.48
C GLN A 9 -53.91 12.55 14.90
N SER A 10 -54.17 11.39 15.52
CA SER A 10 -54.71 11.29 16.88
C SER A 10 -53.70 11.62 18.02
N VAL A 11 -52.40 11.63 17.69
CA VAL A 11 -51.31 12.14 18.57
C VAL A 11 -51.52 13.66 18.82
N PRO A 12 -51.70 14.09 20.10
CA PRO A 12 -52.14 15.47 20.40
C PRO A 12 -51.06 16.54 20.16
N GLU A 13 -51.51 17.75 19.77
CA GLU A 13 -50.65 18.90 19.45
C GLU A 13 -49.81 19.35 20.64
N THR A 14 -48.51 19.55 20.40
CA THR A 14 -47.62 20.26 21.32
C THR A 14 -48.02 21.73 21.42
N GLN A 15 -48.45 22.09 22.63
CA GLN A 15 -48.73 23.48 23.01
C GLN A 15 -47.44 24.21 23.38
N VAL A 16 -47.28 25.41 22.82
CA VAL A 16 -46.12 26.30 23.07
C VAL A 16 -46.63 27.68 23.50
N SER A 17 -46.11 28.15 24.64
CA SER A 17 -46.13 29.56 25.04
C SER A 17 -44.72 30.16 25.23
N GLN A 18 -44.63 31.49 25.06
CA GLN A 18 -43.45 32.30 25.43
C GLN A 18 -43.75 33.23 26.60
N LEU A 19 -42.87 33.20 27.60
CA LEU A 19 -42.80 34.21 28.67
C LEU A 19 -42.20 35.52 28.18
N ASP A 20 -42.48 36.61 28.93
CA ASP A 20 -41.89 37.94 28.72
C ASP A 20 -40.36 37.98 28.84
N ASN A 21 -39.83 37.19 29.78
CA ASN A 21 -38.50 36.52 29.75
C ASN A 21 -37.79 36.30 28.38
N GLY A 22 -38.53 35.75 27.41
CA GLY A 22 -37.95 34.97 26.31
C GLY A 22 -37.96 33.46 26.52
N LEU A 23 -38.22 33.00 27.75
CA LEU A 23 -38.32 31.59 28.13
C LEU A 23 -39.56 30.93 27.51
N ARG A 24 -39.30 30.00 26.59
CA ARG A 24 -40.34 29.16 25.97
C ARG A 24 -40.78 28.04 26.90
N VAL A 25 -42.10 27.88 26.99
CA VAL A 25 -42.76 26.93 27.88
C VAL A 25 -43.74 26.06 27.08
N ALA A 26 -43.41 24.76 26.99
CA ALA A 26 -44.04 23.84 26.03
C ALA A 26 -44.36 22.44 26.55
N SER A 27 -45.52 21.91 26.11
CA SER A 27 -46.12 20.69 26.66
C SER A 27 -46.89 19.80 25.67
N GLU A 28 -46.80 18.49 25.89
CA GLU A 28 -47.71 17.49 25.31
C GLU A 28 -48.51 16.77 26.41
N GLN A 29 -49.80 17.11 26.49
CA GLN A 29 -50.77 16.53 27.42
C GLN A 29 -51.12 15.08 27.01
N SER A 30 -50.99 14.16 27.98
CA SER A 30 -51.52 12.79 27.91
C SER A 30 -52.32 12.40 29.18
N SER A 31 -52.81 11.15 29.22
CA SER A 31 -53.61 10.58 30.33
C SER A 31 -52.81 10.17 31.59
N GLN A 32 -51.49 10.04 31.43
CA GLN A 32 -50.57 9.37 32.39
C GLN A 32 -50.63 9.93 33.84
N PRO A 33 -50.60 9.07 34.89
CA PRO A 33 -50.40 9.55 36.27
C PRO A 33 -49.01 10.18 36.56
N THR A 34 -48.05 9.99 35.65
CA THR A 34 -46.66 10.46 35.77
C THR A 34 -46.31 11.48 34.69
N CYS A 35 -45.24 12.24 34.95
CA CYS A 35 -44.71 13.23 34.02
C CYS A 35 -43.19 13.23 33.98
N THR A 36 -42.65 13.76 32.88
CA THR A 36 -41.31 14.33 32.81
C THR A 36 -41.40 15.84 32.54
N VAL A 37 -40.66 16.58 33.37
CA VAL A 37 -40.47 18.04 33.30
C VAL A 37 -38.99 18.34 33.25
N GLY A 38 -38.64 19.39 32.52
CA GLY A 38 -37.26 19.79 32.40
C GLY A 38 -36.97 21.09 31.72
N VAL A 39 -35.71 21.50 31.85
CA VAL A 39 -35.13 22.69 31.23
C VAL A 39 -34.11 22.25 30.20
N TRP A 40 -34.34 22.65 28.95
CA TRP A 40 -33.38 22.47 27.84
C TRP A 40 -32.71 23.79 27.50
N ILE A 41 -31.37 23.79 27.54
CA ILE A 41 -30.52 25.00 27.31
C ILE A 41 -29.67 24.80 26.05
N ASP A 42 -29.63 25.86 25.21
CA ASP A 42 -28.65 26.03 24.12
C ASP A 42 -27.25 26.36 24.68
N ALA A 43 -26.63 25.36 25.32
CA ALA A 43 -25.28 25.46 25.91
C ALA A 43 -24.60 24.12 25.89
N GLY A 44 -23.32 24.14 25.55
CA GLY A 44 -22.44 22.97 25.54
C GLY A 44 -21.03 23.36 25.11
N SER A 45 -20.19 22.35 24.92
CA SER A 45 -18.75 22.52 24.61
C SER A 45 -18.40 23.30 23.32
N ARG A 46 -19.32 23.29 22.34
CA ARG A 46 -19.25 24.15 21.15
C ARG A 46 -19.25 25.67 21.44
N TYR A 47 -19.93 26.08 22.53
CA TYR A 47 -19.90 27.47 23.04
C TYR A 47 -18.65 27.84 23.85
N GLU A 48 -17.90 26.83 24.31
CA GLU A 48 -16.68 27.07 25.10
C GLU A 48 -15.35 27.22 24.34
N SER A 49 -14.52 28.13 24.86
CA SER A 49 -13.14 28.33 24.43
C SER A 49 -12.19 27.28 25.07
N GLU A 50 -10.96 27.20 24.52
CA GLU A 50 -9.83 26.42 25.09
C GLU A 50 -9.63 26.54 26.61
N LYS A 51 -9.76 27.77 27.15
CA LYS A 51 -9.65 28.10 28.58
C LYS A 51 -10.90 27.69 29.40
N ASN A 52 -12.07 27.89 28.80
CA ASN A 52 -13.41 27.53 29.36
C ASN A 52 -13.76 26.02 29.33
N ASN A 53 -13.11 25.25 28.45
CA ASN A 53 -13.59 23.91 28.04
C ASN A 53 -13.66 22.89 29.19
N GLY A 54 -14.87 22.34 29.38
CA GLY A 54 -15.24 21.51 30.52
C GLY A 54 -16.08 22.18 31.62
N ALA A 55 -16.45 23.45 31.42
CA ALA A 55 -17.15 24.28 32.44
C ALA A 55 -18.60 23.83 32.63
N GLY A 56 -19.30 23.61 31.51
CA GLY A 56 -20.67 23.09 31.50
C GLY A 56 -20.83 21.75 32.18
N TYR A 57 -19.85 20.87 31.94
CA TYR A 57 -19.73 19.56 32.60
C TYR A 57 -19.46 19.67 34.09
N PHE A 58 -18.57 20.61 34.47
CA PHE A 58 -18.33 21.00 35.86
C PHE A 58 -19.59 21.52 36.55
N VAL A 59 -20.38 22.36 35.84
CA VAL A 59 -21.69 22.89 36.32
C VAL A 59 -22.72 21.77 36.56
N GLU A 60 -22.74 20.77 35.66
CA GLU A 60 -23.50 19.51 35.81
C GLU A 60 -23.22 18.74 37.11
N HIS A 61 -21.96 18.74 37.54
CA HIS A 61 -21.52 18.11 38.77
C HIS A 61 -21.93 18.85 40.04
N LEU A 62 -22.28 20.13 39.90
CA LEU A 62 -22.58 21.02 41.01
C LEU A 62 -24.07 21.36 41.14
N ALA A 63 -24.78 21.22 40.01
CA ALA A 63 -26.20 21.56 39.82
C ALA A 63 -27.17 20.95 40.85
N PHE A 64 -26.86 19.73 41.30
CA PHE A 64 -27.71 18.96 42.20
C PHE A 64 -27.27 18.92 43.67
N LYS A 65 -26.19 19.66 43.96
CA LYS A 65 -25.41 19.49 45.19
C LYS A 65 -25.58 20.65 46.20
N GLY A 66 -26.38 21.66 45.82
CA GLY A 66 -26.91 22.68 46.72
C GLY A 66 -27.30 23.97 45.99
N THR A 67 -28.44 24.54 46.42
CA THR A 67 -28.87 25.91 46.06
C THR A 67 -28.91 26.85 47.29
N LYS A 68 -29.18 28.14 47.03
CA LYS A 68 -29.35 29.18 48.04
C LYS A 68 -30.52 28.94 49.02
N ASN A 69 -31.61 28.34 48.52
CA ASN A 69 -32.83 28.03 49.30
C ASN A 69 -32.85 26.63 49.95
N ARG A 70 -32.28 25.67 49.22
CA ARG A 70 -32.04 24.31 49.70
C ARG A 70 -30.51 24.05 49.70
N PRO A 71 -29.81 24.27 50.84
CA PRO A 71 -28.35 24.05 50.90
C PRO A 71 -27.98 22.58 51.08
N GLY A 72 -26.84 22.19 50.51
CA GLY A 72 -26.28 20.83 50.60
C GLY A 72 -27.17 19.77 49.97
N ASN A 73 -27.59 18.81 50.81
CA ASN A 73 -28.35 17.63 50.39
C ASN A 73 -29.89 17.78 50.37
N ALA A 74 -30.35 19.01 50.63
CA ALA A 74 -31.77 19.30 50.90
C ALA A 74 -32.68 19.12 49.68
N LEU A 75 -32.15 19.45 48.49
CA LEU A 75 -32.77 19.15 47.19
C LEU A 75 -32.92 17.66 46.89
N GLU A 76 -31.81 16.91 47.07
CA GLU A 76 -31.77 15.43 47.07
C GLU A 76 -32.87 14.81 47.92
N LYS A 77 -32.98 15.31 49.16
CA LYS A 77 -33.96 14.87 50.17
C LYS A 77 -35.41 15.06 49.73
N GLU A 78 -35.70 16.16 49.02
CA GLU A 78 -37.03 16.50 48.49
C GLU A 78 -37.41 15.66 47.27
N VAL A 79 -36.48 15.48 46.34
CA VAL A 79 -36.66 14.67 45.12
C VAL A 79 -36.95 13.19 45.49
N GLU A 80 -36.09 12.64 46.37
CA GLU A 80 -36.17 11.27 46.86
C GLU A 80 -37.47 10.98 47.62
N SER A 81 -37.87 11.92 48.51
CA SER A 81 -39.07 11.80 49.37
C SER A 81 -40.40 11.71 48.63
N MET A 82 -40.49 12.41 47.48
CA MET A 82 -41.65 12.31 46.58
C MET A 82 -41.64 11.16 45.54
N GLY A 83 -40.56 10.38 45.58
CA GLY A 83 -40.34 9.27 44.66
C GLY A 83 -39.92 9.68 43.26
N ALA A 84 -39.42 10.91 43.13
CA ALA A 84 -39.04 11.49 41.85
C ALA A 84 -37.59 11.11 41.46
N HIS A 85 -37.29 11.21 40.17
CA HIS A 85 -35.95 11.02 39.62
C HIS A 85 -35.44 12.28 38.97
N LEU A 86 -34.23 12.67 39.34
CA LEU A 86 -33.58 13.88 38.86
C LEU A 86 -32.31 13.53 38.07
N ASN A 87 -32.28 14.00 36.82
CA ASN A 87 -31.21 13.69 35.86
C ASN A 87 -30.76 14.88 35.01
N ALA A 88 -29.55 14.75 34.44
CA ALA A 88 -28.90 15.76 33.62
C ALA A 88 -28.03 15.13 32.53
N TYR A 89 -27.88 15.86 31.42
CA TYR A 89 -26.84 15.59 30.40
C TYR A 89 -26.31 16.86 29.72
N SER A 90 -25.05 16.78 29.28
CA SER A 90 -24.41 17.77 28.41
C SER A 90 -23.81 17.12 27.16
N THR A 91 -24.38 17.50 26.01
CA THR A 91 -23.79 17.28 24.69
C THR A 91 -22.91 18.50 24.30
N ARG A 92 -22.39 18.47 23.07
CA ARG A 92 -21.66 19.60 22.45
C ARG A 92 -22.48 20.86 22.20
N GLU A 93 -23.80 20.70 22.05
CA GLU A 93 -24.74 21.77 21.68
C GLU A 93 -25.79 22.09 22.76
N HIS A 94 -26.14 21.10 23.58
CA HIS A 94 -27.35 21.12 24.43
C HIS A 94 -27.06 20.60 25.84
N THR A 95 -27.49 21.38 26.83
CA THR A 95 -27.60 20.94 28.24
C THR A 95 -29.07 20.75 28.63
N ALA A 96 -29.32 19.73 29.45
CA ALA A 96 -30.65 19.41 29.97
C ALA A 96 -30.67 19.00 31.44
N TYR A 97 -31.67 19.49 32.17
CA TYR A 97 -31.98 19.07 33.54
C TYR A 97 -33.46 18.71 33.62
N TYR A 98 -33.74 17.46 34.02
CA TYR A 98 -35.11 16.92 34.02
C TYR A 98 -35.49 16.07 35.24
N ILE A 99 -36.78 16.17 35.60
CA ILE A 99 -37.38 15.39 36.68
C ILE A 99 -38.45 14.46 36.08
N LYS A 100 -38.28 13.16 36.34
CA LYS A 100 -39.41 12.21 36.34
C LYS A 100 -40.11 12.29 37.69
N ALA A 101 -41.37 12.72 37.69
CA ALA A 101 -42.21 12.76 38.89
C ALA A 101 -43.65 12.36 38.59
N LEU A 102 -44.39 11.96 39.64
CA LEU A 102 -45.87 12.03 39.70
C LEU A 102 -46.44 13.36 39.22
N SER A 103 -47.54 13.28 38.47
CA SER A 103 -48.22 14.45 37.87
C SER A 103 -48.70 15.49 38.89
N LYS A 104 -49.23 14.99 40.02
CA LYS A 104 -49.57 15.80 41.21
C LYS A 104 -48.41 16.57 41.87
N ASP A 105 -47.17 16.15 41.56
CA ASP A 105 -45.94 16.78 42.04
C ASP A 105 -45.26 17.76 41.04
N LEU A 106 -45.95 18.05 39.93
CA LEU A 106 -45.53 19.06 38.93
C LEU A 106 -45.19 20.49 39.47
N PRO A 107 -45.98 21.08 40.43
CA PRO A 107 -45.58 22.35 41.06
C PRO A 107 -44.23 22.39 41.78
N LYS A 108 -43.90 21.38 42.59
CA LYS A 108 -42.60 21.30 43.26
C LYS A 108 -41.45 20.96 42.32
N ALA A 109 -41.72 20.07 41.34
CA ALA A 109 -40.78 19.74 40.25
C ALA A 109 -40.32 20.94 39.41
N VAL A 110 -41.27 21.83 39.06
CA VAL A 110 -40.97 23.08 38.34
C VAL A 110 -40.20 24.07 39.25
N GLU A 111 -40.68 24.21 40.50
CA GLU A 111 -40.01 24.94 41.60
C GLU A 111 -38.53 24.57 41.81
N LEU A 112 -38.25 23.26 41.85
CA LEU A 112 -36.88 22.75 42.03
C LEU A 112 -35.96 22.99 40.82
N LEU A 113 -36.52 22.85 39.61
CA LEU A 113 -35.82 23.06 38.33
C LEU A 113 -35.37 24.51 38.15
N ALA A 114 -36.26 25.45 38.52
CA ALA A 114 -35.98 26.89 38.59
C ALA A 114 -34.87 27.25 39.58
N ASP A 115 -34.88 26.57 40.73
CA ASP A 115 -33.91 26.74 41.81
C ASP A 115 -32.51 26.24 41.42
N ILE A 116 -32.46 25.09 40.72
CA ILE A 116 -31.22 24.53 40.12
C ILE A 116 -30.62 25.49 39.08
N VAL A 117 -31.46 25.93 38.14
CA VAL A 117 -31.02 26.59 36.90
C VAL A 117 -30.58 28.07 37.11
N GLN A 118 -31.04 28.68 38.21
CA GLN A 118 -30.88 30.11 38.53
C GLN A 118 -29.98 30.34 39.75
N ASN A 119 -30.17 29.51 40.78
CA ASN A 119 -29.73 29.77 42.16
C ASN A 119 -28.75 28.72 42.72
N CYS A 120 -27.98 28.10 41.81
CA CYS A 120 -26.91 27.14 42.14
C CYS A 120 -25.79 27.80 42.96
N SER A 121 -25.46 27.15 44.08
CA SER A 121 -24.60 27.68 45.15
C SER A 121 -23.15 27.88 44.73
N LEU A 122 -22.63 26.91 43.96
CA LEU A 122 -21.20 26.66 43.70
C LEU A 122 -20.26 26.92 44.89
N GLU A 123 -20.54 26.24 46.01
CA GLU A 123 -19.74 26.35 47.24
C GLU A 123 -18.33 25.81 46.99
N ASP A 124 -17.33 26.63 47.35
CA ASP A 124 -15.90 26.40 47.02
C ASP A 124 -15.35 25.01 47.44
N SER A 125 -15.81 24.52 48.60
CA SER A 125 -15.58 23.15 49.07
C SER A 125 -16.18 22.06 48.17
N GLN A 126 -17.37 22.33 47.60
CA GLN A 126 -18.01 21.46 46.60
C GLN A 126 -17.27 21.39 45.28
N ILE A 127 -16.87 22.54 44.71
CA ILE A 127 -16.00 22.62 43.50
C ILE A 127 -14.71 21.79 43.58
N GLU A 128 -14.07 21.83 44.76
CA GLU A 128 -12.89 21.03 45.09
C GLU A 128 -13.16 19.51 45.15
N LYS A 129 -14.30 19.12 45.74
CA LYS A 129 -14.74 17.70 45.76
C LYS A 129 -15.00 17.13 44.36
N GLU A 130 -15.63 17.96 43.53
CA GLU A 130 -16.01 17.63 42.16
C GLU A 130 -14.83 17.52 41.18
N ARG A 131 -13.80 18.34 41.41
CA ARG A 131 -12.49 18.23 40.74
C ARG A 131 -11.95 16.78 40.65
N ASP A 132 -11.87 16.11 41.82
CA ASP A 132 -11.44 14.72 41.93
C ASP A 132 -12.40 13.70 41.32
N VAL A 133 -13.71 13.99 41.41
CA VAL A 133 -14.79 13.17 40.80
C VAL A 133 -14.69 13.18 39.25
N ILE A 134 -14.59 14.38 38.65
CA ILE A 134 -14.40 14.56 37.19
C ILE A 134 -13.14 13.88 36.65
N LEU A 135 -12.00 14.07 37.34
CA LEU A 135 -10.72 13.38 36.98
C LEU A 135 -10.79 11.85 36.94
N GLN A 136 -11.51 11.26 37.89
CA GLN A 136 -11.75 9.81 37.95
C GLN A 136 -12.65 9.32 36.82
N GLU A 137 -13.67 10.13 36.48
CA GLU A 137 -14.53 9.92 35.32
C GLU A 137 -13.78 9.98 33.98
N LEU A 138 -12.75 10.82 33.90
CA LEU A 138 -11.81 10.84 32.76
C LEU A 138 -10.98 9.57 32.62
N GLN A 139 -10.48 9.06 33.76
CA GLN A 139 -9.78 7.78 33.88
C GLN A 139 -10.66 6.60 33.49
N GLU A 140 -11.93 6.66 33.89
CA GLU A 140 -12.99 5.73 33.50
C GLU A 140 -13.30 5.76 32.01
N ASN A 141 -13.59 6.97 31.46
CA ASN A 141 -13.95 7.21 30.05
C ASN A 141 -12.87 6.68 29.08
N ASP A 142 -11.59 6.84 29.48
CA ASP A 142 -10.41 6.24 28.85
C ASP A 142 -10.47 4.74 28.53
N THR A 143 -11.13 3.97 29.38
CA THR A 143 -11.33 2.52 29.17
C THR A 143 -12.44 2.17 28.18
N SER A 144 -13.30 3.15 27.84
CA SER A 144 -14.40 2.97 26.88
C SER A 144 -13.93 3.31 25.47
N MET A 145 -13.56 2.28 24.73
CA MET A 145 -13.02 2.43 23.38
C MET A 145 -13.95 3.14 22.39
N ARG A 146 -15.27 2.93 22.58
CA ARG A 146 -16.35 3.66 21.87
C ARG A 146 -16.32 5.19 22.12
N ASP A 147 -16.32 5.59 23.39
CA ASP A 147 -16.25 7.02 23.79
C ASP A 147 -14.99 7.74 23.30
N VAL A 148 -13.88 7.01 23.35
CA VAL A 148 -12.55 7.42 22.84
C VAL A 148 -12.55 7.67 21.32
N VAL A 149 -12.96 6.68 20.49
CA VAL A 149 -13.08 6.90 19.00
C VAL A 149 -13.99 8.01 18.53
N PHE A 150 -15.09 8.20 19.23
CA PHE A 150 -15.99 9.32 18.97
C PHE A 150 -15.48 10.69 19.38
N ASN A 151 -14.75 10.76 20.51
CA ASN A 151 -13.95 11.94 20.83
C ASN A 151 -12.84 12.26 19.83
N TYR A 152 -12.18 11.21 19.36
CA TYR A 152 -11.16 11.27 18.29
C TYR A 152 -11.70 11.70 16.93
N LEU A 153 -12.86 11.13 16.54
CA LEU A 153 -13.60 11.53 15.35
C LEU A 153 -13.98 13.02 15.31
N HIS A 154 -14.56 13.53 16.41
CA HIS A 154 -14.78 14.99 16.62
C HIS A 154 -13.50 15.81 16.57
N ALA A 155 -12.45 15.29 17.23
CA ALA A 155 -11.16 15.99 17.36
C ALA A 155 -10.39 16.10 16.03
N THR A 156 -10.54 15.10 15.15
CA THR A 156 -9.95 15.17 13.81
C THR A 156 -10.82 15.81 12.72
N ALA A 157 -12.12 15.51 12.71
CA ALA A 157 -13.10 16.07 11.75
C ALA A 157 -13.26 17.57 11.90
N PHE A 158 -13.17 18.06 13.13
CA PHE A 158 -13.40 19.46 13.49
C PHE A 158 -12.19 20.20 14.10
N GLN A 159 -11.03 19.52 14.14
CA GLN A 159 -9.66 20.11 14.20
C GLN A 159 -9.31 21.47 14.88
N GLY A 160 -9.60 22.57 14.19
CA GLY A 160 -9.28 23.92 14.70
C GLY A 160 -10.50 24.64 15.25
N THR A 161 -11.62 23.92 15.41
CA THR A 161 -12.93 24.52 15.72
C THR A 161 -13.38 24.09 17.16
N PRO A 162 -14.34 24.80 17.80
CA PRO A 162 -14.84 24.36 19.13
C PRO A 162 -15.58 23.02 19.19
N LEU A 163 -16.03 22.49 18.04
CA LEU A 163 -16.60 21.14 17.93
C LEU A 163 -15.60 19.98 18.05
N ALA A 164 -14.30 20.29 17.84
CA ALA A 164 -13.17 19.38 18.15
C ALA A 164 -13.07 18.95 19.62
N GLN A 165 -13.47 19.87 20.51
CA GLN A 165 -13.41 19.68 21.96
C GLN A 165 -14.46 18.70 22.41
N SER A 166 -14.02 17.79 23.29
CA SER A 166 -14.88 17.02 24.18
C SER A 166 -15.73 17.90 25.11
N VAL A 167 -16.81 17.31 25.59
CA VAL A 167 -17.72 17.87 26.61
C VAL A 167 -16.99 18.11 27.96
N GLU A 168 -16.24 17.10 28.40
CA GLU A 168 -15.66 17.05 29.76
C GLU A 168 -14.38 17.87 29.86
N GLY A 169 -13.74 18.11 28.71
CA GLY A 169 -12.58 19.00 28.60
C GLY A 169 -11.27 18.31 29.00
N PRO A 170 -10.11 18.94 28.77
CA PRO A 170 -8.83 18.33 29.19
C PRO A 170 -8.64 18.37 30.72
N SER A 171 -7.78 17.47 31.23
CA SER A 171 -7.49 17.34 32.66
C SER A 171 -6.94 18.59 33.35
N GLU A 172 -6.16 19.41 32.62
CA GLU A 172 -5.61 20.68 33.13
C GLU A 172 -6.67 21.73 33.40
N ASN A 173 -7.66 21.82 32.50
CA ASN A 173 -8.88 22.61 32.68
C ASN A 173 -9.75 22.21 33.87
N VAL A 174 -9.82 20.90 34.13
CA VAL A 174 -10.53 20.32 35.28
C VAL A 174 -9.86 20.77 36.60
N ARG A 175 -8.53 20.75 36.61
CA ARG A 175 -7.78 21.16 37.79
C ARG A 175 -7.61 22.67 38.05
N LYS A 176 -7.90 23.49 37.02
CA LYS A 176 -7.80 24.97 37.13
C LYS A 176 -9.01 25.86 36.79
N LEU A 177 -10.17 25.25 36.53
CA LEU A 177 -11.46 25.97 36.50
C LEU A 177 -11.84 26.50 37.90
N SER A 178 -11.81 27.84 38.04
CA SER A 178 -12.27 28.53 39.27
C SER A 178 -13.80 28.71 39.32
N ARG A 179 -14.31 29.11 40.51
CA ARG A 179 -15.70 29.55 40.71
C ARG A 179 -16.15 30.68 39.77
N ALA A 180 -15.22 31.62 39.50
CA ALA A 180 -15.42 32.79 38.63
C ALA A 180 -15.60 32.44 37.15
N ASP A 181 -14.81 31.48 36.65
CA ASP A 181 -14.99 30.84 35.33
C ASP A 181 -16.39 30.24 35.12
N LEU A 182 -16.92 29.61 36.17
CA LEU A 182 -18.23 28.93 36.15
C LEU A 182 -19.41 29.89 36.26
N THR A 183 -19.30 30.86 37.18
CA THR A 183 -20.22 32.01 37.32
C THR A 183 -20.42 32.80 36.01
N GLU A 184 -19.30 33.09 35.33
CA GLU A 184 -19.27 33.69 33.99
C GLU A 184 -19.95 32.85 32.88
N TYR A 185 -19.70 31.52 32.86
CA TYR A 185 -20.43 30.55 32.00
C TYR A 185 -21.96 30.60 32.21
N LEU A 186 -22.37 30.52 33.49
CA LEU A 186 -23.78 30.57 33.91
C LEU A 186 -24.47 31.90 33.60
N SER A 187 -23.74 33.01 33.81
CA SER A 187 -24.20 34.36 33.44
C SER A 187 -24.42 34.55 31.93
N ARG A 188 -23.44 34.11 31.13
CA ARG A 188 -23.45 34.26 29.66
C ARG A 188 -24.45 33.34 28.95
N HIS A 189 -24.64 32.14 29.49
CA HIS A 189 -25.31 31.04 28.79
C HIS A 189 -26.72 30.68 29.27
N TYR A 190 -26.93 30.77 30.59
CA TYR A 190 -28.23 30.39 31.21
C TYR A 190 -29.22 31.59 31.18
N LYS A 191 -29.47 32.04 29.96
CA LYS A 191 -30.35 33.19 29.65
C LYS A 191 -31.65 32.66 29.05
N ALA A 192 -32.75 33.28 29.48
CA ALA A 192 -34.13 32.87 29.15
C ALA A 192 -34.50 32.62 27.65
N PRO A 193 -34.06 33.46 26.66
CA PRO A 193 -34.28 33.12 25.23
C PRO A 193 -33.58 31.85 24.73
N ARG A 194 -32.51 31.45 25.43
CA ARG A 194 -31.70 30.28 25.08
C ARG A 194 -32.15 28.99 25.82
N MET A 195 -33.17 29.14 26.68
CA MET A 195 -33.77 28.04 27.43
C MET A 195 -35.28 27.79 27.31
N VAL A 196 -35.62 26.49 27.34
CA VAL A 196 -36.97 25.94 27.08
C VAL A 196 -37.37 25.10 28.30
N LEU A 197 -38.56 25.36 28.86
CA LEU A 197 -39.20 24.48 29.84
C LEU A 197 -40.22 23.53 29.22
N ALA A 198 -39.85 22.24 29.23
CA ALA A 198 -40.58 21.18 28.53
C ALA A 198 -41.27 20.24 29.52
N ALA A 199 -42.49 19.81 29.17
CA ALA A 199 -43.18 18.73 29.88
C ALA A 199 -43.97 17.77 29.01
N ALA A 200 -43.97 16.48 29.38
CA ALA A 200 -44.91 15.49 28.82
C ALA A 200 -45.56 14.64 29.90
N GLY A 201 -46.89 14.65 29.88
CA GLY A 201 -47.72 13.68 30.60
C GLY A 201 -49.06 14.22 31.03
N GLY A 202 -49.42 13.92 32.29
CA GLY A 202 -50.75 14.17 32.83
C GLY A 202 -50.92 15.55 33.43
N LEU A 203 -50.78 16.55 32.57
CA LEU A 203 -50.81 17.97 32.94
C LEU A 203 -51.55 18.80 31.89
N GLU A 204 -52.16 19.90 32.33
CA GLU A 204 -52.58 21.00 31.43
C GLU A 204 -51.44 21.99 31.17
N HIS A 205 -51.40 22.53 29.95
CA HIS A 205 -50.44 23.57 29.51
C HIS A 205 -50.49 24.85 30.34
N ARG A 206 -51.73 25.35 30.57
CA ARG A 206 -52.06 26.50 31.43
C ARG A 206 -51.36 26.48 32.80
N GLN A 207 -51.37 25.30 33.43
CA GLN A 207 -50.75 25.01 34.73
C GLN A 207 -49.21 25.12 34.68
N LEU A 208 -48.62 24.56 33.62
CA LEU A 208 -47.20 24.70 33.29
C LEU A 208 -46.74 26.15 33.02
N LEU A 209 -47.56 26.89 32.25
CA LEU A 209 -47.39 28.34 32.01
C LEU A 209 -47.42 29.19 33.29
N ASP A 210 -48.39 28.89 34.18
CA ASP A 210 -48.55 29.56 35.48
C ASP A 210 -47.34 29.37 36.40
N LEU A 211 -46.82 28.14 36.41
CA LEU A 211 -45.61 27.77 37.17
C LEU A 211 -44.31 28.36 36.58
N ALA A 212 -44.26 28.45 35.25
CA ALA A 212 -43.25 29.21 34.51
C ALA A 212 -43.21 30.71 34.85
N GLN A 213 -44.40 31.34 34.94
CA GLN A 213 -44.52 32.72 35.41
C GLN A 213 -44.24 32.94 36.91
N LYS A 214 -44.54 31.93 37.74
CA LYS A 214 -44.22 31.93 39.18
C LYS A 214 -42.71 31.90 39.48
N HIS A 215 -41.99 31.01 38.79
CA HIS A 215 -40.68 30.54 39.24
C HIS A 215 -39.49 30.92 38.34
N PHE A 216 -39.80 31.29 37.09
CA PHE A 216 -38.80 31.66 36.06
C PHE A 216 -38.79 33.15 35.67
N SER A 217 -39.73 33.92 36.25
CA SER A 217 -39.78 35.40 36.20
C SER A 217 -38.51 36.07 36.76
N GLY A 218 -37.99 37.02 35.97
CA GLY A 218 -36.76 37.75 36.28
C GLY A 218 -35.48 36.94 36.20
N LEU A 219 -35.33 36.18 35.10
CA LEU A 219 -34.02 35.79 34.56
C LEU A 219 -33.39 36.88 33.67
N SER A 220 -34.22 37.45 32.78
CA SER A 220 -33.79 38.34 31.68
C SER A 220 -34.63 39.64 31.56
N GLY A 221 -35.64 39.79 32.44
CA GLY A 221 -36.75 40.73 32.28
C GLY A 221 -36.47 42.22 32.49
N THR A 222 -35.22 42.55 32.83
CA THR A 222 -34.61 43.87 32.54
C THR A 222 -33.22 43.80 31.87
N TYR A 223 -32.59 42.62 31.88
CA TYR A 223 -31.16 42.43 31.58
C TYR A 223 -30.82 42.14 30.09
N ASP A 224 -30.99 40.88 29.65
CA ASP A 224 -30.31 40.27 28.45
C ASP A 224 -28.86 40.69 28.11
N GLU A 225 -28.68 41.93 27.61
CA GLU A 225 -27.42 42.73 27.71
C GLU A 225 -26.25 42.33 26.79
N ASP A 226 -25.30 43.27 26.60
CA ASP A 226 -24.27 43.26 25.55
C ASP A 226 -23.18 42.17 25.70
N ALA A 227 -22.41 41.97 24.62
CA ALA A 227 -21.66 40.74 24.31
C ALA A 227 -22.43 39.41 24.46
N VAL A 228 -23.11 39.05 23.38
CA VAL A 228 -23.32 37.63 22.97
C VAL A 228 -22.41 37.31 21.74
N PRO A 229 -21.92 36.05 21.63
CA PRO A 229 -21.76 35.42 20.30
C PRO A 229 -22.89 34.45 19.90
N THR A 230 -23.31 34.56 18.63
CA THR A 230 -23.82 33.42 17.84
C THR A 230 -22.69 32.39 17.55
N LEU A 231 -23.08 31.14 17.23
CA LEU A 231 -22.15 30.11 16.79
C LEU A 231 -21.57 30.36 15.40
N SER A 232 -20.24 30.58 15.38
CA SER A 232 -19.40 30.45 14.18
C SER A 232 -19.50 29.03 13.54
N PRO A 233 -19.58 28.93 12.20
CA PRO A 233 -19.53 27.61 11.50
C PRO A 233 -18.21 26.86 11.72
N CYS A 234 -18.31 25.54 11.81
CA CYS A 234 -17.18 24.67 12.08
C CYS A 234 -16.78 23.94 10.83
N ARG A 235 -15.63 24.38 10.29
CA ARG A 235 -14.83 23.66 9.30
C ARG A 235 -14.67 22.17 9.61
N PHE A 236 -15.14 21.35 8.67
CA PHE A 236 -14.80 19.94 8.54
C PHE A 236 -13.49 19.77 7.76
N THR A 237 -12.67 18.81 8.23
CA THR A 237 -11.45 18.37 7.55
C THR A 237 -11.44 16.85 7.39
N GLY A 238 -11.38 16.44 6.12
CA GLY A 238 -10.90 15.13 5.69
C GLY A 238 -9.50 14.85 6.21
N SER A 239 -9.44 13.87 7.13
CA SER A 239 -8.31 13.61 8.02
C SER A 239 -8.42 12.22 8.70
N GLN A 240 -7.34 11.84 9.39
CA GLN A 240 -7.19 10.53 10.06
C GLN A 240 -6.42 10.73 11.36
N ILE A 241 -6.98 10.16 12.43
CA ILE A 241 -6.27 9.91 13.69
C ILE A 241 -6.18 8.39 13.96
N CYS A 242 -4.95 7.91 14.21
CA CYS A 242 -4.65 6.49 14.40
C CYS A 242 -3.93 6.23 15.72
N HIS A 243 -4.70 5.96 16.78
CA HIS A 243 -4.17 5.52 18.08
C HIS A 243 -3.89 4.03 18.08
N ARG A 244 -2.70 3.67 17.62
CA ARG A 244 -2.25 2.29 17.60
C ARG A 244 -1.94 1.81 19.04
N GLU A 245 -2.66 0.76 19.44
CA GLU A 245 -2.53 0.09 20.74
C GLU A 245 -2.80 -1.41 20.62
N ASP A 246 -1.72 -2.18 20.43
CA ASP A 246 -1.77 -3.64 20.25
C ASP A 246 -2.08 -4.47 21.48
N GLY A 247 -1.97 -3.85 22.66
CA GLY A 247 -2.38 -4.42 23.93
C GLY A 247 -3.87 -4.63 24.09
N LEU A 248 -4.65 -3.91 23.28
CA LEU A 248 -6.09 -3.92 23.32
C LEU A 248 -6.67 -5.01 22.40
N PRO A 249 -7.66 -5.80 22.87
CA PRO A 249 -8.02 -7.05 22.16
C PRO A 249 -8.82 -6.86 20.85
N LEU A 250 -9.54 -5.74 20.73
CA LEU A 250 -10.33 -5.42 19.52
C LEU A 250 -10.18 -3.97 19.05
N ALA A 251 -10.13 -3.81 17.73
CA ALA A 251 -10.03 -2.51 17.06
C ALA A 251 -11.38 -1.80 17.01
N HIS A 252 -11.35 -0.50 17.31
CA HIS A 252 -12.48 0.41 17.08
C HIS A 252 -12.13 1.38 15.96
N VAL A 253 -13.01 1.41 14.96
CA VAL A 253 -12.93 2.38 13.82
C VAL A 253 -14.26 3.16 13.68
N ALA A 254 -14.15 4.49 13.60
CA ALA A 254 -15.25 5.37 13.21
C ALA A 254 -14.89 6.24 12.03
N ILE A 255 -15.80 6.29 11.07
CA ILE A 255 -15.61 6.96 9.78
C ILE A 255 -16.87 7.76 9.42
N ALA A 256 -16.65 9.02 9.11
CA ALA A 256 -17.73 9.95 8.77
C ALA A 256 -17.33 10.96 7.70
N VAL A 257 -18.28 11.21 6.79
CA VAL A 257 -18.30 12.42 5.95
C VAL A 257 -19.04 13.60 6.65
N GLU A 258 -18.87 14.83 6.13
CA GLU A 258 -19.67 15.97 6.59
C GLU A 258 -21.16 15.86 6.29
N GLY A 259 -21.91 15.61 7.36
CA GLY A 259 -23.34 15.86 7.41
C GLY A 259 -23.74 17.33 7.23
N PRO A 260 -24.99 17.61 6.85
CA PRO A 260 -25.55 18.96 7.04
C PRO A 260 -26.07 19.13 8.49
N GLY A 261 -26.51 20.33 8.83
CA GLY A 261 -27.15 20.60 10.11
C GLY A 261 -28.48 19.94 10.40
N TRP A 262 -28.83 19.89 11.70
CA TRP A 262 -30.21 19.82 12.25
C TRP A 262 -31.37 20.27 11.34
N ALA A 263 -31.23 21.49 10.79
CA ALA A 263 -32.27 22.16 10.01
C ALA A 263 -32.62 21.49 8.67
N HIS A 264 -31.65 20.80 8.07
CA HIS A 264 -31.62 20.49 6.64
C HIS A 264 -32.57 19.33 6.28
N PRO A 265 -33.46 19.49 5.25
CA PRO A 265 -34.48 18.47 4.92
C PRO A 265 -33.95 17.09 4.53
N ASP A 266 -32.72 17.00 4.01
CA ASP A 266 -32.16 15.72 3.55
C ASP A 266 -31.46 14.77 4.53
N ASN A 267 -31.48 15.20 5.81
CA ASN A 267 -31.37 14.33 6.99
C ASN A 267 -32.28 13.11 7.01
N VAL A 268 -33.50 13.27 6.48
CA VAL A 268 -34.54 12.21 6.45
C VAL A 268 -34.13 11.05 5.49
N ALA A 269 -33.77 11.41 4.25
CA ALA A 269 -33.29 10.48 3.22
C ALA A 269 -31.92 9.82 3.54
N LEU A 270 -31.07 10.55 4.25
CA LEU A 270 -29.81 10.01 4.80
C LEU A 270 -30.03 8.95 5.87
N GLN A 271 -31.10 9.13 6.64
CA GLN A 271 -31.51 8.21 7.68
C GLN A 271 -32.17 6.94 7.16
N VAL A 272 -33.01 7.09 6.11
CA VAL A 272 -33.48 5.99 5.25
C VAL A 272 -32.33 5.09 4.75
N ALA A 273 -31.29 5.76 4.21
CA ALA A 273 -30.09 5.11 3.70
C ALA A 273 -29.28 4.38 4.78
N ASN A 274 -29.13 5.05 5.93
CA ASN A 274 -28.44 4.51 7.12
C ASN A 274 -29.13 3.31 7.73
N ALA A 275 -30.47 3.31 7.70
CA ALA A 275 -31.31 2.18 8.12
C ALA A 275 -31.13 0.92 7.24
N ILE A 276 -30.97 1.14 5.92
CA ILE A 276 -30.65 0.10 4.91
C ILE A 276 -29.31 -0.61 5.23
N ILE A 277 -28.26 0.18 5.51
CA ILE A 277 -27.00 -0.39 6.00
C ILE A 277 -27.20 -0.97 7.43
N GLY A 278 -27.98 -0.28 8.24
CA GLY A 278 -28.40 -0.75 9.56
C GLY A 278 -27.30 -0.75 10.62
N HIS A 279 -27.59 -1.53 11.64
CA HIS A 279 -26.70 -1.92 12.71
C HIS A 279 -26.55 -3.45 12.80
N TYR A 280 -25.46 -3.89 13.41
CA TYR A 280 -25.23 -5.30 13.77
C TYR A 280 -24.51 -5.45 15.11
N ASP A 281 -24.74 -6.62 15.71
CA ASP A 281 -24.09 -7.07 16.92
C ASP A 281 -24.06 -8.58 16.84
N CYS A 282 -23.04 -9.16 17.45
CA CYS A 282 -22.84 -10.62 17.52
C CYS A 282 -23.93 -11.40 18.27
N THR A 283 -24.78 -10.69 19.02
CA THR A 283 -25.93 -11.31 19.73
C THR A 283 -27.27 -11.21 18.96
N TYR A 284 -27.27 -10.69 17.72
CA TYR A 284 -28.47 -10.75 16.85
C TYR A 284 -28.76 -12.17 16.42
N GLY A 285 -30.05 -12.55 16.42
CA GLY A 285 -30.55 -13.65 15.62
C GLY A 285 -30.49 -13.32 14.13
N GLY A 286 -30.16 -14.31 13.30
CA GLY A 286 -29.90 -14.04 11.88
C GLY A 286 -28.46 -13.66 11.64
N GLY A 287 -27.70 -14.67 11.25
CA GLY A 287 -26.48 -14.50 10.51
C GLY A 287 -26.79 -14.10 9.09
N ALA A 288 -26.99 -15.15 8.29
CA ALA A 288 -26.97 -15.09 6.84
C ALA A 288 -28.18 -14.34 6.26
N HIS A 289 -29.30 -14.36 7.00
CA HIS A 289 -30.63 -14.02 6.48
C HIS A 289 -31.01 -12.55 6.64
N LEU A 290 -30.16 -11.77 7.35
CA LEU A 290 -30.41 -10.34 7.57
C LEU A 290 -30.43 -9.54 6.25
N SER A 291 -31.38 -8.61 6.17
CA SER A 291 -31.64 -7.83 4.96
C SER A 291 -30.45 -6.97 4.50
N SER A 292 -29.84 -6.24 5.44
CA SER A 292 -28.65 -5.43 5.19
C SER A 292 -27.49 -6.33 4.67
N PRO A 293 -26.96 -6.04 3.45
CA PRO A 293 -25.78 -6.77 2.94
C PRO A 293 -24.52 -6.63 3.79
N LEU A 294 -24.28 -5.47 4.42
CA LEU A 294 -23.21 -5.34 5.44
C LEU A 294 -23.41 -6.28 6.64
N ALA A 295 -24.60 -6.25 7.24
CA ALA A 295 -24.98 -7.14 8.37
C ALA A 295 -24.87 -8.63 8.03
N SER A 296 -25.32 -8.99 6.83
CA SER A 296 -25.37 -10.38 6.36
C SER A 296 -23.95 -10.97 6.17
N ILE A 297 -23.09 -10.21 5.47
CA ILE A 297 -21.71 -10.61 5.16
C ILE A 297 -20.83 -10.55 6.43
N ALA A 298 -21.08 -9.56 7.29
CA ALA A 298 -20.34 -9.42 8.57
C ALA A 298 -20.59 -10.59 9.52
N ALA A 299 -21.84 -11.03 9.57
CA ALA A 299 -22.26 -12.24 10.28
C ALA A 299 -21.74 -13.54 9.68
N THR A 300 -21.84 -13.70 8.36
CA THR A 300 -21.42 -14.93 7.65
C THR A 300 -19.91 -15.15 7.71
N ASN A 301 -19.16 -14.08 7.48
CA ASN A 301 -17.72 -14.13 7.31
C ASN A 301 -16.95 -13.81 8.59
N LYS A 302 -17.71 -13.57 9.67
CA LYS A 302 -17.22 -13.21 11.02
C LYS A 302 -16.30 -11.97 11.04
N LEU A 303 -16.82 -10.89 10.45
CA LEU A 303 -16.02 -9.70 10.12
C LEU A 303 -15.94 -8.66 11.22
N CYS A 304 -16.62 -8.94 12.32
CA CYS A 304 -17.37 -7.95 13.10
C CYS A 304 -17.67 -8.56 14.46
N GLN A 305 -17.60 -7.72 15.48
CA GLN A 305 -18.35 -7.93 16.72
C GLN A 305 -19.61 -7.05 16.75
N SER A 306 -19.47 -5.82 16.26
CA SER A 306 -20.57 -4.88 16.06
C SER A 306 -20.23 -3.82 14.99
N PHE A 307 -21.29 -3.28 14.39
CA PHE A 307 -21.26 -1.99 13.70
C PHE A 307 -22.57 -1.22 13.93
N GLN A 308 -22.52 0.08 13.64
CA GLN A 308 -23.63 1.02 13.73
C GLN A 308 -23.43 2.11 12.68
N THR A 309 -24.52 2.47 12.01
CA THR A 309 -24.60 3.73 11.29
C THR A 309 -24.99 4.85 12.23
N PHE A 310 -24.53 6.06 11.92
CA PHE A 310 -24.88 7.27 12.65
C PHE A 310 -25.04 8.46 11.73
N ASN A 311 -25.93 9.38 12.14
CA ASN A 311 -26.04 10.72 11.60
C ASN A 311 -26.16 11.70 12.78
N ILE A 312 -24.98 12.07 13.30
CA ILE A 312 -24.87 13.08 14.36
C ILE A 312 -25.02 14.45 13.71
N CYS A 313 -25.96 15.25 14.25
CA CYS A 313 -26.27 16.60 13.78
C CYS A 313 -25.83 17.67 14.76
N TYR A 314 -25.13 18.67 14.23
CA TYR A 314 -24.94 19.98 14.87
C TYR A 314 -25.54 21.10 14.01
N ALA A 315 -25.58 22.32 14.55
CA ALA A 315 -25.95 23.50 13.75
C ALA A 315 -25.00 23.66 12.56
N ASP A 316 -25.60 23.40 11.37
CA ASP A 316 -25.03 23.68 10.04
C ASP A 316 -23.92 22.73 9.56
N THR A 317 -23.70 21.67 10.36
CA THR A 317 -22.72 20.61 10.10
C THR A 317 -23.14 19.28 10.79
N GLY A 318 -22.52 18.18 10.38
CA GLY A 318 -22.71 16.90 11.03
C GLY A 318 -21.61 15.89 10.88
N LEU A 319 -21.78 14.75 11.57
CA LEU A 319 -21.01 13.54 11.30
C LEU A 319 -21.89 12.40 10.81
N LEU A 320 -21.68 12.06 9.54
CA LEU A 320 -22.45 11.01 8.90
C LEU A 320 -21.53 9.89 8.48
N GLY A 321 -21.80 8.71 9.04
CA GLY A 321 -21.15 7.49 8.63
C GLY A 321 -21.43 6.34 9.55
N ALA A 322 -20.36 5.71 10.01
CA ALA A 322 -20.38 4.38 10.63
C ALA A 322 -19.21 4.10 11.56
N HIS A 323 -19.52 3.35 12.62
CA HIS A 323 -18.58 2.88 13.63
C HIS A 323 -18.64 1.36 13.63
N PHE A 324 -17.48 0.71 13.81
CA PHE A 324 -17.40 -0.75 13.97
C PHE A 324 -16.28 -1.23 14.90
N VAL A 325 -16.45 -2.45 15.37
CA VAL A 325 -15.58 -3.10 16.36
C VAL A 325 -15.28 -4.51 15.80
N CYS A 326 -14.00 -4.81 15.67
CA CYS A 326 -13.55 -6.06 15.05
C CYS A 326 -12.13 -6.44 15.46
N ASP A 327 -11.86 -7.74 15.32
CA ASP A 327 -10.53 -8.36 15.25
C ASP A 327 -9.55 -7.62 14.32
N HIS A 328 -8.27 -7.56 14.74
CA HIS A 328 -7.12 -7.07 13.96
C HIS A 328 -6.98 -7.53 12.48
N MET A 329 -7.35 -8.78 12.17
CA MET A 329 -7.33 -9.32 10.79
C MET A 329 -8.62 -9.09 9.93
N SER A 330 -9.50 -8.18 10.39
CA SER A 330 -10.86 -8.00 9.81
C SER A 330 -11.17 -6.54 9.39
N ILE A 331 -10.26 -5.63 9.69
CA ILE A 331 -10.48 -4.17 9.49
C ILE A 331 -10.61 -3.84 8.00
N ASP A 332 -9.65 -4.35 7.20
CA ASP A 332 -9.63 -4.17 5.74
C ASP A 332 -10.91 -4.66 5.04
N ASP A 333 -11.34 -5.89 5.35
CA ASP A 333 -12.65 -6.42 4.87
C ASP A 333 -13.87 -5.62 5.30
N MET A 334 -13.91 -5.17 6.56
CA MET A 334 -15.03 -4.39 7.11
C MET A 334 -15.20 -3.05 6.38
N MET A 335 -14.07 -2.33 6.18
CA MET A 335 -14.00 -1.10 5.39
C MET A 335 -14.44 -1.26 3.90
N PHE A 336 -13.93 -2.29 3.23
CA PHE A 336 -14.30 -2.64 1.87
C PHE A 336 -15.82 -2.84 1.73
N VAL A 337 -16.41 -3.61 2.65
CA VAL A 337 -17.85 -3.88 2.63
C VAL A 337 -18.70 -2.65 3.03
N LEU A 338 -18.23 -1.90 4.03
CA LEU A 338 -18.86 -0.64 4.41
C LEU A 338 -18.95 0.38 3.26
N GLN A 339 -17.80 0.59 2.60
CA GLN A 339 -17.67 1.56 1.53
C GLN A 339 -18.40 1.18 0.26
N GLY A 340 -18.36 -0.12 -0.06
CA GLY A 340 -19.13 -0.73 -1.14
C GLY A 340 -20.62 -0.53 -1.03
N GLN A 341 -21.16 -0.59 0.21
CA GLN A 341 -22.57 -0.26 0.52
C GLN A 341 -22.96 1.22 0.34
N TRP A 342 -22.05 2.14 0.74
CA TRP A 342 -22.18 3.57 0.45
C TRP A 342 -22.20 3.86 -1.05
N MET A 343 -21.26 3.22 -1.78
CA MET A 343 -21.14 3.33 -3.23
C MET A 343 -22.31 2.71 -3.98
N ARG A 344 -22.79 1.56 -3.51
CA ARG A 344 -24.00 0.89 -4.03
C ARG A 344 -25.26 1.76 -3.90
N LEU A 345 -25.42 2.39 -2.74
CA LEU A 345 -26.56 3.25 -2.48
C LEU A 345 -26.56 4.58 -3.26
N CYS A 346 -25.36 5.20 -3.38
CA CYS A 346 -25.09 6.40 -4.22
C CYS A 346 -25.48 6.22 -5.69
N THR A 347 -25.15 5.04 -6.25
CA THR A 347 -25.20 4.78 -7.70
C THR A 347 -26.46 4.01 -8.12
N SER A 348 -26.89 3.07 -7.27
CA SER A 348 -27.81 1.96 -7.66
C SER A 348 -28.72 1.41 -6.54
N ALA A 349 -29.20 2.31 -5.66
CA ALA A 349 -30.31 2.04 -4.72
C ALA A 349 -31.57 1.71 -5.47
N THR A 350 -32.06 0.50 -5.18
CA THR A 350 -33.35 0.02 -5.66
C THR A 350 -34.48 0.29 -4.64
N GLU A 351 -35.72 0.07 -5.11
CA GLU A 351 -36.94 0.59 -4.51
C GLU A 351 -37.39 -0.18 -3.26
N SER A 352 -37.38 -1.51 -3.35
CA SER A 352 -37.72 -2.44 -2.27
C SER A 352 -36.95 -2.17 -0.96
N GLU A 353 -35.62 -1.94 -1.07
CA GLU A 353 -34.74 -1.70 0.08
C GLU A 353 -34.97 -0.32 0.71
N VAL A 354 -35.42 0.63 -0.12
CA VAL A 354 -35.73 2.01 0.28
C VAL A 354 -36.99 2.03 1.15
N LEU A 355 -38.03 1.31 0.70
CA LEU A 355 -39.23 0.95 1.49
C LEU A 355 -38.93 0.30 2.87
N ARG A 356 -37.96 -0.63 2.90
CA ARG A 356 -37.48 -1.22 4.15
C ARG A 356 -36.83 -0.19 5.12
N GLY A 357 -35.88 0.61 4.58
CA GLY A 357 -35.34 1.79 5.22
C GLY A 357 -36.35 2.80 5.73
N LYS A 358 -37.41 3.07 4.94
CA LYS A 358 -38.52 3.96 5.31
C LYS A 358 -39.31 3.41 6.54
N ASN A 359 -39.75 2.14 6.43
CA ASN A 359 -40.45 1.40 7.48
C ASN A 359 -39.69 1.29 8.81
N LEU A 360 -38.39 1.01 8.71
CA LEU A 360 -37.48 0.99 9.87
C LEU A 360 -37.39 2.32 10.61
N LEU A 361 -37.46 3.42 9.86
CA LEU A 361 -37.48 4.78 10.41
C LEU A 361 -38.80 5.13 11.08
N ARG A 362 -39.92 4.84 10.39
CA ARG A 362 -41.28 4.92 10.95
C ARG A 362 -41.45 4.15 12.29
N ASN A 363 -40.97 2.91 12.34
CA ASN A 363 -40.90 2.09 13.57
C ASN A 363 -39.99 2.63 14.65
N ALA A 364 -38.77 3.08 14.26
CA ALA A 364 -37.80 3.72 15.17
C ALA A 364 -38.33 4.97 15.84
N LEU A 365 -39.05 5.80 15.08
CA LEU A 365 -39.55 7.09 15.54
C LEU A 365 -40.68 6.94 16.56
N VAL A 366 -41.59 6.01 16.28
CA VAL A 366 -42.77 5.75 17.11
C VAL A 366 -42.36 4.98 18.38
N SER A 367 -41.43 4.02 18.22
CA SER A 367 -40.84 3.26 19.32
C SER A 367 -40.04 4.12 20.30
N HIS A 368 -39.29 5.09 19.77
CA HIS A 368 -38.55 6.07 20.57
C HIS A 368 -39.50 6.97 21.38
N LEU A 369 -40.53 7.52 20.72
CA LEU A 369 -41.41 8.52 21.34
C LEU A 369 -42.54 7.86 22.15
N ASP A 370 -42.13 7.18 23.21
CA ASP A 370 -42.94 6.22 23.96
C ASP A 370 -42.50 6.24 25.42
N GLY A 371 -43.28 6.97 26.22
CA GLY A 371 -42.87 7.44 27.53
C GLY A 371 -42.84 8.95 27.60
N THR A 372 -43.08 9.49 28.80
CA THR A 372 -43.00 10.92 29.12
C THR A 372 -41.61 11.52 28.89
N THR A 373 -40.58 10.75 29.23
CA THR A 373 -39.17 11.15 29.14
C THR A 373 -38.63 11.39 27.72
N PRO A 374 -38.73 10.42 26.75
CA PRO A 374 -38.29 10.68 25.36
C PRO A 374 -39.09 11.75 24.62
N VAL A 375 -40.39 11.88 24.94
CA VAL A 375 -41.28 12.90 24.37
C VAL A 375 -40.92 14.31 24.89
N CYS A 376 -40.69 14.43 26.20
CA CYS A 376 -40.18 15.65 26.85
C CYS A 376 -38.85 16.14 26.29
N GLU A 377 -37.91 15.20 26.08
CA GLU A 377 -36.60 15.44 25.47
C GLU A 377 -36.75 15.95 24.03
N ASP A 378 -37.66 15.31 23.29
CA ASP A 378 -38.06 15.73 21.96
C ASP A 378 -38.68 17.13 21.87
N ILE A 379 -39.55 17.49 22.83
CA ILE A 379 -40.05 18.88 22.95
C ILE A 379 -38.89 19.89 23.16
N GLY A 380 -38.05 19.62 24.17
CA GLY A 380 -37.00 20.52 24.61
C GLY A 380 -35.94 20.76 23.54
N ARG A 381 -35.50 19.65 22.92
CA ARG A 381 -34.49 19.67 21.86
C ARG A 381 -34.97 20.27 20.54
N SER A 382 -36.22 19.95 20.15
CA SER A 382 -36.84 20.43 18.91
C SER A 382 -37.03 21.95 18.86
N LEU A 383 -37.54 22.52 19.95
CA LEU A 383 -37.69 23.97 20.13
C LEU A 383 -36.38 24.78 20.11
N LEU A 384 -35.30 24.14 20.58
CA LEU A 384 -33.93 24.66 20.47
C LEU A 384 -33.42 24.64 19.02
N THR A 385 -33.65 23.52 18.31
CA THR A 385 -33.05 23.28 16.99
C THR A 385 -33.92 23.78 15.83
N TYR A 386 -35.18 23.35 15.79
CA TYR A 386 -36.17 23.64 14.74
C TYR A 386 -36.99 24.89 15.02
N GLY A 387 -37.20 25.21 16.31
CA GLY A 387 -38.08 26.29 16.77
C GLY A 387 -39.54 25.89 17.00
N ARG A 388 -40.01 24.90 16.23
CA ARG A 388 -41.27 24.17 16.45
C ARG A 388 -41.03 22.72 16.90
N ARG A 389 -42.07 22.11 17.47
CA ARG A 389 -42.24 20.66 17.40
C ARG A 389 -42.79 20.26 16.02
N ILE A 390 -41.98 19.47 15.31
CA ILE A 390 -42.36 18.87 14.02
C ILE A 390 -43.23 17.63 14.33
N PRO A 391 -44.56 17.71 14.03
CA PRO A 391 -45.49 16.63 14.41
C PRO A 391 -45.22 15.32 13.65
N LEU A 392 -45.61 14.19 14.25
CA LEU A 392 -45.39 12.84 13.69
C LEU A 392 -45.92 12.64 12.24
N ALA A 393 -47.03 13.32 11.91
CA ALA A 393 -47.62 13.34 10.56
C ALA A 393 -46.71 14.02 9.51
N GLU A 394 -46.02 15.11 9.93
CA GLU A 394 -45.01 15.79 9.11
C GLU A 394 -43.80 14.93 8.79
N TRP A 395 -43.19 14.30 9.83
CA TRP A 395 -42.14 13.26 9.65
C TRP A 395 -42.53 12.14 8.71
N GLU A 396 -43.80 11.70 8.81
CA GLU A 396 -44.39 10.71 7.92
C GLU A 396 -44.41 11.12 6.45
N SER A 397 -44.97 12.31 6.18
CA SER A 397 -44.91 12.99 4.88
C SER A 397 -43.47 13.15 4.32
N ARG A 398 -42.51 13.50 5.18
CA ARG A 398 -41.09 13.57 4.84
C ARG A 398 -40.44 12.20 4.53
N ILE A 399 -40.86 11.15 5.25
CA ILE A 399 -40.36 9.79 5.02
C ILE A 399 -40.96 9.21 3.72
N ALA A 400 -42.30 9.35 3.56
CA ALA A 400 -43.07 8.89 2.38
C ALA A 400 -42.55 9.39 1.03
N GLU A 401 -42.08 10.65 1.02
CA GLU A 401 -41.46 11.33 -0.14
C GLU A 401 -40.23 10.64 -0.69
N VAL A 402 -39.44 10.04 0.21
CA VAL A 402 -38.19 9.35 -0.11
C VAL A 402 -38.49 8.08 -0.91
N ASP A 403 -37.97 8.08 -2.14
CA ASP A 403 -37.82 6.87 -2.94
C ASP A 403 -36.32 6.63 -3.33
N ALA A 404 -36.08 5.61 -4.18
CA ALA A 404 -34.76 5.23 -4.66
C ALA A 404 -33.93 6.32 -5.33
N ARG A 405 -34.60 7.18 -6.11
CA ARG A 405 -33.99 8.36 -6.76
C ARG A 405 -33.49 9.39 -5.73
N VAL A 406 -34.36 9.68 -4.75
CA VAL A 406 -34.06 10.50 -3.55
C VAL A 406 -32.90 9.92 -2.73
N VAL A 407 -32.87 8.60 -2.53
CA VAL A 407 -31.74 7.94 -1.82
C VAL A 407 -30.42 8.09 -2.58
N ARG A 408 -30.48 7.89 -3.90
CA ARG A 408 -29.28 7.96 -4.74
C ARG A 408 -28.69 9.34 -5.04
N GLU A 409 -29.56 10.36 -5.09
CA GLU A 409 -29.17 11.78 -5.16
C GLU A 409 -28.60 12.31 -3.85
N VAL A 410 -29.30 12.01 -2.74
CA VAL A 410 -28.96 12.48 -1.41
C VAL A 410 -27.68 11.81 -0.88
N CYS A 411 -27.51 10.51 -1.16
CA CYS A 411 -26.26 9.79 -0.84
C CYS A 411 -25.05 10.29 -1.61
N SER A 412 -25.24 10.54 -2.92
CA SER A 412 -24.22 11.11 -3.80
C SER A 412 -23.67 12.45 -3.34
N LYS A 413 -24.58 13.36 -2.93
CA LYS A 413 -24.27 14.69 -2.34
C LYS A 413 -23.28 14.65 -1.14
N TYR A 414 -23.43 13.65 -0.27
CA TYR A 414 -22.64 13.53 0.97
C TYR A 414 -21.52 12.51 0.95
N PHE A 415 -21.75 11.37 0.30
CA PHE A 415 -20.76 10.28 0.25
C PHE A 415 -19.84 10.31 -0.94
N TYR A 416 -20.40 10.53 -2.14
CA TYR A 416 -19.68 10.30 -3.40
C TYR A 416 -18.53 11.27 -3.67
N ASP A 417 -17.32 10.68 -3.68
CA ASP A 417 -16.03 11.34 -3.97
C ASP A 417 -15.72 12.45 -2.96
N GLN A 418 -15.98 12.13 -1.70
CA GLN A 418 -15.85 13.07 -0.58
C GLN A 418 -14.76 12.58 0.36
N CYS A 419 -14.08 13.53 1.01
CA CYS A 419 -13.03 13.23 1.98
C CYS A 419 -13.65 12.84 3.34
N PRO A 420 -13.55 11.55 3.75
CA PRO A 420 -14.00 11.16 5.10
C PRO A 420 -13.03 11.63 6.21
N ALA A 421 -13.56 11.74 7.42
CA ALA A 421 -12.79 11.75 8.65
C ALA A 421 -12.79 10.35 9.22
N VAL A 422 -11.60 9.90 9.63
CA VAL A 422 -11.32 8.51 10.12
C VAL A 422 -10.73 8.63 11.53
N ALA A 423 -11.28 7.85 12.48
CA ALA A 423 -10.66 7.60 13.79
C ALA A 423 -10.51 6.12 14.06
N GLY A 424 -9.27 5.73 14.40
CA GLY A 424 -8.90 4.36 14.76
C GLY A 424 -8.20 4.26 16.10
N PHE A 425 -8.67 3.32 16.91
CA PHE A 425 -8.10 3.01 18.23
C PHE A 425 -7.98 1.48 18.39
N GLY A 426 -6.76 1.03 18.66
CA GLY A 426 -6.50 -0.35 19.07
C GLY A 426 -5.54 -1.12 18.17
N PRO A 427 -5.76 -2.43 17.94
CA PRO A 427 -4.85 -3.23 17.08
C PRO A 427 -5.08 -2.96 15.57
N ILE A 428 -4.58 -1.80 15.13
CA ILE A 428 -5.07 -1.15 13.89
C ILE A 428 -4.07 -1.15 12.72
N GLU A 429 -3.06 -2.05 12.78
CA GLU A 429 -2.07 -2.28 11.70
C GLU A 429 -2.70 -2.53 10.33
N GLN A 430 -3.81 -3.27 10.30
CA GLN A 430 -4.52 -3.64 9.07
C GLN A 430 -5.57 -2.59 8.62
N LEU A 431 -5.70 -1.50 9.40
CA LEU A 431 -6.48 -0.32 9.01
C LEU A 431 -5.92 0.29 7.72
N PRO A 432 -6.75 0.32 6.64
CA PRO A 432 -6.31 0.84 5.34
C PRO A 432 -5.78 2.25 5.45
N ASP A 433 -4.65 2.47 4.80
CA ASP A 433 -4.12 3.79 4.45
C ASP A 433 -5.20 4.76 3.98
N TYR A 434 -5.08 6.02 4.38
CA TYR A 434 -6.09 7.05 4.10
C TYR A 434 -6.38 7.23 2.61
N ASN A 435 -5.32 7.28 1.78
CA ASN A 435 -5.44 7.28 0.30
C ASN A 435 -6.32 6.16 -0.25
N ARG A 436 -6.22 5.00 0.38
CA ARG A 436 -7.00 3.82 0.02
C ARG A 436 -8.41 3.78 0.58
N ILE A 437 -8.62 4.43 1.73
CA ILE A 437 -9.94 4.84 2.22
C ILE A 437 -10.60 5.88 1.27
N ARG A 438 -9.88 6.95 0.93
CA ARG A 438 -10.29 7.99 -0.04
C ARG A 438 -10.72 7.46 -1.41
N SER A 439 -9.99 6.46 -1.89
CA SER A 439 -10.25 5.78 -3.15
C SER A 439 -11.53 4.91 -3.12
N GLY A 440 -11.87 4.41 -1.92
CA GLY A 440 -13.17 3.81 -1.64
C GLY A 440 -14.38 4.74 -1.68
N MET A 441 -14.15 6.06 -1.78
CA MET A 441 -15.24 7.04 -1.80
C MET A 441 -15.85 7.35 -3.17
N PHE A 442 -15.27 6.74 -4.21
CA PHE A 442 -15.78 6.75 -5.58
C PHE A 442 -15.61 5.34 -6.19
N TRP A 443 -16.36 5.10 -7.27
CA TRP A 443 -16.24 3.89 -8.10
C TRP A 443 -15.76 4.22 -9.51
N LEU A 444 -14.67 3.55 -9.92
CA LEU A 444 -14.18 3.59 -11.31
C LEU A 444 -15.14 3.11 -12.40
N ARG A 445 -15.99 2.11 -12.10
CA ARG A 445 -17.07 1.70 -13.05
C ARG A 445 -18.20 2.70 -13.29
N PHE A 446 -18.33 3.69 -12.39
CA PHE A 446 -19.36 4.73 -12.48
C PHE A 446 -18.77 6.08 -12.92
N VAL B 17 -56.77 18.41 25.00
CA VAL B 17 -57.45 17.11 24.72
C VAL B 17 -56.57 16.12 23.90
N PRO B 18 -56.19 14.97 24.52
CA PRO B 18 -56.20 13.67 23.81
C PRO B 18 -57.62 13.02 23.72
N PRO B 19 -57.79 11.94 22.91
CA PRO B 19 -58.74 10.87 23.23
C PRO B 19 -58.72 10.39 24.69
N HIS B 20 -59.89 10.45 25.34
CA HIS B 20 -60.20 9.67 26.58
C HIS B 20 -59.82 8.17 26.39
N PRO B 21 -58.94 7.63 27.27
CA PRO B 21 -58.44 6.25 27.12
C PRO B 21 -59.54 5.17 27.19
N GLN B 22 -59.49 4.23 26.24
CA GLN B 22 -60.09 2.89 26.38
C GLN B 22 -59.60 2.15 27.64
N ASP B 23 -60.49 1.33 28.21
CA ASP B 23 -60.14 0.30 29.19
C ASP B 23 -59.53 -0.93 28.55
N LEU B 24 -58.55 -1.54 29.26
CA LEU B 24 -58.16 -2.93 29.09
C LEU B 24 -59.33 -3.90 29.09
N GLU B 25 -59.28 -4.82 28.12
CA GLU B 25 -60.22 -5.95 27.97
C GLU B 25 -59.49 -7.24 28.29
N PHE B 26 -60.18 -8.13 29.00
CA PHE B 26 -59.59 -9.32 29.64
C PHE B 26 -60.56 -10.50 29.51
N THR B 27 -60.01 -11.66 29.12
CA THR B 27 -60.78 -12.90 28.89
C THR B 27 -59.93 -14.10 29.31
N ARG B 28 -60.46 -14.88 30.24
CA ARG B 28 -60.04 -16.28 30.50
C ARG B 28 -60.88 -17.19 29.61
N LEU B 29 -60.21 -18.10 28.91
CA LEU B 29 -60.90 -19.19 28.19
C LEU B 29 -61.09 -20.43 29.07
N PRO B 30 -62.09 -21.32 28.79
CA PRO B 30 -62.22 -22.62 29.48
C PRO B 30 -60.93 -23.50 29.54
N ASN B 31 -60.08 -23.40 28.51
CA ASN B 31 -58.78 -24.08 28.45
C ASN B 31 -57.65 -23.48 29.32
N GLY B 32 -57.92 -22.28 29.86
CA GLY B 32 -57.07 -21.60 30.82
C GLY B 32 -56.22 -20.47 30.26
N LEU B 33 -56.15 -20.37 28.92
CA LEU B 33 -55.56 -19.24 28.21
C LEU B 33 -56.26 -17.94 28.52
N VAL B 34 -55.44 -16.97 28.91
CA VAL B 34 -55.82 -15.59 29.17
C VAL B 34 -55.50 -14.76 27.90
N ILE B 35 -56.46 -13.91 27.52
CA ILE B 35 -56.27 -12.88 26.49
C ILE B 35 -56.52 -11.50 27.08
N ALA B 36 -55.54 -10.60 26.93
CA ALA B 36 -55.68 -9.21 27.36
C ALA B 36 -55.30 -8.20 26.27
N SER B 37 -56.18 -7.24 26.00
CA SER B 37 -55.88 -6.16 25.04
C SER B 37 -56.25 -4.75 25.47
N LEU B 38 -55.42 -3.80 25.03
CA LEU B 38 -55.74 -2.36 25.07
C LEU B 38 -55.63 -1.70 23.71
N GLU B 39 -56.69 -0.97 23.36
CA GLU B 39 -56.67 0.02 22.28
C GLU B 39 -56.34 1.46 22.74
N ASN B 40 -55.06 1.69 23.04
CA ASN B 40 -54.42 3.00 22.88
C ASN B 40 -54.14 3.25 21.41
N TYR B 41 -54.79 4.28 20.85
CA TYR B 41 -54.88 4.51 19.40
C TYR B 41 -53.52 4.98 18.79
N ALA B 42 -52.53 4.11 18.98
CA ALA B 42 -51.10 4.39 18.83
C ALA B 42 -50.65 3.92 17.42
N PRO B 43 -49.62 4.57 16.81
CA PRO B 43 -49.18 4.18 15.45
C PRO B 43 -48.55 2.80 15.35
N ALA B 44 -47.92 2.35 16.45
CA ALA B 44 -47.35 1.01 16.55
C ALA B 44 -48.19 0.12 17.44
N SER B 45 -48.15 -1.16 17.09
CA SER B 45 -48.74 -2.22 17.89
C SER B 45 -47.69 -3.07 18.53
N ARG B 46 -48.04 -3.63 19.70
CA ARG B 46 -47.21 -4.62 20.41
C ARG B 46 -48.00 -5.85 20.79
N ILE B 47 -47.51 -7.02 20.37
CA ILE B 47 -48.08 -8.32 20.75
C ILE B 47 -47.06 -9.13 21.51
N GLY B 48 -47.47 -9.61 22.69
CA GLY B 48 -46.70 -10.55 23.47
C GLY B 48 -47.46 -11.83 23.73
N LEU B 49 -46.79 -12.96 23.49
CA LEU B 49 -47.17 -14.25 24.07
C LEU B 49 -46.28 -14.65 25.24
N PHE B 50 -46.92 -14.70 26.41
CA PHE B 50 -46.26 -14.97 27.69
C PHE B 50 -46.57 -16.39 28.14
N ILE B 51 -45.50 -17.14 28.48
CA ILE B 51 -45.56 -18.62 28.70
C ILE B 51 -44.84 -18.95 30.01
N LYS B 52 -45.43 -19.90 30.76
CA LYS B 52 -44.86 -20.48 31.99
C LYS B 52 -43.86 -21.55 31.59
N ALA B 53 -42.72 -21.05 31.10
CA ALA B 53 -41.73 -21.85 30.40
C ALA B 53 -40.29 -21.42 30.67
N GLY B 54 -40.09 -20.53 31.65
CA GLY B 54 -38.74 -20.13 32.11
C GLY B 54 -37.89 -21.27 32.69
N SER B 55 -36.64 -20.96 33.02
CA SER B 55 -35.63 -21.99 33.39
C SER B 55 -35.96 -22.90 34.57
N ARG B 56 -36.84 -22.47 35.48
CA ARG B 56 -37.33 -23.32 36.59
C ARG B 56 -37.95 -24.68 36.21
N TYR B 57 -38.43 -24.77 34.95
CA TYR B 57 -39.07 -25.95 34.39
C TYR B 57 -38.10 -26.94 33.74
N GLU B 58 -36.82 -26.59 33.72
CA GLU B 58 -35.74 -27.53 33.45
C GLU B 58 -35.46 -28.42 34.66
N ASN B 59 -35.06 -29.66 34.37
CA ASN B 59 -34.48 -30.55 35.36
C ASN B 59 -32.98 -30.77 35.08
N SER B 60 -32.35 -31.61 35.91
CA SER B 60 -30.97 -32.12 35.75
C SER B 60 -30.57 -32.75 34.40
N ASN B 61 -31.56 -33.30 33.69
CA ASN B 61 -31.30 -33.98 32.43
C ASN B 61 -31.32 -33.12 31.20
N ASN B 62 -31.77 -31.87 31.36
CA ASN B 62 -31.95 -30.95 30.23
C ASN B 62 -31.59 -29.47 30.50
N LEU B 63 -30.60 -29.22 31.35
CA LEU B 63 -30.23 -27.84 31.68
C LEU B 63 -29.74 -27.02 30.47
N GLY B 64 -30.25 -25.80 30.38
CA GLY B 64 -29.92 -24.89 29.29
C GLY B 64 -30.86 -24.97 28.08
N THR B 65 -31.77 -25.96 28.06
CA THR B 65 -32.77 -26.11 26.97
C THR B 65 -33.55 -24.80 26.71
N SER B 66 -33.94 -24.10 27.79
CA SER B 66 -34.73 -22.86 27.65
C SER B 66 -33.88 -21.66 27.19
N HIS B 67 -32.57 -21.72 27.49
CA HIS B 67 -31.59 -20.81 26.87
C HIS B 67 -31.51 -21.00 25.36
N LEU B 68 -31.25 -22.22 24.92
CA LEU B 68 -31.23 -22.52 23.51
C LEU B 68 -32.54 -22.21 22.74
N LEU B 69 -33.68 -22.46 23.40
CA LEU B 69 -35.01 -22.02 22.96
C LEU B 69 -35.14 -20.49 22.79
N ARG B 70 -34.66 -19.73 23.79
CA ARG B 70 -34.67 -18.26 23.76
C ARG B 70 -33.88 -17.71 22.52
N LEU B 71 -32.80 -18.41 22.17
CA LEU B 71 -31.96 -18.13 21.01
C LEU B 71 -32.46 -18.66 19.64
N ALA B 72 -33.55 -19.44 19.65
CA ALA B 72 -34.03 -20.19 18.45
C ALA B 72 -35.26 -19.62 17.74
N SER B 73 -35.57 -18.35 18.00
CA SER B 73 -36.86 -17.79 17.57
C SER B 73 -37.00 -17.49 16.07
N SER B 74 -35.88 -17.22 15.40
CA SER B 74 -35.88 -17.08 13.93
C SER B 74 -35.44 -18.34 13.14
N LEU B 75 -35.56 -19.51 13.75
CA LEU B 75 -35.32 -20.78 13.06
C LEU B 75 -36.59 -21.24 12.33
N THR B 76 -36.41 -22.14 11.36
CA THR B 76 -37.48 -22.59 10.46
C THR B 76 -38.63 -23.28 11.20
N THR B 77 -39.83 -22.84 10.82
CA THR B 77 -41.14 -23.28 11.30
C THR B 77 -41.93 -23.93 10.13
N LYS B 78 -43.05 -24.60 10.45
CA LYS B 78 -43.93 -25.22 9.43
C LYS B 78 -44.53 -24.24 8.42
N GLY B 79 -44.76 -22.98 8.83
CA GLY B 79 -45.47 -21.98 8.02
C GLY B 79 -44.60 -20.88 7.42
N ALA B 80 -43.39 -20.70 7.99
CA ALA B 80 -42.39 -19.72 7.55
C ALA B 80 -40.97 -20.25 7.75
N SER B 81 -40.14 -20.10 6.72
CA SER B 81 -38.70 -20.41 6.79
C SER B 81 -37.92 -19.43 7.70
N SER B 82 -36.72 -19.85 8.13
CA SER B 82 -35.77 -18.95 8.79
C SER B 82 -35.55 -17.60 8.07
N PHE B 83 -35.27 -17.71 6.76
CA PHE B 83 -35.16 -16.60 5.81
C PHE B 83 -36.40 -15.70 5.77
N LYS B 84 -37.60 -16.31 5.65
CA LYS B 84 -38.88 -15.56 5.64
C LYS B 84 -39.14 -14.73 6.91
N ILE B 85 -38.92 -15.35 8.08
CA ILE B 85 -39.06 -14.69 9.39
C ILE B 85 -38.22 -13.40 9.49
N THR B 86 -36.94 -13.54 9.13
CA THR B 86 -35.94 -12.46 9.21
C THR B 86 -36.24 -11.32 8.19
N ARG B 87 -36.55 -11.70 6.96
CA ARG B 87 -36.82 -10.77 5.86
C ARG B 87 -38.20 -10.11 5.90
N GLY B 88 -39.23 -10.89 6.21
CA GLY B 88 -40.60 -10.42 6.37
C GLY B 88 -40.83 -9.46 7.53
N ILE B 89 -40.22 -9.77 8.69
CA ILE B 89 -40.17 -8.83 9.84
C ILE B 89 -39.40 -7.54 9.53
N GLU B 90 -38.21 -7.69 8.94
CA GLU B 90 -37.34 -6.54 8.60
C GLU B 90 -37.89 -5.64 7.49
N ALA B 91 -38.64 -6.23 6.54
CA ALA B 91 -39.32 -5.49 5.44
C ALA B 91 -40.32 -4.44 5.91
N VAL B 92 -41.04 -4.77 6.99
CA VAL B 92 -42.01 -3.85 7.64
C VAL B 92 -41.41 -3.06 8.83
N GLY B 93 -40.10 -3.26 9.03
CA GLY B 93 -39.34 -2.60 10.08
C GLY B 93 -39.70 -3.09 11.46
N GLY B 94 -40.08 -4.36 11.60
CA GLY B 94 -40.55 -4.94 12.83
C GLY B 94 -39.46 -5.42 13.77
N LYS B 95 -39.88 -5.95 14.93
CA LYS B 95 -38.96 -6.67 15.86
C LYS B 95 -39.59 -7.96 16.35
N LEU B 96 -38.76 -8.98 16.54
CA LEU B 96 -39.12 -10.18 17.30
C LEU B 96 -38.13 -10.40 18.43
N SER B 97 -38.64 -10.41 19.68
CA SER B 97 -37.83 -10.64 20.89
C SER B 97 -38.36 -11.71 21.83
N VAL B 98 -37.42 -12.39 22.47
CA VAL B 98 -37.69 -13.30 23.58
C VAL B 98 -36.99 -12.97 24.89
N THR B 99 -37.82 -12.62 25.87
CA THR B 99 -37.43 -12.24 27.23
C THR B 99 -37.76 -13.40 28.17
N SER B 100 -36.72 -13.88 28.86
CA SER B 100 -36.84 -14.94 29.87
C SER B 100 -36.53 -14.50 31.26
N THR B 101 -37.37 -14.94 32.18
CA THR B 101 -37.05 -14.94 33.60
C THR B 101 -36.97 -16.44 34.00
N ARG B 102 -36.74 -16.70 35.29
CA ARG B 102 -36.77 -18.06 35.86
C ARG B 102 -38.14 -18.74 35.78
N GLU B 103 -39.19 -17.95 35.55
CA GLU B 103 -40.58 -18.43 35.52
C GLU B 103 -41.16 -18.38 34.14
N ASN B 104 -40.87 -17.28 33.42
CA ASN B 104 -41.52 -16.97 32.15
C ASN B 104 -40.58 -16.83 30.98
N MET B 105 -41.05 -17.31 29.83
CA MET B 105 -40.66 -16.81 28.51
C MET B 105 -41.76 -15.88 27.95
N ALA B 106 -41.31 -14.85 27.25
CA ALA B 106 -42.15 -13.80 26.68
C ALA B 106 -41.70 -13.51 25.26
N TYR B 107 -42.54 -13.93 24.30
CA TYR B 107 -42.31 -13.71 22.89
C TYR B 107 -43.03 -12.44 22.46
N THR B 108 -42.26 -11.37 22.25
CA THR B 108 -42.80 -10.07 21.80
C THR B 108 -42.47 -9.69 20.34
N VAL B 109 -43.39 -8.90 19.78
CA VAL B 109 -43.49 -8.58 18.37
C VAL B 109 -44.02 -7.11 18.30
N GLU B 110 -43.20 -6.25 17.69
CA GLU B 110 -43.59 -4.87 17.38
C GLU B 110 -43.50 -4.53 15.89
N CYS B 111 -44.54 -3.83 15.44
CA CYS B 111 -44.68 -3.29 14.08
C CYS B 111 -45.65 -2.10 14.09
N LEU B 112 -45.70 -1.37 12.99
CA LEU B 112 -46.79 -0.42 12.72
C LEU B 112 -48.15 -1.12 12.61
N ARG B 113 -49.18 -0.38 13.05
CA ARG B 113 -50.62 -0.73 13.00
C ARG B 113 -51.07 -1.64 11.84
N ASP B 114 -50.68 -1.26 10.61
CA ASP B 114 -51.12 -1.91 9.36
C ASP B 114 -50.52 -3.32 9.12
N ASP B 115 -49.54 -3.67 9.95
CA ASP B 115 -48.67 -4.84 9.73
C ASP B 115 -48.83 -5.95 10.75
N VAL B 116 -49.83 -5.82 11.64
CA VAL B 116 -50.11 -6.76 12.75
C VAL B 116 -50.28 -8.23 12.36
N ASP B 117 -50.97 -8.47 11.23
CA ASP B 117 -51.31 -9.80 10.72
C ASP B 117 -50.10 -10.63 10.33
N ILE B 118 -49.15 -10.02 9.60
CA ILE B 118 -47.89 -10.70 9.25
C ILE B 118 -47.02 -11.04 10.44
N LEU B 119 -47.01 -10.11 11.42
CA LEU B 119 -46.29 -10.29 12.67
C LEU B 119 -46.91 -11.27 13.64
N MET B 120 -48.25 -11.30 13.68
CA MET B 120 -49.03 -12.34 14.33
C MET B 120 -48.75 -13.76 13.80
N GLU B 121 -48.88 -13.94 12.47
CA GLU B 121 -48.56 -15.18 11.78
C GLU B 121 -47.14 -15.70 12.07
N PHE B 122 -46.15 -14.81 12.05
CA PHE B 122 -44.78 -15.13 12.42
C PHE B 122 -44.66 -15.55 13.88
N LEU B 123 -45.35 -14.80 14.77
CA LEU B 123 -45.43 -15.07 16.22
C LEU B 123 -46.00 -16.44 16.56
N LEU B 124 -47.09 -16.78 15.87
CA LEU B 124 -47.75 -18.08 15.97
C LEU B 124 -46.93 -19.23 15.47
N ASN B 125 -46.17 -19.00 14.39
CA ASN B 125 -45.31 -20.01 13.80
C ASN B 125 -44.08 -20.36 14.67
N VAL B 126 -43.50 -19.33 15.29
CA VAL B 126 -42.34 -19.45 16.20
C VAL B 126 -42.68 -20.29 17.44
N THR B 127 -43.85 -20.02 18.02
CA THR B 127 -44.27 -20.56 19.33
C THR B 127 -45.06 -21.86 19.25
N THR B 128 -45.73 -22.12 18.11
CA THR B 128 -46.61 -23.33 17.98
C THR B 128 -46.27 -24.29 16.83
N ALA B 129 -45.51 -23.81 15.85
CA ALA B 129 -45.04 -24.66 14.76
C ALA B 129 -43.48 -24.68 14.48
N PRO B 130 -42.60 -24.60 15.52
CA PRO B 130 -41.15 -24.67 15.25
C PRO B 130 -40.69 -26.08 14.86
N GLU B 131 -39.78 -26.16 13.91
CA GLU B 131 -39.30 -27.42 13.38
C GLU B 131 -38.07 -28.01 14.08
N PHE B 132 -37.27 -27.12 14.69
CA PHE B 132 -35.93 -27.44 15.26
C PHE B 132 -35.11 -28.44 14.43
N ARG B 133 -34.95 -28.10 13.14
CA ARG B 133 -34.16 -28.89 12.19
C ARG B 133 -32.72 -29.05 12.73
N ARG B 134 -32.29 -30.31 12.79
CA ARG B 134 -31.01 -30.79 13.35
C ARG B 134 -29.78 -29.90 12.98
N TRP B 135 -29.72 -29.50 11.69
CA TRP B 135 -28.62 -28.70 11.16
C TRP B 135 -28.70 -27.21 11.59
N GLU B 136 -29.91 -26.65 11.60
CA GLU B 136 -30.18 -25.29 12.15
C GLU B 136 -29.96 -25.21 13.66
N VAL B 137 -30.37 -26.27 14.38
CA VAL B 137 -30.05 -26.46 15.81
C VAL B 137 -28.52 -26.53 16.10
N ALA B 138 -27.79 -27.36 15.34
CA ALA B 138 -26.32 -27.51 15.39
C ALA B 138 -25.53 -26.21 15.15
N ALA B 139 -25.90 -25.46 14.10
CA ALA B 139 -25.33 -24.15 13.71
C ALA B 139 -25.53 -23.07 14.74
N LEU B 140 -26.64 -23.18 15.49
CA LEU B 140 -26.95 -22.32 16.65
C LEU B 140 -26.22 -22.57 17.96
N GLN B 141 -25.89 -23.82 18.29
CA GLN B 141 -25.15 -24.15 19.57
C GLN B 141 -23.98 -23.21 19.99
N PRO B 142 -23.07 -22.75 19.07
CA PRO B 142 -22.04 -21.74 19.48
C PRO B 142 -22.60 -20.39 19.90
N GLN B 143 -23.85 -20.06 19.57
CA GLN B 143 -24.49 -18.82 20.05
C GLN B 143 -24.69 -18.76 21.58
N LEU B 144 -24.93 -19.93 22.19
CA LEU B 144 -24.95 -20.12 23.66
C LEU B 144 -23.72 -19.59 24.36
N ARG B 145 -22.55 -19.85 23.77
CA ARG B 145 -21.24 -19.44 24.31
C ARG B 145 -21.04 -17.90 24.24
N ILE B 146 -21.46 -17.32 23.11
CA ILE B 146 -21.39 -15.87 22.86
C ILE B 146 -22.34 -15.07 23.79
N ASP B 147 -23.61 -15.48 23.79
CA ASP B 147 -24.69 -14.87 24.58
C ASP B 147 -24.42 -14.91 26.11
N LYS B 148 -23.94 -16.06 26.60
CA LYS B 148 -23.44 -16.21 27.95
C LYS B 148 -22.25 -15.29 28.26
N ALA B 149 -21.28 -15.22 27.34
CA ALA B 149 -20.02 -14.48 27.59
C ALA B 149 -20.28 -12.97 27.74
N VAL B 150 -21.17 -12.46 26.87
CA VAL B 150 -21.68 -11.08 26.88
C VAL B 150 -22.43 -10.74 28.18
N ALA B 151 -23.41 -11.58 28.55
CA ALA B 151 -24.12 -11.48 29.85
C ALA B 151 -23.25 -11.55 31.09
N LEU B 152 -22.21 -12.41 31.07
CA LEU B 152 -21.37 -12.65 32.25
C LEU B 152 -20.15 -11.75 32.38
N GLN B 153 -20.11 -10.71 31.55
CA GLN B 153 -19.19 -9.62 31.69
C GLN B 153 -19.62 -8.51 32.68
N ASN B 154 -20.93 -8.49 33.02
CA ASN B 154 -21.43 -7.93 34.29
C ASN B 154 -21.19 -8.95 35.43
N PRO B 155 -20.35 -8.61 36.44
CA PRO B 155 -20.20 -9.45 37.64
C PRO B 155 -21.51 -9.77 38.38
N GLN B 156 -22.52 -8.90 38.26
CA GLN B 156 -23.85 -9.08 38.84
C GLN B 156 -24.60 -10.32 38.36
N ALA B 157 -24.47 -10.66 37.07
CA ALA B 157 -25.06 -11.85 36.47
C ALA B 157 -24.55 -13.16 37.04
N HIS B 158 -23.22 -13.30 37.20
CA HIS B 158 -22.62 -14.45 37.91
C HIS B 158 -22.96 -14.59 39.40
N VAL B 159 -23.04 -13.45 40.08
CA VAL B 159 -23.46 -13.39 41.50
C VAL B 159 -24.93 -13.83 41.71
N ILE B 160 -25.86 -13.23 40.96
CA ILE B 160 -27.30 -13.56 41.06
C ILE B 160 -27.59 -14.99 40.62
N GLU B 161 -26.84 -15.49 39.62
CA GLU B 161 -26.88 -16.91 39.20
C GLU B 161 -26.35 -17.86 40.29
N ASN B 162 -25.21 -17.53 40.91
CA ASN B 162 -24.73 -18.29 42.06
C ASN B 162 -25.65 -18.23 43.29
N LEU B 163 -26.26 -17.04 43.50
CA LEU B 163 -27.18 -16.77 44.61
C LEU B 163 -28.38 -17.68 44.65
N HIS B 164 -28.95 -17.94 43.47
CA HIS B 164 -30.08 -18.84 43.29
C HIS B 164 -29.73 -20.29 43.42
N ALA B 165 -28.57 -20.69 42.88
CA ALA B 165 -28.05 -22.06 43.05
C ALA B 165 -27.74 -22.41 44.51
N ALA B 166 -27.19 -21.43 45.26
CA ALA B 166 -27.03 -21.47 46.73
C ALA B 166 -28.36 -21.56 47.49
N ALA B 167 -29.36 -20.78 47.06
CA ALA B 167 -30.65 -20.65 47.72
C ALA B 167 -31.54 -21.87 47.63
N TYR B 168 -31.54 -22.53 46.47
CA TYR B 168 -32.57 -23.51 46.11
C TYR B 168 -32.01 -24.86 45.80
N ARG B 169 -32.73 -25.87 46.26
CA ARG B 169 -32.41 -27.30 46.03
C ARG B 169 -32.57 -27.71 44.57
N ASN B 170 -33.33 -26.92 43.83
CA ASN B 170 -34.40 -27.41 43.00
C ASN B 170 -34.41 -26.74 41.63
N ALA B 171 -35.07 -25.58 41.51
CA ALA B 171 -35.92 -25.30 40.29
C ALA B 171 -35.73 -23.85 39.89
N LEU B 172 -35.92 -22.94 40.87
CA LEU B 172 -35.35 -21.60 40.89
C LEU B 172 -33.82 -21.52 41.03
N ALA B 173 -33.22 -22.62 41.49
CA ALA B 173 -31.77 -22.89 41.38
C ALA B 173 -31.15 -22.86 39.97
N ASN B 174 -31.94 -23.20 38.95
CA ASN B 174 -31.47 -23.22 37.55
C ASN B 174 -31.01 -21.88 37.06
N SER B 175 -29.87 -21.91 36.36
CA SER B 175 -29.39 -20.78 35.59
C SER B 175 -30.26 -20.42 34.38
N LEU B 176 -30.38 -19.11 34.15
CA LEU B 176 -30.95 -18.52 32.94
C LEU B 176 -30.11 -18.82 31.67
N TYR B 177 -28.82 -19.02 31.93
CA TYR B 177 -27.85 -19.30 30.91
C TYR B 177 -27.46 -20.75 31.03
N CYS B 178 -27.21 -21.34 29.87
CA CYS B 178 -26.85 -22.73 29.70
C CYS B 178 -25.51 -23.04 30.43
N PRO B 179 -25.46 -24.10 31.30
CA PRO B 179 -24.17 -24.63 31.82
C PRO B 179 -23.22 -25.05 30.71
N ASP B 180 -21.94 -24.64 30.82
CA ASP B 180 -20.90 -24.83 29.79
C ASP B 180 -20.82 -26.24 29.25
N TYR B 181 -20.91 -27.24 30.15
CA TYR B 181 -20.86 -28.68 29.79
C TYR B 181 -21.96 -29.10 28.83
N ARG B 182 -23.09 -28.36 28.89
CA ARG B 182 -24.25 -28.56 28.04
C ARG B 182 -24.19 -27.89 26.66
N ILE B 183 -23.27 -26.92 26.45
CA ILE B 183 -23.11 -26.24 25.15
C ILE B 183 -22.62 -27.22 24.09
N GLY B 184 -23.43 -27.37 23.04
CA GLY B 184 -23.21 -28.39 22.03
C GLY B 184 -24.01 -29.68 22.21
N LYS B 185 -24.73 -29.81 23.33
CA LYS B 185 -25.33 -31.07 23.80
C LYS B 185 -26.88 -31.08 23.90
N VAL B 186 -27.48 -29.89 23.85
CA VAL B 186 -28.94 -29.71 23.79
C VAL B 186 -29.53 -30.11 22.44
N THR B 187 -30.44 -31.07 22.49
CA THR B 187 -30.87 -31.81 21.29
C THR B 187 -32.17 -31.25 20.71
N PRO B 188 -32.41 -31.38 19.37
CA PRO B 188 -33.74 -31.18 18.76
C PRO B 188 -34.93 -31.78 19.50
N VAL B 189 -34.79 -33.00 20.00
CA VAL B 189 -35.86 -33.69 20.76
C VAL B 189 -36.20 -32.97 22.08
N GLU B 190 -35.17 -32.48 22.79
CA GLU B 190 -35.30 -31.71 24.04
C GLU B 190 -36.03 -30.39 23.86
N LEU B 191 -35.74 -29.70 22.74
CA LEU B 191 -36.43 -28.46 22.33
C LEU B 191 -37.90 -28.72 21.98
N HIS B 192 -38.14 -29.81 21.25
CA HIS B 192 -39.49 -30.26 20.89
C HIS B 192 -40.29 -30.64 22.13
N ASP B 193 -39.65 -31.43 23.01
CA ASP B 193 -40.16 -31.79 24.34
C ASP B 193 -40.44 -30.64 25.28
N TYR B 194 -39.63 -29.59 25.22
CA TYR B 194 -39.83 -28.41 26.07
C TYR B 194 -41.05 -27.57 25.66
N VAL B 195 -41.24 -27.40 24.34
CA VAL B 195 -42.38 -26.68 23.72
C VAL B 195 -43.71 -27.42 23.93
N GLN B 196 -43.71 -28.74 23.71
CA GLN B 196 -44.89 -29.60 23.93
C GLN B 196 -45.33 -29.64 25.41
N ASN B 197 -44.35 -29.70 26.33
CA ASN B 197 -44.61 -29.76 27.76
C ASN B 197 -45.11 -28.46 28.38
N HIS B 198 -44.72 -27.33 27.79
CA HIS B 198 -44.79 -26.00 28.43
C HIS B 198 -45.53 -24.91 27.66
N PHE B 199 -45.51 -24.97 26.32
CA PHE B 199 -46.20 -23.96 25.47
C PHE B 199 -47.65 -24.45 25.20
N THR B 200 -48.41 -24.55 26.29
CA THR B 200 -49.83 -25.02 26.26
C THR B 200 -50.77 -23.95 26.76
N SER B 201 -52.07 -24.10 26.42
CA SER B 201 -53.15 -23.13 26.72
C SER B 201 -53.24 -22.70 28.20
N ALA B 202 -53.15 -23.68 29.11
CA ALA B 202 -53.19 -23.45 30.56
C ALA B 202 -51.96 -22.70 31.12
N ARG B 203 -50.87 -22.66 30.34
CA ARG B 203 -49.59 -22.04 30.75
C ARG B 203 -49.25 -20.77 29.97
N MET B 204 -50.26 -20.14 29.40
CA MET B 204 -50.08 -19.14 28.34
C MET B 204 -51.04 -17.94 28.46
N ALA B 205 -50.55 -16.79 28.00
CA ALA B 205 -51.27 -15.51 28.02
C ALA B 205 -50.92 -14.74 26.76
N LEU B 206 -51.96 -14.35 26.00
CA LEU B 206 -51.80 -13.57 24.78
C LEU B 206 -52.19 -12.12 25.02
N ILE B 207 -51.17 -11.26 24.92
CA ILE B 207 -51.32 -9.84 25.25
C ILE B 207 -51.07 -8.98 24.04
N GLY B 208 -51.98 -8.05 23.82
CA GLY B 208 -51.95 -7.17 22.66
C GLY B 208 -52.15 -5.72 23.00
N LEU B 209 -51.37 -4.87 22.34
CA LEU B 209 -51.44 -3.43 22.47
C LEU B 209 -51.62 -2.77 21.14
N GLY B 210 -52.71 -2.01 21.03
CA GLY B 210 -53.19 -1.44 19.77
C GLY B 210 -53.68 -2.46 18.77
N VAL B 211 -54.22 -3.58 19.26
CA VAL B 211 -55.14 -4.48 18.51
C VAL B 211 -56.47 -4.64 19.27
N SER B 212 -57.55 -4.84 18.50
CA SER B 212 -58.88 -5.18 19.03
C SER B 212 -58.92 -6.55 19.73
N HIS B 213 -59.69 -6.59 20.83
CA HIS B 213 -60.03 -7.83 21.54
C HIS B 213 -60.63 -9.00 20.72
N PRO B 214 -61.58 -8.78 19.76
CA PRO B 214 -62.03 -9.86 18.86
C PRO B 214 -60.95 -10.49 17.99
N VAL B 215 -59.99 -9.70 17.49
CA VAL B 215 -58.86 -10.18 16.66
C VAL B 215 -57.90 -11.08 17.47
N LEU B 216 -57.63 -10.69 18.72
CA LEU B 216 -56.85 -11.50 19.67
C LEU B 216 -57.56 -12.79 20.07
N LYS B 217 -58.85 -12.67 20.42
CA LYS B 217 -59.74 -13.80 20.77
C LYS B 217 -59.88 -14.82 19.65
N GLN B 218 -60.01 -14.34 18.40
CA GLN B 218 -59.99 -15.15 17.18
C GLN B 218 -58.66 -15.89 16.96
N VAL B 219 -57.54 -15.18 17.16
CA VAL B 219 -56.20 -15.79 17.11
C VAL B 219 -56.01 -16.93 18.15
N ALA B 220 -56.55 -16.70 19.35
CA ALA B 220 -56.38 -17.57 20.53
C ALA B 220 -57.16 -18.88 20.40
N GLU B 221 -58.40 -18.77 19.89
CA GLU B 221 -59.29 -19.90 19.64
C GLU B 221 -58.85 -20.73 18.43
N GLN B 222 -58.45 -20.06 17.34
CA GLN B 222 -57.98 -20.72 16.12
C GLN B 222 -56.62 -21.40 16.27
N PHE B 223 -55.66 -20.70 16.90
CA PHE B 223 -54.24 -21.08 16.85
C PHE B 223 -53.53 -21.45 18.16
N LEU B 224 -54.13 -21.09 19.30
CA LEU B 224 -53.55 -21.36 20.63
C LEU B 224 -54.35 -22.33 21.55
N ASN B 225 -55.02 -23.31 20.92
CA ASN B 225 -55.71 -24.42 21.61
C ASN B 225 -54.85 -25.70 21.61
N ILE B 226 -53.88 -25.70 22.54
CA ILE B 226 -52.91 -26.79 22.76
C ILE B 226 -53.12 -27.25 24.20
N ARG B 227 -53.35 -28.56 24.40
CA ARG B 227 -52.91 -29.28 25.62
C ARG B 227 -52.60 -30.76 25.49
N GLY B 228 -51.30 -31.06 25.65
CA GLY B 228 -50.82 -32.32 26.22
C GLY B 228 -49.50 -32.14 26.97
N GLY B 229 -49.47 -31.15 27.87
CA GLY B 229 -48.26 -30.71 28.56
C GLY B 229 -48.21 -31.15 30.01
N LEU B 230 -47.86 -30.19 30.88
CA LEU B 230 -47.68 -30.43 32.33
C LEU B 230 -48.63 -29.60 33.20
N GLY B 231 -49.06 -30.22 34.32
CA GLY B 231 -49.72 -29.54 35.43
C GLY B 231 -48.85 -28.54 36.18
N LEU B 232 -49.54 -27.53 36.73
CA LEU B 232 -49.10 -26.13 36.64
C LEU B 232 -48.09 -25.64 37.69
N SER B 233 -47.12 -24.84 37.20
CA SER B 233 -46.41 -23.78 37.97
C SER B 233 -45.25 -24.17 38.94
N GLY B 234 -45.06 -25.48 39.16
CA GLY B 234 -43.78 -26.04 39.62
C GLY B 234 -43.65 -27.53 39.94
N ALA B 235 -42.39 -27.96 40.07
CA ALA B 235 -41.96 -28.98 41.06
C ALA B 235 -42.06 -28.56 42.55
N LYS B 236 -42.38 -27.28 42.80
CA LYS B 236 -42.21 -26.54 44.08
C LYS B 236 -40.77 -26.29 44.51
N ALA B 237 -40.43 -25.01 44.52
CA ALA B 237 -39.10 -24.50 44.83
C ALA B 237 -38.79 -24.67 46.31
N LYS B 238 -37.94 -25.67 46.59
CA LYS B 238 -37.44 -25.98 47.94
C LYS B 238 -36.28 -25.03 48.27
N TYR B 239 -36.57 -24.01 49.09
CA TYR B 239 -35.51 -23.21 49.73
C TYR B 239 -34.69 -24.06 50.67
N HIS B 240 -33.38 -23.77 50.67
CA HIS B 240 -32.35 -24.59 51.28
C HIS B 240 -31.36 -23.70 52.09
N GLY B 241 -30.91 -22.60 51.47
CA GLY B 241 -29.83 -21.79 51.97
C GLY B 241 -28.45 -22.38 51.76
N GLY B 242 -27.44 -21.51 51.88
CA GLY B 242 -26.04 -21.87 51.72
C GLY B 242 -25.22 -20.78 51.05
N GLU B 243 -23.98 -21.11 50.68
CA GLU B 243 -23.11 -20.15 49.98
C GLU B 243 -22.31 -20.70 48.83
N ILE B 244 -22.19 -19.86 47.79
CA ILE B 244 -21.18 -20.02 46.72
C ILE B 244 -20.21 -18.81 46.70
N ARG B 245 -18.93 -19.15 46.54
CA ARG B 245 -17.79 -18.25 46.63
C ARG B 245 -16.91 -18.43 45.39
N GLU B 246 -16.86 -17.38 44.58
CA GLU B 246 -16.03 -17.33 43.38
C GLU B 246 -14.86 -16.32 43.50
N GLN B 247 -13.68 -16.84 43.86
CA GLN B 247 -12.39 -16.13 43.70
C GLN B 247 -12.13 -15.72 42.24
N ASN B 248 -11.68 -14.47 42.10
CA ASN B 248 -11.67 -13.67 40.86
C ASN B 248 -10.44 -12.72 40.85
N GLY B 249 -10.05 -12.29 42.06
CA GLY B 249 -9.21 -11.09 42.31
C GLY B 249 -9.63 -9.74 41.72
N ASP B 250 -10.94 -9.52 41.55
CA ASP B 250 -11.53 -8.73 40.44
C ASP B 250 -11.56 -7.20 40.64
N SER B 251 -10.68 -6.68 41.51
CA SER B 251 -10.61 -5.26 42.00
C SER B 251 -11.72 -4.86 42.96
N LEU B 252 -12.95 -5.21 42.57
CA LEU B 252 -14.14 -5.04 43.40
C LEU B 252 -14.76 -6.37 43.76
N VAL B 253 -15.11 -6.50 45.04
CA VAL B 253 -15.99 -7.56 45.54
C VAL B 253 -17.48 -7.24 45.31
N HIS B 254 -18.16 -8.15 44.62
CA HIS B 254 -19.62 -8.16 44.53
C HIS B 254 -20.17 -9.24 45.46
N ALA B 255 -21.00 -8.83 46.42
CA ALA B 255 -21.65 -9.77 47.35
C ALA B 255 -23.17 -9.59 47.46
N ALA B 256 -23.88 -10.71 47.61
CA ALA B 256 -25.34 -10.72 47.81
C ALA B 256 -25.74 -11.63 48.95
N LEU B 257 -26.46 -11.06 49.92
CA LEU B 257 -26.93 -11.76 51.11
C LEU B 257 -28.44 -11.63 51.23
N VAL B 258 -29.06 -12.80 51.41
CA VAL B 258 -30.47 -13.01 51.13
C VAL B 258 -31.08 -13.98 52.17
N ALA B 259 -32.39 -13.83 52.43
CA ALA B 259 -33.22 -14.89 53.02
C ALA B 259 -34.53 -15.06 52.25
N GLU B 260 -35.19 -16.22 52.43
CA GLU B 260 -36.55 -16.48 51.97
C GLU B 260 -37.55 -15.49 52.50
N SER B 261 -38.29 -14.89 51.56
CA SER B 261 -39.18 -13.79 51.82
C SER B 261 -40.66 -14.22 51.60
N ALA B 262 -41.29 -13.70 50.55
CA ALA B 262 -42.69 -13.98 50.23
C ALA B 262 -42.91 -14.20 48.74
N ALA B 263 -43.76 -15.18 48.42
CA ALA B 263 -44.33 -15.40 47.08
C ALA B 263 -45.14 -14.22 46.57
N ILE B 264 -44.95 -13.92 45.28
CA ILE B 264 -45.66 -12.86 44.57
C ILE B 264 -47.22 -12.98 44.67
N GLY B 265 -47.86 -11.85 44.89
CA GLY B 265 -49.32 -11.81 45.06
C GLY B 265 -49.84 -11.91 46.49
N SER B 266 -49.07 -12.53 47.40
CA SER B 266 -49.30 -12.39 48.86
C SER B 266 -49.11 -10.96 49.34
N ALA B 267 -49.94 -10.55 50.31
CA ALA B 267 -49.78 -9.27 51.03
C ALA B 267 -48.38 -9.04 51.66
N GLU B 268 -47.75 -10.12 52.14
CA GLU B 268 -46.37 -10.12 52.66
C GLU B 268 -45.31 -9.65 51.66
N ALA B 269 -45.46 -10.01 50.37
CA ALA B 269 -44.63 -9.50 49.26
C ALA B 269 -44.60 -7.98 49.15
N ASN B 270 -45.76 -7.35 49.34
CA ASN B 270 -45.89 -5.89 49.45
C ASN B 270 -45.12 -5.27 50.60
N ALA B 271 -45.09 -5.94 51.77
CA ALA B 271 -44.26 -5.53 52.91
C ALA B 271 -42.75 -5.56 52.60
N PHE B 272 -42.34 -6.62 51.87
CA PHE B 272 -40.98 -6.75 51.36
C PHE B 272 -40.54 -5.68 50.36
N SER B 273 -41.45 -5.34 49.44
CA SER B 273 -41.28 -4.25 48.47
C SER B 273 -41.13 -2.86 49.09
N VAL B 274 -41.87 -2.59 50.17
CA VAL B 274 -41.75 -1.33 50.95
C VAL B 274 -40.43 -1.30 51.75
N LEU B 275 -40.09 -2.44 52.36
CA LEU B 275 -38.83 -2.63 53.08
C LEU B 275 -37.59 -2.35 52.25
N GLN B 276 -37.60 -2.88 51.02
CA GLN B 276 -36.70 -2.53 49.94
C GLN B 276 -36.47 -1.01 49.75
N HIS B 277 -37.54 -0.22 49.76
CA HIS B 277 -37.44 1.23 49.56
C HIS B 277 -37.07 2.05 50.81
N VAL B 278 -37.34 1.48 52.00
CA VAL B 278 -36.81 1.97 53.28
C VAL B 278 -35.28 1.86 53.24
N LEU B 279 -34.81 0.65 52.94
CA LEU B 279 -33.41 0.29 52.94
C LEU B 279 -32.63 0.92 51.78
N GLY B 280 -33.25 0.94 50.61
CA GLY B 280 -32.78 1.70 49.47
C GLY B 280 -32.52 0.80 48.29
N ALA B 281 -33.26 1.06 47.22
CA ALA B 281 -33.06 0.41 45.93
C ALA B 281 -32.04 1.25 45.12
N GLY B 282 -32.37 1.60 43.88
CA GLY B 282 -31.51 2.39 43.02
C GLY B 282 -31.41 3.86 43.42
N PRO B 283 -30.55 4.65 42.74
CA PRO B 283 -30.48 6.11 42.96
C PRO B 283 -31.60 6.88 42.26
N HIS B 284 -31.93 8.04 42.82
CA HIS B 284 -32.93 8.96 42.27
C HIS B 284 -32.28 10.17 41.61
N VAL B 285 -31.06 10.53 42.05
CA VAL B 285 -30.37 11.77 41.64
C VAL B 285 -29.07 11.40 40.93
N LYS B 286 -28.81 12.02 39.77
CA LYS B 286 -27.52 11.87 39.08
C LYS B 286 -26.40 12.46 39.89
N ARG B 287 -25.61 11.54 40.43
CA ARG B 287 -24.40 11.77 41.25
C ARG B 287 -24.64 12.12 42.73
N GLY B 288 -25.88 11.88 43.20
CA GLY B 288 -26.32 12.18 44.57
C GLY B 288 -25.72 11.30 45.66
N SER B 289 -25.73 11.83 46.89
CA SER B 289 -25.25 11.14 48.11
C SER B 289 -26.21 10.06 48.70
N ASN B 290 -27.38 9.90 48.06
CA ASN B 290 -28.46 8.96 48.47
C ASN B 290 -28.89 9.12 49.95
N ALA B 291 -29.28 10.36 50.29
CA ALA B 291 -29.53 10.83 51.66
C ALA B 291 -30.62 10.04 52.42
N THR B 292 -31.68 9.66 51.69
CA THR B 292 -32.83 8.93 52.24
C THR B 292 -32.70 7.39 52.10
N SER B 293 -31.53 6.93 51.65
CA SER B 293 -31.21 5.51 51.56
C SER B 293 -30.54 5.06 52.85
N SER B 294 -31.31 4.29 53.62
CA SER B 294 -30.88 3.73 54.91
C SER B 294 -29.61 2.85 54.90
N LEU B 295 -29.51 1.93 53.93
CA LEU B 295 -28.30 1.07 53.79
C LEU B 295 -27.06 1.84 53.40
N TYR B 296 -27.23 2.80 52.48
CA TYR B 296 -26.13 3.60 51.92
C TYR B 296 -25.47 4.46 52.97
N GLN B 297 -26.32 5.12 53.77
CA GLN B 297 -25.88 6.02 54.85
C GLN B 297 -25.22 5.30 56.00
N ALA B 298 -25.67 4.06 56.26
CA ALA B 298 -25.12 3.22 57.34
C ALA B 298 -23.72 2.67 57.03
N VAL B 299 -23.52 2.26 55.78
CA VAL B 299 -22.21 1.87 55.22
C VAL B 299 -21.26 3.09 55.13
N ALA B 300 -21.80 4.23 54.63
CA ALA B 300 -21.04 5.47 54.43
C ALA B 300 -20.41 6.09 55.70
N LYS B 301 -21.06 5.84 56.85
CA LYS B 301 -20.61 6.25 58.20
C LYS B 301 -19.19 5.75 58.55
N GLY B 302 -18.94 4.46 58.32
CA GLY B 302 -17.71 3.80 58.72
C GLY B 302 -16.84 3.30 57.56
N VAL B 303 -17.27 3.57 56.32
CA VAL B 303 -16.54 3.21 55.10
C VAL B 303 -16.42 4.45 54.20
N HIS B 304 -15.17 4.76 53.93
CA HIS B 304 -14.75 6.06 53.36
C HIS B 304 -14.26 5.91 51.91
N GLN B 305 -14.15 4.64 51.48
CA GLN B 305 -13.72 4.22 50.14
C GLN B 305 -14.95 4.22 49.16
N PRO B 306 -14.73 4.14 47.81
CA PRO B 306 -15.83 3.78 46.88
C PRO B 306 -16.53 2.43 47.13
N PHE B 307 -17.87 2.50 47.16
CA PHE B 307 -18.74 1.34 47.35
C PHE B 307 -20.11 1.55 46.70
N ASP B 308 -20.87 0.45 46.58
CA ASP B 308 -22.31 0.49 46.47
C ASP B 308 -23.07 -0.50 47.35
N VAL B 309 -24.31 -0.10 47.72
CA VAL B 309 -25.31 -0.98 48.35
C VAL B 309 -26.69 -0.79 47.77
N SER B 310 -27.43 -1.90 47.72
CA SER B 310 -28.84 -1.91 47.36
C SER B 310 -29.54 -3.03 48.11
N ALA B 311 -30.77 -2.75 48.49
CA ALA B 311 -31.75 -3.79 48.76
C ALA B 311 -32.12 -4.58 47.50
N PHE B 312 -32.11 -5.90 47.68
CA PHE B 312 -32.44 -6.88 46.67
C PHE B 312 -33.78 -7.51 47.04
N ASN B 313 -34.67 -7.58 46.04
CA ASN B 313 -36.01 -8.11 46.18
C ASN B 313 -36.42 -8.86 44.91
N ALA B 314 -36.50 -10.18 45.06
CA ALA B 314 -36.91 -11.09 44.00
C ALA B 314 -38.04 -11.95 44.52
N SER B 315 -39.22 -11.76 43.93
CA SER B 315 -40.43 -12.48 44.26
C SER B 315 -40.87 -13.38 43.11
N TYR B 316 -41.30 -14.59 43.46
CA TYR B 316 -41.62 -15.67 42.52
C TYR B 316 -43.00 -16.29 42.87
N SER B 317 -43.41 -17.31 42.10
CA SER B 317 -44.75 -17.92 42.23
C SER B 317 -44.99 -18.61 43.59
N ASP B 318 -43.89 -19.08 44.21
CA ASP B 318 -43.93 -20.02 45.36
C ASP B 318 -42.79 -19.78 46.38
N SER B 319 -41.96 -18.78 46.08
CA SER B 319 -40.87 -18.35 46.94
C SER B 319 -40.50 -16.89 46.65
N GLY B 320 -39.61 -16.38 47.49
CA GLY B 320 -38.99 -15.10 47.30
C GLY B 320 -37.62 -15.08 47.94
N LEU B 321 -36.78 -14.17 47.45
CA LEU B 321 -35.51 -13.81 48.09
C LEU B 321 -35.45 -12.32 48.36
N PHE B 322 -35.15 -11.98 49.61
CA PHE B 322 -34.88 -10.60 50.04
C PHE B 322 -33.56 -10.49 50.79
N GLY B 323 -32.82 -9.44 50.46
CA GLY B 323 -31.85 -8.87 51.35
C GLY B 323 -31.13 -7.72 50.72
N PHE B 324 -29.81 -7.86 50.59
CA PHE B 324 -28.95 -6.80 50.05
C PHE B 324 -27.76 -7.24 49.18
N TYR B 325 -27.26 -6.28 48.41
CA TYR B 325 -26.20 -6.45 47.44
C TYR B 325 -25.18 -5.34 47.68
N THR B 326 -23.91 -5.73 47.73
CA THR B 326 -22.78 -4.83 48.03
C THR B 326 -21.71 -4.96 46.95
N ILE B 327 -21.31 -3.83 46.39
CA ILE B 327 -20.05 -3.68 45.69
C ILE B 327 -19.10 -2.88 46.58
N SER B 328 -17.90 -3.41 46.78
CA SER B 328 -16.85 -2.76 47.60
C SER B 328 -15.44 -3.22 47.18
N GLN B 329 -14.44 -2.45 47.57
CA GLN B 329 -13.03 -2.90 47.64
C GLN B 329 -12.85 -4.17 48.49
N ALA B 330 -12.02 -5.07 47.96
CA ALA B 330 -11.69 -6.38 48.56
C ALA B 330 -11.52 -6.39 50.09
N ALA B 331 -10.69 -5.46 50.58
CA ALA B 331 -10.41 -5.26 52.01
C ALA B 331 -11.59 -4.71 52.84
N SER B 332 -12.50 -3.97 52.18
CA SER B 332 -13.67 -3.36 52.80
C SER B 332 -14.96 -4.24 52.74
N ALA B 333 -14.87 -5.44 52.16
CA ALA B 333 -16.05 -6.29 51.92
C ALA B 333 -16.81 -6.68 53.18
N GLY B 334 -16.03 -7.06 54.21
CA GLY B 334 -16.51 -7.46 55.52
C GLY B 334 -17.21 -6.34 56.26
N ASP B 335 -16.53 -5.18 56.33
CA ASP B 335 -17.07 -3.92 56.90
C ASP B 335 -18.38 -3.47 56.30
N VAL B 336 -18.46 -3.53 54.96
CA VAL B 336 -19.64 -3.11 54.17
C VAL B 336 -20.83 -4.04 54.41
N ILE B 337 -20.59 -5.37 54.40
CA ILE B 337 -21.64 -6.38 54.62
C ILE B 337 -22.23 -6.28 56.04
N LYS B 338 -21.33 -6.10 57.03
CA LYS B 338 -21.67 -6.05 58.45
C LYS B 338 -22.42 -4.78 58.84
N ALA B 339 -21.92 -3.61 58.37
CA ALA B 339 -22.66 -2.34 58.40
C ALA B 339 -24.08 -2.41 57.81
N ALA B 340 -24.20 -2.98 56.60
CA ALA B 340 -25.50 -3.20 55.92
C ALA B 340 -26.46 -4.18 56.66
N TYR B 341 -25.91 -5.30 57.14
CA TYR B 341 -26.65 -6.30 57.95
C TYR B 341 -27.18 -5.74 59.28
N ASN B 342 -26.35 -4.92 59.95
CA ASN B 342 -26.74 -4.21 61.18
C ASN B 342 -27.82 -3.16 61.01
N GLN B 343 -27.83 -2.49 59.85
CA GLN B 343 -28.86 -1.49 59.53
C GLN B 343 -30.26 -2.13 59.33
N VAL B 344 -30.30 -3.32 58.73
CA VAL B 344 -31.53 -4.15 58.68
C VAL B 344 -31.97 -4.60 60.09
N LYS B 345 -31.00 -5.07 60.90
CA LYS B 345 -31.17 -5.41 62.33
C LYS B 345 -31.81 -4.30 63.17
N THR B 346 -31.39 -3.04 62.91
CA THR B 346 -32.01 -1.82 63.50
C THR B 346 -33.50 -1.64 63.16
N ILE B 347 -33.87 -1.99 61.92
CA ILE B 347 -35.28 -1.96 61.46
C ILE B 347 -36.12 -3.14 62.02
N ALA B 348 -35.52 -4.34 62.07
CA ALA B 348 -36.08 -5.53 62.75
C ALA B 348 -36.37 -5.36 64.26
N GLN B 349 -35.48 -4.60 64.92
CA GLN B 349 -35.59 -4.20 66.32
C GLN B 349 -36.64 -3.08 66.59
N GLY B 350 -37.24 -2.55 65.51
CA GLY B 350 -38.37 -1.64 65.59
C GLY B 350 -38.10 -0.14 65.35
N ASN B 351 -36.85 0.20 65.06
CA ASN B 351 -36.41 1.59 64.85
C ASN B 351 -36.69 2.02 63.41
N LEU B 352 -37.93 2.48 63.23
CA LEU B 352 -38.49 2.86 61.94
C LEU B 352 -39.60 3.88 62.17
N SER B 353 -39.34 5.12 61.73
CA SER B 353 -40.33 6.20 61.77
C SER B 353 -41.45 6.02 60.74
N ASN B 354 -42.63 6.53 61.04
CA ASN B 354 -43.71 6.66 60.06
C ASN B 354 -43.41 7.49 58.76
N PRO B 355 -42.74 8.68 58.85
CA PRO B 355 -42.13 9.34 57.66
C PRO B 355 -41.26 8.49 56.73
N ASP B 356 -40.47 7.55 57.28
CA ASP B 356 -39.63 6.63 56.48
C ASP B 356 -40.43 5.68 55.60
N VAL B 357 -41.45 5.04 56.21
CA VAL B 357 -42.42 4.16 55.53
C VAL B 357 -43.23 4.91 54.45
N GLN B 358 -43.64 6.13 54.78
CA GLN B 358 -44.36 7.03 53.87
C GLN B 358 -43.56 7.51 52.65
N ALA B 359 -42.29 7.88 52.87
CA ALA B 359 -41.30 8.14 51.79
C ALA B 359 -41.03 6.91 50.89
N ALA B 360 -40.83 5.76 51.53
CA ALA B 360 -40.61 4.47 50.87
C ALA B 360 -41.84 3.97 50.06
N LYS B 361 -43.03 4.23 50.59
CA LYS B 361 -44.30 4.00 49.87
C LYS B 361 -44.48 4.90 48.67
N ASN B 362 -44.05 6.17 48.80
CA ASN B 362 -43.98 7.12 47.68
C ASN B 362 -43.02 6.75 46.57
N LYS B 363 -41.85 6.22 46.93
CA LYS B 363 -40.85 5.74 45.97
C LYS B 363 -41.35 4.50 45.21
N LEU B 364 -41.95 3.55 45.94
CA LEU B 364 -42.62 2.38 45.36
C LEU B 364 -43.73 2.70 44.37
N LYS B 365 -44.65 3.59 44.79
CA LYS B 365 -45.81 4.00 44.00
C LYS B 365 -45.43 4.73 42.72
N ALA B 366 -44.47 5.67 42.82
CA ALA B 366 -43.94 6.42 41.67
C ALA B 366 -43.16 5.52 40.71
N GLY B 367 -42.38 4.60 41.30
CA GLY B 367 -41.53 3.65 40.61
C GLY B 367 -42.29 2.66 39.75
N TYR B 368 -43.45 2.22 40.28
CA TYR B 368 -44.35 1.31 39.61
C TYR B 368 -45.10 1.97 38.45
N LEU B 369 -45.67 3.14 38.72
CA LEU B 369 -46.36 3.93 37.73
C LEU B 369 -45.48 4.38 36.55
N MET B 370 -44.20 4.65 36.84
CA MET B 370 -43.19 4.92 35.82
C MET B 370 -42.78 3.68 35.03
N SER B 371 -42.75 2.54 35.73
CA SER B 371 -42.49 1.21 35.16
C SER B 371 -43.52 0.79 34.07
N VAL B 372 -44.74 1.35 34.14
CA VAL B 372 -45.85 1.05 33.20
C VAL B 372 -46.20 2.21 32.19
N GLU B 373 -45.29 3.19 32.09
CA GLU B 373 -45.39 4.36 31.21
C GLU B 373 -45.32 4.02 29.70
N SER B 374 -44.28 3.27 29.32
CA SER B 374 -44.07 2.77 27.96
C SER B 374 -45.00 1.61 27.69
N SER B 375 -45.32 1.44 26.39
CA SER B 375 -45.86 0.19 25.82
C SER B 375 -45.12 -1.09 26.27
N GLU B 376 -43.80 -1.04 26.26
CA GLU B 376 -42.89 -2.14 26.65
C GLU B 376 -43.12 -2.59 28.10
N GLY B 377 -43.17 -1.60 29.01
CA GLY B 377 -43.34 -1.83 30.44
C GLY B 377 -44.74 -2.24 30.82
N PHE B 378 -45.75 -1.64 30.17
CA PHE B 378 -47.16 -1.98 30.33
C PHE B 378 -47.47 -3.43 29.90
N LEU B 379 -46.95 -3.84 28.72
CA LEU B 379 -47.18 -5.17 28.15
C LEU B 379 -46.53 -6.28 28.98
N ASP B 380 -45.30 -6.02 29.48
CA ASP B 380 -44.61 -6.95 30.38
C ASP B 380 -45.35 -7.10 31.72
N GLU B 381 -45.80 -5.96 32.28
CA GLU B 381 -46.62 -5.95 33.48
C GLU B 381 -47.95 -6.69 33.31
N VAL B 382 -48.67 -6.43 32.23
CA VAL B 382 -49.94 -7.12 31.88
C VAL B 382 -49.74 -8.63 31.62
N GLY B 383 -48.65 -8.98 30.94
CA GLY B 383 -48.27 -10.37 30.67
C GLY B 383 -47.94 -11.21 31.89
N SER B 384 -47.04 -10.68 32.74
CA SER B 384 -46.65 -11.27 34.01
C SER B 384 -47.80 -11.46 34.99
N GLN B 385 -48.59 -10.39 35.18
CA GLN B 385 -49.88 -10.38 35.92
C GLN B 385 -50.81 -11.51 35.53
N ALA B 386 -50.97 -11.69 34.21
CA ALA B 386 -51.85 -12.69 33.61
C ALA B 386 -51.39 -14.13 33.92
N LEU B 387 -50.08 -14.33 33.92
CA LEU B 387 -49.42 -15.57 34.33
C LEU B 387 -49.45 -15.85 35.84
N ALA B 388 -49.11 -14.84 36.65
CA ALA B 388 -48.94 -14.98 38.10
C ALA B 388 -50.29 -15.04 38.85
N ALA B 389 -51.21 -14.13 38.47
CA ALA B 389 -52.48 -13.86 39.19
C ALA B 389 -53.76 -14.30 38.44
N GLY B 390 -53.70 -14.38 37.12
CA GLY B 390 -54.86 -14.73 36.28
C GLY B 390 -55.84 -13.60 36.12
N SER B 391 -55.37 -12.36 36.35
CA SER B 391 -56.17 -11.13 36.39
C SER B 391 -55.35 -9.94 35.94
N TYR B 392 -56.03 -8.86 35.58
CA TYR B 392 -55.48 -7.52 35.57
C TYR B 392 -55.94 -6.68 36.75
N THR B 393 -54.95 -6.10 37.43
CA THR B 393 -55.11 -5.21 38.58
C THR B 393 -54.72 -3.80 38.05
N PRO B 394 -55.68 -2.86 37.96
CA PRO B 394 -55.36 -1.46 37.58
C PRO B 394 -54.35 -0.73 38.54
N PRO B 395 -53.63 0.32 38.06
CA PRO B 395 -52.68 1.07 38.91
C PRO B 395 -53.20 1.56 40.27
N SER B 396 -54.45 2.04 40.33
CA SER B 396 -55.05 2.56 41.57
C SER B 396 -55.29 1.53 42.70
N THR B 397 -55.39 0.23 42.31
CA THR B 397 -55.49 -0.89 43.26
C THR B 397 -54.19 -1.55 43.70
N VAL B 398 -53.19 -1.52 42.81
CA VAL B 398 -51.77 -1.68 43.17
C VAL B 398 -51.37 -0.65 44.22
N LEU B 399 -51.75 0.61 43.99
CA LEU B 399 -51.48 1.74 44.90
C LEU B 399 -52.20 1.65 46.25
N GLN B 400 -53.43 1.13 46.21
CA GLN B 400 -54.25 0.78 47.38
C GLN B 400 -53.60 -0.36 48.21
N GLN B 401 -53.15 -1.41 47.51
CA GLN B 401 -52.40 -2.52 48.11
C GLN B 401 -51.10 -2.12 48.79
N ILE B 402 -50.33 -1.22 48.15
CA ILE B 402 -49.12 -0.57 48.73
C ILE B 402 -49.46 0.20 50.01
N ASP B 403 -50.55 0.99 49.95
CA ASP B 403 -51.02 1.83 51.07
C ASP B 403 -51.39 1.06 52.34
N ALA B 404 -51.91 -0.17 52.15
CA ALA B 404 -52.38 -1.06 53.22
C ALA B 404 -51.26 -1.70 54.07
N VAL B 405 -50.02 -1.63 53.58
CA VAL B 405 -48.81 -2.02 54.35
C VAL B 405 -48.60 -1.06 55.55
N ALA B 406 -48.86 -1.59 56.74
CA ALA B 406 -48.51 -0.93 58.02
C ALA B 406 -47.00 -1.00 58.30
N ASP B 407 -46.51 -0.08 59.17
CA ASP B 407 -45.16 -0.08 59.73
C ASP B 407 -44.70 -1.42 60.33
N ALA B 408 -45.64 -2.08 61.03
CA ALA B 408 -45.46 -3.39 61.64
C ALA B 408 -45.17 -4.51 60.64
N ASP B 409 -45.81 -4.45 59.45
CA ASP B 409 -45.56 -5.38 58.34
C ASP B 409 -44.11 -5.28 57.81
N VAL B 410 -43.63 -4.04 57.65
CA VAL B 410 -42.24 -3.69 57.26
C VAL B 410 -41.21 -4.21 58.29
N ILE B 411 -41.51 -4.01 59.60
CA ILE B 411 -40.71 -4.54 60.73
C ILE B 411 -40.62 -6.08 60.71
N ASN B 412 -41.79 -6.73 60.62
CA ASN B 412 -41.92 -8.18 60.48
C ASN B 412 -41.19 -8.82 59.32
N ALA B 413 -41.24 -8.16 58.14
CA ALA B 413 -40.45 -8.54 56.95
C ALA B 413 -38.93 -8.48 57.20
N ALA B 414 -38.48 -7.39 57.84
CA ALA B 414 -37.10 -7.24 58.33
C ALA B 414 -36.67 -8.27 59.38
N LYS B 415 -37.61 -8.65 60.27
CA LYS B 415 -37.43 -9.71 61.27
C LYS B 415 -37.26 -11.10 60.69
N LYS B 416 -37.97 -11.37 59.59
CA LYS B 416 -37.91 -12.65 58.85
C LYS B 416 -36.56 -12.83 58.15
N PHE B 417 -36.03 -11.73 57.62
CA PHE B 417 -34.69 -11.67 57.08
C PHE B 417 -33.62 -12.02 58.11
N VAL B 418 -33.67 -11.34 59.26
CA VAL B 418 -32.66 -11.44 60.31
C VAL B 418 -32.61 -12.87 60.90
N SER B 419 -33.79 -13.46 61.17
CA SER B 419 -33.90 -14.82 61.72
C SER B 419 -33.83 -15.99 60.69
N GLY B 420 -33.95 -15.67 59.40
CA GLY B 420 -34.04 -16.66 58.33
C GLY B 420 -32.70 -17.23 57.96
N ARG B 421 -32.69 -18.55 57.67
CA ARG B 421 -31.56 -19.25 57.06
C ARG B 421 -31.10 -18.52 55.79
N LYS B 422 -29.81 -18.19 55.76
CA LYS B 422 -29.28 -17.29 54.75
C LYS B 422 -28.76 -17.95 53.51
N SER B 423 -28.82 -17.21 52.41
CA SER B 423 -28.08 -17.52 51.18
C SER B 423 -27.16 -16.40 50.82
N MET B 424 -25.96 -16.77 50.37
CA MET B 424 -24.90 -15.82 49.99
C MET B 424 -24.19 -16.23 48.73
N ALA B 425 -23.95 -15.25 47.85
CA ALA B 425 -23.01 -15.36 46.73
C ALA B 425 -22.06 -14.17 46.68
N ALA B 426 -20.78 -14.47 46.43
CA ALA B 426 -19.71 -13.47 46.35
C ALA B 426 -18.71 -13.80 45.27
N SER B 427 -18.35 -12.75 44.51
CA SER B 427 -17.21 -12.81 43.61
C SER B 427 -16.22 -11.67 43.81
N GLY B 428 -14.95 -11.98 43.68
CA GLY B 428 -13.86 -11.01 43.80
C GLY B 428 -12.66 -11.65 44.47
N ASN B 429 -11.79 -10.79 44.98
CA ASN B 429 -10.84 -11.16 46.00
C ASN B 429 -11.48 -11.28 47.39
N LEU B 430 -11.56 -12.52 47.85
CA LEU B 430 -12.44 -12.92 48.96
C LEU B 430 -11.79 -13.11 50.34
N GLY B 431 -10.49 -12.75 50.45
CA GLY B 431 -9.72 -12.77 51.69
C GLY B 431 -10.28 -12.04 52.90
N HIS B 432 -11.20 -11.11 52.66
CA HIS B 432 -11.85 -10.28 53.68
C HIS B 432 -13.38 -10.28 53.57
N THR B 433 -13.92 -11.20 52.76
CA THR B 433 -15.36 -11.46 52.62
C THR B 433 -15.79 -12.60 53.56
N PRO B 434 -16.70 -12.32 54.51
CA PRO B 434 -17.13 -13.33 55.51
C PRO B 434 -18.05 -14.47 54.97
N PHE B 435 -18.41 -15.42 55.85
CA PHE B 435 -18.86 -16.78 55.51
C PHE B 435 -20.27 -17.20 56.05
N ILE B 436 -21.25 -16.28 56.04
CA ILE B 436 -22.56 -16.46 56.77
C ILE B 436 -22.39 -16.67 58.30
N ASP B 437 -21.83 -17.82 58.69
CA ASP B 437 -21.04 -18.06 59.93
C ASP B 437 -20.58 -16.86 60.73
N GLU B 438 -20.01 -15.88 60.02
CA GLU B 438 -19.11 -14.85 60.55
C GLU B 438 -19.82 -13.49 60.59
N LEU B 439 -21.14 -13.54 60.36
CA LEU B 439 -21.99 -12.35 60.27
C LEU B 439 -22.76 -12.08 61.55
N THR C 2 -15.64 -10.33 1.32
CA THR C 2 -14.34 -10.53 0.61
C THR C 2 -14.24 -9.80 -0.75
N ASN C 3 -13.06 -9.24 -0.98
CA ASN C 3 -12.61 -8.74 -2.30
C ASN C 3 -12.33 -9.85 -3.30
N ILE C 4 -12.59 -9.55 -4.58
CA ILE C 4 -12.08 -10.33 -5.74
C ILE C 4 -10.53 -10.36 -5.78
N ARG C 5 -9.93 -9.18 -5.58
CA ARG C 5 -8.48 -8.91 -5.59
C ARG C 5 -7.64 -9.79 -4.64
N LYS C 6 -8.28 -10.26 -3.56
CA LYS C 6 -7.62 -10.87 -2.41
C LYS C 6 -7.49 -12.40 -2.46
N SER C 7 -8.40 -13.05 -3.20
CA SER C 7 -8.66 -14.50 -3.10
C SER C 7 -8.86 -15.23 -4.46
N HIS C 8 -9.08 -14.47 -5.54
CA HIS C 8 -8.90 -14.95 -6.92
C HIS C 8 -7.43 -15.44 -7.11
N PRO C 9 -7.23 -16.71 -7.55
CA PRO C 9 -5.92 -17.38 -7.48
C PRO C 9 -4.80 -16.70 -8.27
N LEU C 10 -5.17 -16.02 -9.35
CA LEU C 10 -4.28 -15.20 -10.15
C LEU C 10 -4.08 -13.78 -9.60
N MET C 11 -5.19 -13.11 -9.23
CA MET C 11 -5.17 -11.74 -8.70
C MET C 11 -4.54 -11.62 -7.31
N LYS C 12 -4.66 -12.70 -6.49
CA LYS C 12 -3.83 -13.01 -5.29
C LYS C 12 -2.35 -12.65 -5.44
N ILE C 13 -1.72 -13.16 -6.51
CA ILE C 13 -0.27 -12.99 -6.78
C ILE C 13 0.07 -11.52 -7.07
N VAL C 14 -0.72 -10.88 -7.93
CA VAL C 14 -0.65 -9.43 -8.26
C VAL C 14 -0.87 -8.58 -6.99
N ASN C 15 -1.87 -8.97 -6.17
CA ASN C 15 -2.17 -8.31 -4.88
C ASN C 15 -1.00 -8.27 -3.91
N ASN C 16 -0.38 -9.44 -3.71
CA ASN C 16 0.74 -9.64 -2.77
C ASN C 16 2.08 -9.10 -3.25
N ALA C 17 2.18 -8.83 -4.57
CA ALA C 17 3.38 -8.25 -5.20
C ALA C 17 3.34 -6.73 -5.44
N PHE C 18 2.17 -6.19 -5.80
CA PHE C 18 2.02 -4.83 -6.35
C PHE C 18 0.96 -3.91 -5.71
N ILE C 19 0.08 -4.46 -4.87
CA ILE C 19 -1.02 -3.67 -4.26
C ILE C 19 -0.92 -3.55 -2.74
N ASP C 20 -0.96 -4.71 -2.08
CA ASP C 20 -1.11 -4.80 -0.63
C ASP C 20 0.22 -5.13 0.07
N LEU C 21 1.28 -5.23 -0.74
CA LEU C 21 2.62 -5.52 -0.28
C LEU C 21 3.09 -4.44 0.72
N PRO C 22 3.31 -4.86 2.00
CA PRO C 22 3.89 -3.94 3.00
C PRO C 22 5.28 -3.51 2.57
N ALA C 23 5.43 -2.19 2.38
CA ALA C 23 6.68 -1.59 1.92
C ALA C 23 7.21 -0.56 2.95
N PRO C 24 8.54 -0.42 3.12
CA PRO C 24 9.08 0.65 4.00
C PRO C 24 8.61 2.01 3.53
N SER C 25 8.06 2.78 4.46
CA SER C 25 7.76 4.21 4.25
C SER C 25 8.91 5.05 3.64
N ASN C 26 10.16 4.66 3.94
CA ASN C 26 11.37 5.50 3.79
C ASN C 26 12.34 5.14 2.64
N ILE C 27 11.99 4.12 1.83
CA ILE C 27 12.81 3.75 0.64
C ILE C 27 12.92 4.84 -0.41
N SER C 28 14.17 5.13 -0.76
CA SER C 28 14.54 6.24 -1.64
C SER C 28 14.46 5.86 -3.13
N SER C 29 14.61 6.89 -3.99
CA SER C 29 15.18 6.84 -5.35
C SER C 29 15.99 5.62 -5.78
N TRP C 30 16.88 5.15 -4.91
CA TRP C 30 17.75 4.00 -5.17
C TRP C 30 17.05 2.64 -5.26
N TRP C 31 15.83 2.59 -4.69
CA TRP C 31 14.93 1.45 -4.76
C TRP C 31 14.07 1.44 -6.04
N ASN C 32 14.09 2.54 -6.83
CA ASN C 32 13.41 2.58 -8.15
C ASN C 32 13.97 1.66 -9.23
N PHE C 33 15.23 1.23 -9.08
CA PHE C 33 15.98 0.51 -10.13
C PHE C 33 15.55 -0.92 -10.42
N GLY C 34 14.84 -1.54 -9.47
CA GLY C 34 14.26 -2.87 -9.67
C GLY C 34 13.14 -2.93 -10.66
N SER C 35 12.11 -2.09 -10.44
CA SER C 35 11.04 -1.85 -11.44
C SER C 35 11.60 -1.37 -12.80
N LEU C 36 12.64 -0.51 -12.74
CA LEU C 36 13.35 0.00 -13.92
C LEU C 36 14.09 -1.03 -14.73
N LEU C 37 14.76 -1.96 -14.04
CA LEU C 37 15.26 -3.20 -14.64
C LEU C 37 14.20 -4.11 -15.29
N GLY C 38 13.02 -4.20 -14.68
CA GLY C 38 11.85 -4.92 -15.24
C GLY C 38 11.30 -4.26 -16.50
N ILE C 39 11.06 -2.94 -16.44
CA ILE C 39 10.83 -2.06 -17.62
C ILE C 39 11.87 -2.23 -18.76
N CYS C 40 13.15 -2.27 -18.38
CA CYS C 40 14.28 -2.49 -19.32
C CYS C 40 14.23 -3.82 -20.03
N LEU C 41 13.85 -4.87 -19.29
CA LEU C 41 13.63 -6.20 -19.81
C LEU C 41 12.48 -6.31 -20.82
N ILE C 42 11.32 -5.73 -20.46
CA ILE C 42 10.18 -5.68 -21.40
C ILE C 42 10.40 -4.82 -22.65
N LEU C 43 11.15 -3.72 -22.47
CA LEU C 43 11.61 -2.87 -23.58
C LEU C 43 12.53 -3.62 -24.55
N GLN C 44 13.50 -4.35 -24.01
CA GLN C 44 14.38 -5.23 -24.77
C GLN C 44 13.66 -6.40 -25.47
N ILE C 45 12.65 -6.95 -24.81
CA ILE C 45 11.74 -7.95 -25.38
C ILE C 45 10.94 -7.48 -26.60
N LEU C 46 10.28 -6.32 -26.45
CA LEU C 46 9.33 -5.80 -27.45
C LEU C 46 10.03 -5.31 -28.72
N THR C 47 11.01 -4.39 -28.56
CA THR C 47 11.88 -3.88 -29.64
C THR C 47 12.67 -5.00 -30.33
N GLY C 48 13.21 -5.93 -29.53
CA GLY C 48 13.91 -7.11 -30.00
C GLY C 48 13.12 -8.07 -30.85
N LEU C 49 11.86 -8.35 -30.46
CA LEU C 49 10.92 -9.12 -31.29
C LEU C 49 10.64 -8.47 -32.65
N PHE C 50 10.46 -7.15 -32.64
CA PHE C 50 10.17 -6.36 -33.84
C PHE C 50 11.39 -6.19 -34.76
N LEU C 51 12.59 -6.24 -34.17
CA LEU C 51 13.85 -6.46 -34.91
C LEU C 51 14.03 -7.86 -35.49
N ALA C 52 13.58 -8.88 -34.74
CA ALA C 52 13.67 -10.30 -35.15
C ALA C 52 12.74 -10.65 -36.34
N MET C 53 11.72 -9.81 -36.50
CA MET C 53 10.78 -9.81 -37.63
C MET C 53 11.40 -9.44 -38.99
N HIS C 54 12.63 -8.90 -38.98
CA HIS C 54 13.30 -8.35 -40.18
C HIS C 54 14.79 -8.75 -40.33
N TYR C 55 15.49 -8.89 -39.20
CA TYR C 55 16.85 -9.43 -39.13
C TYR C 55 16.94 -10.87 -39.66
N THR C 56 17.95 -11.12 -40.49
CA THR C 56 18.41 -12.46 -40.87
C THR C 56 19.82 -12.74 -40.34
N SER C 57 20.08 -14.00 -39.99
CA SER C 57 21.27 -14.41 -39.22
C SER C 57 22.39 -15.16 -40.02
N ASP C 58 22.47 -14.87 -41.32
CA ASP C 58 23.59 -15.33 -42.17
C ASP C 58 24.62 -14.22 -42.32
N THR C 59 25.89 -14.63 -42.41
CA THR C 59 27.08 -13.74 -42.58
C THR C 59 26.99 -12.84 -43.82
N THR C 60 26.42 -13.40 -44.90
CA THR C 60 26.18 -12.71 -46.18
C THR C 60 25.14 -11.59 -46.12
N THR C 61 24.23 -11.66 -45.13
CA THR C 61 23.01 -10.84 -45.07
C THR C 61 22.69 -10.11 -43.73
N ALA C 62 23.51 -10.38 -42.68
CA ALA C 62 23.31 -9.88 -41.31
C ALA C 62 23.43 -8.35 -41.18
N PHE C 63 24.52 -7.80 -41.75
CA PHE C 63 24.75 -6.35 -41.88
C PHE C 63 23.69 -5.64 -42.72
N SER C 64 23.36 -6.26 -43.87
CA SER C 64 22.38 -5.75 -44.83
C SER C 64 20.96 -5.69 -44.27
N SER C 65 20.54 -6.73 -43.53
CA SER C 65 19.24 -6.77 -42.86
C SER C 65 19.07 -5.73 -41.76
N VAL C 66 20.16 -5.43 -41.03
CA VAL C 66 20.21 -4.35 -40.03
C VAL C 66 20.09 -2.96 -40.70
N THR C 67 20.82 -2.78 -41.81
CA THR C 67 20.69 -1.62 -42.74
C THR C 67 19.24 -1.44 -43.28
N HIS C 68 18.64 -2.56 -43.72
CA HIS C 68 17.25 -2.64 -44.19
C HIS C 68 16.22 -2.14 -43.15
N ILE C 69 16.45 -2.49 -41.87
CA ILE C 69 15.66 -2.01 -40.72
C ILE C 69 15.69 -0.46 -40.64
N CYS C 70 16.89 0.10 -40.78
CA CYS C 70 17.17 1.51 -40.54
C CYS C 70 16.80 2.48 -41.66
N ARG C 71 16.78 2.00 -42.92
CA ARG C 71 16.31 2.80 -44.09
C ARG C 71 14.88 2.52 -44.50
N ASP C 72 14.54 1.23 -44.63
CA ASP C 72 13.40 0.77 -45.42
C ASP C 72 12.17 0.39 -44.63
N VAL C 73 12.39 -0.35 -43.52
CA VAL C 73 11.34 -0.74 -42.54
C VAL C 73 10.83 0.53 -41.85
N ASN C 74 9.51 0.76 -41.94
CA ASN C 74 8.81 1.90 -41.28
C ASN C 74 9.13 1.96 -39.80
N TYR C 75 9.81 3.05 -39.42
CA TYR C 75 10.24 3.31 -38.02
C TYR C 75 11.21 2.25 -37.43
N GLY C 76 11.89 1.51 -38.32
CA GLY C 76 12.90 0.53 -37.95
C GLY C 76 14.08 1.12 -37.21
N TRP C 77 14.48 2.34 -37.61
CA TRP C 77 15.48 3.15 -36.93
C TRP C 77 15.25 3.43 -35.43
N ILE C 78 14.02 3.87 -35.04
CA ILE C 78 13.69 4.08 -33.59
C ILE C 78 13.72 2.79 -32.79
N ILE C 79 13.14 1.71 -33.37
CA ILE C 79 13.14 0.36 -32.75
C ILE C 79 14.58 -0.17 -32.54
N ARG C 80 15.40 -0.10 -33.61
CA ARG C 80 16.85 -0.44 -33.56
C ARG C 80 17.62 0.33 -32.49
N TYR C 81 17.43 1.65 -32.45
CA TYR C 81 18.14 2.54 -31.53
C TYR C 81 17.62 2.49 -30.10
N MET C 82 16.31 2.27 -29.94
CA MET C 82 15.66 1.95 -28.64
C MET C 82 16.24 0.70 -28.01
N HIS C 83 16.52 -0.29 -28.86
CA HIS C 83 17.14 -1.54 -28.48
C HIS C 83 18.60 -1.42 -28.05
N ALA C 84 19.43 -0.78 -28.90
CA ALA C 84 20.87 -0.53 -28.67
C ALA C 84 21.11 0.29 -27.40
N ASN C 85 20.34 1.36 -27.26
CA ASN C 85 20.41 2.25 -26.10
C ASN C 85 19.68 1.75 -24.86
N GLY C 86 18.67 0.89 -25.07
CA GLY C 86 18.01 0.13 -24.02
C GLY C 86 18.90 -0.84 -23.28
N ALA C 87 19.74 -1.57 -24.04
CA ALA C 87 20.88 -2.34 -23.53
C ALA C 87 21.83 -1.57 -22.62
N SER C 88 22.11 -0.31 -22.97
CA SER C 88 22.92 0.58 -22.15
C SER C 88 22.22 1.05 -20.87
N MET C 89 20.97 1.52 -21.01
CA MET C 89 20.00 1.72 -19.92
C MET C 89 19.86 0.56 -18.93
N PHE C 90 19.80 -0.68 -19.47
CA PHE C 90 19.81 -1.93 -18.71
C PHE C 90 21.04 -2.05 -17.80
N PHE C 91 22.23 -1.77 -18.35
CA PHE C 91 23.48 -1.79 -17.59
C PHE C 91 23.67 -0.64 -16.62
N ILE C 92 23.10 0.53 -16.95
CA ILE C 92 23.08 1.72 -16.04
C ILE C 92 22.25 1.42 -14.78
N CYS C 93 21.08 0.77 -15.02
CA CYS C 93 20.15 0.35 -13.98
C CYS C 93 20.66 -0.81 -13.16
N LEU C 94 21.34 -1.76 -13.82
CA LEU C 94 22.02 -2.88 -13.17
C LEU C 94 23.06 -2.44 -12.14
N TYR C 95 23.83 -1.41 -12.52
CA TYR C 95 24.98 -0.95 -11.74
C TYR C 95 24.59 -0.10 -10.54
N MET C 96 23.58 0.77 -10.74
CA MET C 96 22.90 1.54 -9.68
C MET C 96 22.24 0.64 -8.61
N HIS C 97 21.61 -0.44 -9.11
CA HIS C 97 20.91 -1.45 -8.32
C HIS C 97 21.86 -2.30 -7.46
N VAL C 98 22.95 -2.80 -8.08
CA VAL C 98 24.04 -3.52 -7.37
C VAL C 98 24.68 -2.61 -6.29
N GLY C 99 24.96 -1.36 -6.69
CA GLY C 99 25.60 -0.38 -5.82
C GLY C 99 24.78 -0.02 -4.60
N ARG C 100 23.46 0.12 -4.80
CA ARG C 100 22.46 0.24 -3.73
C ARG C 100 22.60 -0.94 -2.73
N GLY C 101 22.52 -2.18 -3.25
CA GLY C 101 22.72 -3.42 -2.50
C GLY C 101 23.97 -3.48 -1.62
N LEU C 102 25.08 -3.00 -2.19
CA LEU C 102 26.40 -2.96 -1.56
C LEU C 102 26.44 -1.99 -0.37
N TYR C 103 25.96 -0.77 -0.63
CA TYR C 103 26.00 0.33 0.31
C TYR C 103 25.04 0.09 1.50
N TYR C 104 23.84 -0.42 1.18
CA TYR C 104 22.74 -0.54 2.15
C TYR C 104 22.63 -1.89 2.84
N GLY C 105 23.57 -2.80 2.54
CA GLY C 105 23.62 -4.14 3.11
C GLY C 105 22.47 -5.06 2.69
N SER C 106 21.88 -4.77 1.54
CA SER C 106 20.76 -5.54 0.96
C SER C 106 21.12 -6.98 0.57
N TYR C 107 22.43 -7.21 0.41
CA TYR C 107 23.05 -8.52 0.22
C TYR C 107 22.89 -9.55 1.37
N THR C 108 22.51 -9.07 2.57
CA THR C 108 22.12 -9.97 3.69
C THR C 108 20.92 -10.87 3.40
N PHE C 109 20.03 -10.44 2.49
CA PHE C 109 19.09 -11.34 1.78
C PHE C 109 19.86 -12.29 0.84
N LEU C 110 20.45 -13.34 1.42
CA LEU C 110 21.40 -14.25 0.71
C LEU C 110 20.91 -14.74 -0.66
N GLU C 111 19.70 -15.31 -0.66
CA GLU C 111 19.12 -15.99 -1.84
C GLU C 111 18.74 -14.97 -2.90
N THR C 112 18.14 -13.83 -2.48
CA THR C 112 17.75 -12.70 -3.35
C THR C 112 19.00 -12.14 -4.07
N TRP C 113 20.08 -11.91 -3.32
CA TRP C 113 21.35 -11.41 -3.81
C TRP C 113 22.01 -12.38 -4.78
N ASN C 114 22.12 -13.65 -4.37
CA ASN C 114 22.77 -14.70 -5.15
C ASN C 114 22.10 -15.00 -6.50
N ILE C 115 20.80 -14.78 -6.55
CA ILE C 115 20.01 -14.83 -7.78
C ILE C 115 20.26 -13.59 -8.65
N GLY C 116 20.48 -12.43 -8.00
CA GLY C 116 20.82 -11.19 -8.68
C GLY C 116 22.15 -11.25 -9.43
N VAL C 117 23.11 -11.96 -8.84
CA VAL C 117 24.41 -12.31 -9.45
C VAL C 117 24.19 -13.12 -10.75
N ILE C 118 23.35 -14.17 -10.65
CA ILE C 118 22.95 -14.99 -11.79
C ILE C 118 22.29 -14.15 -12.88
N LEU C 119 21.38 -13.26 -12.44
CA LEU C 119 20.77 -12.23 -13.30
C LEU C 119 21.73 -11.33 -14.01
N LEU C 120 22.79 -10.91 -13.30
CA LEU C 120 23.87 -10.12 -13.89
C LEU C 120 24.71 -10.88 -14.94
N LEU C 121 25.16 -12.09 -14.60
CA LEU C 121 25.88 -12.98 -15.55
C LEU C 121 25.08 -13.40 -16.79
N THR C 122 23.75 -13.44 -16.62
CA THR C 122 22.81 -13.80 -17.69
C THR C 122 22.53 -12.63 -18.64
N VAL C 123 22.37 -11.40 -18.11
CA VAL C 123 22.28 -10.21 -19.00
C VAL C 123 23.56 -9.83 -19.75
N MET C 124 24.69 -10.06 -19.08
CA MET C 124 26.03 -9.94 -19.67
C MET C 124 26.24 -10.86 -20.89
N ALA C 125 25.88 -12.15 -20.72
CA ALA C 125 25.90 -13.15 -21.79
C ALA C 125 24.91 -12.80 -22.90
N THR C 126 23.74 -12.29 -22.50
CA THR C 126 22.70 -11.80 -23.42
C THR C 126 23.17 -10.66 -24.32
N ALA C 127 23.77 -9.63 -23.71
CA ALA C 127 24.15 -8.41 -24.42
C ALA C 127 25.39 -8.57 -25.27
N PHE C 128 26.32 -9.44 -24.82
CA PHE C 128 27.45 -9.92 -25.64
C PHE C 128 26.99 -10.55 -26.96
N MET C 129 26.09 -11.52 -26.88
CA MET C 129 25.63 -12.30 -28.04
C MET C 129 24.81 -11.48 -29.05
N GLY C 130 24.04 -10.51 -28.54
CA GLY C 130 23.35 -9.51 -29.34
C GLY C 130 24.22 -8.57 -30.14
N TYR C 131 25.23 -8.00 -29.47
CA TYR C 131 26.22 -7.09 -30.11
C TYR C 131 26.98 -7.67 -31.32
N VAL C 132 27.28 -8.97 -31.26
CA VAL C 132 27.74 -9.82 -32.39
C VAL C 132 26.80 -9.76 -33.63
N LEU C 133 25.49 -9.76 -33.38
CA LEU C 133 24.46 -9.95 -34.43
C LEU C 133 24.47 -9.06 -35.70
N PRO C 134 24.69 -7.72 -35.61
CA PRO C 134 24.77 -6.89 -36.83
C PRO C 134 26.02 -7.10 -37.72
N TRP C 135 27.01 -7.89 -37.24
CA TRP C 135 28.20 -8.33 -38.00
C TRP C 135 29.05 -7.18 -38.58
N GLY C 136 29.20 -6.15 -37.74
CA GLY C 136 30.25 -5.14 -37.87
C GLY C 136 31.61 -5.65 -37.44
N GLN C 137 32.63 -4.79 -37.62
CA GLN C 137 34.00 -5.08 -37.19
C GLN C 137 34.18 -5.34 -35.69
N MET C 138 33.47 -4.55 -34.86
CA MET C 138 33.53 -4.70 -33.40
C MET C 138 32.75 -5.90 -32.90
N SER C 139 31.61 -6.16 -33.55
CA SER C 139 30.85 -7.42 -33.46
C SER C 139 31.75 -8.66 -33.58
N PHE C 140 32.58 -8.68 -34.64
CA PHE C 140 33.43 -9.82 -34.99
C PHE C 140 34.62 -10.02 -34.04
N TRP C 141 35.40 -8.95 -33.85
CA TRP C 141 36.60 -8.98 -32.99
C TRP C 141 36.30 -9.02 -31.49
N GLY C 142 35.20 -8.37 -31.09
CA GLY C 142 34.56 -8.57 -29.80
C GLY C 142 34.12 -10.01 -29.56
N ALA C 143 33.43 -10.61 -30.55
CA ALA C 143 33.16 -12.08 -30.58
C ALA C 143 34.42 -12.93 -30.45
N THR C 144 35.49 -12.53 -31.13
CA THR C 144 36.78 -13.23 -31.14
C THR C 144 37.47 -13.22 -29.77
N VAL C 145 37.54 -12.03 -29.14
CA VAL C 145 38.25 -11.80 -27.88
C VAL C 145 37.58 -12.52 -26.68
N ILE C 146 36.26 -12.34 -26.57
CA ILE C 146 35.41 -12.93 -25.49
C ILE C 146 35.37 -14.46 -25.56
N THR C 147 35.13 -15.00 -26.76
CA THR C 147 35.06 -16.46 -26.97
C THR C 147 36.38 -17.15 -26.66
N ASN C 148 37.49 -16.49 -27.02
CA ASN C 148 38.83 -16.95 -26.71
C ASN C 148 39.26 -16.96 -25.24
N LEU C 149 38.51 -16.23 -24.39
CA LEU C 149 38.67 -16.28 -22.92
C LEU C 149 38.53 -17.69 -22.32
N LEU C 150 37.66 -18.49 -22.94
CA LEU C 150 37.48 -19.90 -22.64
C LEU C 150 38.67 -20.82 -22.95
N SER C 151 39.53 -20.42 -23.92
CA SER C 151 40.72 -21.21 -24.35
C SER C 151 41.87 -21.26 -23.32
N ALA C 152 41.78 -20.37 -22.32
CA ALA C 152 42.69 -20.33 -21.16
C ALA C 152 42.49 -21.44 -20.14
N ILE C 153 41.27 -22.01 -20.11
CA ILE C 153 40.94 -23.19 -19.26
C ILE C 153 41.90 -24.37 -19.60
N PRO C 154 42.72 -24.82 -18.61
CA PRO C 154 43.66 -25.95 -18.80
C PRO C 154 43.01 -27.24 -19.36
N TYR C 155 43.70 -27.87 -20.31
CA TYR C 155 43.38 -29.22 -20.86
C TYR C 155 42.20 -29.27 -21.84
N ILE C 156 41.06 -28.70 -21.43
CA ILE C 156 39.79 -28.73 -22.19
C ILE C 156 39.42 -27.47 -23.00
N GLY C 157 40.25 -26.43 -22.86
CA GLY C 157 39.94 -25.06 -23.28
C GLY C 157 39.71 -24.87 -24.77
N THR C 158 40.64 -25.38 -25.59
CA THR C 158 40.56 -25.39 -27.08
C THR C 158 39.32 -26.13 -27.61
N ASN C 159 39.05 -27.32 -27.06
CA ASN C 159 37.88 -28.14 -27.38
C ASN C 159 36.53 -27.45 -27.08
N LEU C 160 36.52 -26.66 -26.01
CA LEU C 160 35.37 -25.86 -25.56
C LEU C 160 35.01 -24.69 -26.48
N VAL C 161 36.04 -23.96 -26.93
CA VAL C 161 35.88 -22.77 -27.81
C VAL C 161 35.47 -23.16 -29.26
N GLU C 162 36.18 -24.14 -29.82
CA GLU C 162 35.84 -24.76 -31.12
C GLU C 162 34.41 -25.34 -31.17
N TRP C 163 33.97 -25.93 -30.04
CA TRP C 163 32.57 -26.35 -29.81
C TRP C 163 31.55 -25.21 -29.84
N ILE C 164 31.86 -24.09 -29.17
CA ILE C 164 31.00 -22.91 -29.25
C ILE C 164 31.06 -22.06 -30.52
N TRP C 165 32.21 -22.12 -31.22
CA TRP C 165 32.33 -21.63 -32.61
C TRP C 165 31.50 -22.44 -33.62
N GLY C 166 31.55 -23.77 -33.49
CA GLY C 166 31.13 -24.71 -34.54
C GLY C 166 32.06 -24.74 -35.75
N GLY C 167 33.37 -24.78 -35.47
CA GLY C 167 34.43 -24.46 -36.43
C GLY C 167 35.73 -23.93 -35.81
N PHE C 168 36.67 -23.53 -36.68
CA PHE C 168 38.04 -23.16 -36.29
C PHE C 168 38.21 -21.67 -35.95
N SER C 169 37.22 -20.86 -36.34
CA SER C 169 36.99 -19.48 -35.85
C SER C 169 35.47 -19.14 -35.75
N VAL C 170 35.17 -17.98 -35.15
CA VAL C 170 33.90 -17.22 -35.30
C VAL C 170 33.54 -17.09 -36.80
N ASP C 171 32.39 -17.68 -37.17
CA ASP C 171 32.00 -17.93 -38.56
C ASP C 171 30.46 -18.00 -38.74
N LYS C 172 29.99 -18.68 -39.81
CA LYS C 172 28.57 -18.93 -40.12
C LYS C 172 27.79 -19.56 -38.94
N ALA C 173 28.37 -20.65 -38.39
CA ALA C 173 27.82 -21.46 -37.30
C ALA C 173 27.66 -20.67 -36.00
N THR C 174 28.62 -19.76 -35.77
CA THR C 174 28.70 -18.91 -34.59
C THR C 174 27.58 -17.86 -34.54
N LEU C 175 27.35 -17.14 -35.65
CA LEU C 175 26.35 -16.06 -35.71
C LEU C 175 24.90 -16.52 -35.50
N THR C 176 24.55 -17.63 -36.14
CA THR C 176 23.20 -18.21 -36.14
C THR C 176 22.85 -18.75 -34.73
N ARG C 177 23.74 -19.57 -34.17
CA ARG C 177 23.88 -19.91 -32.74
C ARG C 177 23.55 -18.77 -31.80
N PHE C 178 24.23 -17.64 -32.02
CA PHE C 178 24.17 -16.46 -31.17
C PHE C 178 22.82 -15.78 -31.23
N PHE C 179 22.20 -15.80 -32.41
CA PHE C 179 20.80 -15.34 -32.61
C PHE C 179 19.78 -16.15 -31.82
N ALA C 180 19.94 -17.48 -31.85
CA ALA C 180 19.09 -18.45 -31.14
C ALA C 180 19.23 -18.34 -29.61
N PHE C 181 20.49 -18.28 -29.14
CA PHE C 181 20.82 -18.09 -27.71
C PHE C 181 20.39 -16.73 -27.16
N HIS C 182 20.50 -15.69 -28.00
CA HIS C 182 20.11 -14.32 -27.67
C HIS C 182 18.58 -14.12 -27.60
N PHE C 183 17.86 -14.87 -28.42
CA PHE C 183 16.40 -14.94 -28.36
C PHE C 183 15.89 -15.63 -27.07
N ILE C 184 16.42 -16.82 -26.76
CA ILE C 184 15.97 -17.62 -25.60
C ILE C 184 16.30 -17.00 -24.20
N LEU C 185 17.51 -16.44 -24.05
CA LEU C 185 18.05 -16.04 -22.73
C LEU C 185 17.25 -14.95 -21.95
N PRO C 186 16.65 -13.93 -22.61
CA PRO C 186 15.77 -12.97 -21.89
C PRO C 186 14.47 -13.51 -21.33
N PHE C 187 13.99 -14.63 -21.88
CA PHE C 187 12.85 -15.37 -21.33
C PHE C 187 13.22 -16.20 -20.10
N ILE C 188 14.41 -16.80 -20.14
CA ILE C 188 15.10 -17.37 -18.97
C ILE C 188 15.36 -16.31 -17.86
N ILE C 189 15.89 -15.13 -18.26
CA ILE C 189 16.03 -13.93 -17.38
C ILE C 189 14.71 -13.59 -16.66
N MET C 190 13.63 -13.48 -17.44
CA MET C 190 12.27 -13.20 -16.95
C MET C 190 11.76 -14.17 -15.87
N ALA C 191 12.08 -15.46 -16.06
CA ALA C 191 11.80 -16.53 -15.09
C ALA C 191 12.65 -16.43 -13.80
N ILE C 192 13.97 -16.21 -13.96
CA ILE C 192 14.90 -15.97 -12.83
C ILE C 192 14.56 -14.65 -12.06
N ALA C 193 14.04 -13.65 -12.78
CA ALA C 193 13.56 -12.38 -12.17
C ALA C 193 12.30 -12.56 -11.31
N MET C 194 11.44 -13.52 -11.69
CA MET C 194 10.30 -13.93 -10.87
C MET C 194 10.67 -14.66 -9.58
N VAL C 195 11.67 -15.55 -9.69
CA VAL C 195 12.32 -16.27 -8.56
C VAL C 195 13.04 -15.30 -7.60
N HIS C 196 13.72 -14.31 -8.16
CA HIS C 196 14.34 -13.17 -7.44
C HIS C 196 13.33 -12.43 -6.56
N LEU C 197 12.16 -12.13 -7.14
CA LEU C 197 11.07 -11.39 -6.50
C LEU C 197 10.32 -12.20 -5.45
N LEU C 198 10.24 -13.52 -5.67
CA LEU C 198 9.73 -14.49 -4.71
C LEU C 198 10.55 -14.54 -3.42
N PHE C 199 11.87 -14.74 -3.55
CA PHE C 199 12.82 -14.66 -2.42
C PHE C 199 12.80 -13.37 -1.63
N LEU C 200 12.62 -12.25 -2.35
CA LEU C 200 12.49 -10.91 -1.73
C LEU C 200 11.23 -10.73 -0.87
N HIS C 201 10.09 -11.23 -1.36
CA HIS C 201 8.81 -11.18 -0.67
C HIS C 201 8.70 -11.98 0.63
N GLU C 202 9.64 -12.92 0.86
CA GLU C 202 9.87 -13.54 2.19
C GLU C 202 10.20 -12.54 3.29
N THR C 203 10.95 -11.49 2.95
CA THR C 203 11.43 -10.51 3.93
C THR C 203 10.83 -9.11 3.76
N GLY C 204 10.41 -8.79 2.52
CA GLY C 204 10.24 -7.43 2.04
C GLY C 204 11.56 -6.70 1.89
N SER C 205 11.43 -5.43 1.60
CA SER C 205 12.54 -4.58 1.29
C SER C 205 13.35 -4.18 2.55
N ASN C 206 14.66 -4.07 2.35
CA ASN C 206 15.53 -3.23 3.18
C ASN C 206 15.22 -1.73 2.95
N ASN C 207 15.79 -0.87 3.78
CA ASN C 207 15.60 0.58 3.68
C ASN C 207 16.93 1.34 3.88
N PRO C 208 16.98 2.67 3.59
CA PRO C 208 18.20 3.47 3.84
C PRO C 208 18.88 3.30 5.20
N THR C 209 18.10 3.19 6.29
CA THR C 209 18.64 3.12 7.66
C THR C 209 19.27 1.76 8.04
N GLY C 210 18.95 0.70 7.27
CA GLY C 210 19.28 -0.70 7.60
C GLY C 210 18.63 -1.30 8.84
N ILE C 211 17.65 -0.56 9.40
CA ILE C 211 16.91 -0.96 10.59
C ILE C 211 15.57 -1.49 10.08
N SER C 212 15.12 -2.60 10.66
CA SER C 212 13.72 -3.13 10.50
C SER C 212 12.63 -2.06 10.55
N SER C 213 11.79 -2.13 9.53
CA SER C 213 10.74 -1.15 9.23
C SER C 213 9.30 -1.68 9.38
N ASP C 214 9.15 -2.84 10.04
CA ASP C 214 7.84 -3.46 10.43
C ASP C 214 6.88 -2.56 11.19
N VAL C 215 7.46 -1.58 11.90
CA VAL C 215 6.83 -0.57 12.75
C VAL C 215 6.21 0.56 11.86
N ASP C 216 6.62 0.63 10.58
CA ASP C 216 6.30 1.74 9.67
C ASP C 216 6.25 1.34 8.19
N LYS C 217 5.36 0.37 7.91
CA LYS C 217 5.08 -0.11 6.57
C LYS C 217 3.89 0.62 6.01
N ILE C 218 3.98 0.90 4.71
CA ILE C 218 2.88 1.46 3.91
C ILE C 218 2.49 0.48 2.77
N PRO C 219 1.24 0.52 2.24
CA PRO C 219 0.92 -0.31 1.06
C PRO C 219 1.65 0.19 -0.17
N PHE C 220 2.20 -0.76 -0.94
CA PHE C 220 2.83 -0.52 -2.25
C PHE C 220 2.02 0.39 -3.19
N HIS C 221 0.70 0.15 -3.26
CA HIS C 221 -0.24 1.02 -3.97
C HIS C 221 -0.99 1.90 -2.95
N PRO C 222 -1.10 3.24 -3.12
CA PRO C 222 -0.72 4.00 -4.33
C PRO C 222 0.76 4.49 -4.40
N TYR C 223 1.51 4.31 -3.31
CA TYR C 223 2.72 5.07 -3.05
C TYR C 223 3.87 4.74 -3.98
N TYR C 224 4.21 3.45 -4.07
CA TYR C 224 5.27 2.99 -4.95
C TYR C 224 4.81 2.62 -6.35
N THR C 225 3.49 2.59 -6.57
CA THR C 225 2.96 2.55 -7.93
C THR C 225 3.18 3.88 -8.65
N ILE C 226 2.87 4.99 -7.98
CA ILE C 226 3.13 6.33 -8.51
C ILE C 226 4.60 6.78 -8.51
N LYS C 227 5.35 6.38 -7.47
CA LYS C 227 6.82 6.57 -7.42
C LYS C 227 7.55 5.80 -8.54
N ASP C 228 7.07 4.58 -8.86
CA ASP C 228 7.63 3.76 -9.96
C ASP C 228 7.26 4.28 -11.35
N ILE C 229 6.03 4.83 -11.48
CA ILE C 229 5.58 5.55 -12.69
C ILE C 229 6.51 6.73 -13.02
N LEU C 230 6.77 7.59 -12.03
CA LEU C 230 7.70 8.73 -12.15
C LEU C 230 9.12 8.30 -12.52
N GLY C 231 9.59 7.23 -11.89
CA GLY C 231 10.85 6.57 -12.22
C GLY C 231 10.94 6.09 -13.66
N ALA C 232 9.85 5.48 -14.16
CA ALA C 232 9.74 5.00 -15.55
C ALA C 232 9.79 6.12 -16.60
N LEU C 233 9.12 7.24 -16.30
CA LEU C 233 9.11 8.42 -17.15
C LEU C 233 10.49 9.15 -17.20
N LEU C 234 11.25 9.07 -16.11
CA LEU C 234 12.66 9.46 -16.08
C LEU C 234 13.60 8.54 -16.86
N LEU C 235 13.33 7.23 -16.82
CA LEU C 235 13.97 6.25 -17.73
C LEU C 235 13.66 6.50 -19.21
N ILE C 236 12.39 6.77 -19.52
CA ILE C 236 11.98 7.13 -20.90
C ILE C 236 12.68 8.40 -21.44
N LEU C 237 12.79 9.43 -20.59
CA LEU C 237 13.53 10.67 -20.91
C LEU C 237 15.00 10.42 -21.29
N ALA C 238 15.70 9.68 -20.43
CA ALA C 238 17.11 9.30 -20.60
C ALA C 238 17.38 8.39 -21.82
N LEU C 239 16.50 7.39 -22.03
CA LEU C 239 16.50 6.55 -23.24
C LEU C 239 16.23 7.34 -24.54
N MET C 240 15.20 8.19 -24.54
CA MET C 240 14.81 9.00 -25.72
C MET C 240 15.79 10.09 -26.11
N LEU C 241 16.42 10.71 -25.11
CA LEU C 241 17.60 11.58 -25.28
C LEU C 241 18.74 10.92 -26.06
N LEU C 242 19.03 9.65 -25.71
CA LEU C 242 19.97 8.81 -26.44
C LEU C 242 19.52 8.50 -27.88
N VAL C 243 18.28 8.02 -28.06
CA VAL C 243 17.78 7.66 -29.40
C VAL C 243 17.51 8.80 -30.39
N LEU C 244 17.01 9.93 -29.87
CA LEU C 244 16.54 11.05 -30.71
C LEU C 244 17.52 12.22 -30.85
N PHE C 245 18.59 12.21 -30.05
CA PHE C 245 19.62 13.26 -30.07
C PHE C 245 21.08 12.82 -30.18
N ALA C 246 21.40 11.65 -29.62
CA ALA C 246 22.76 11.08 -29.71
C ALA C 246 22.83 9.53 -29.95
N PRO C 247 22.25 9.03 -31.09
CA PRO C 247 22.09 7.57 -31.30
C PRO C 247 23.39 6.77 -31.46
N ASP C 248 24.48 7.46 -31.81
CA ASP C 248 25.82 6.87 -32.04
C ASP C 248 26.86 7.14 -30.91
N LEU C 249 26.41 7.79 -29.82
CA LEU C 249 27.29 8.33 -28.75
C LEU C 249 28.05 7.23 -28.01
N LEU C 250 27.36 6.10 -27.79
CA LEU C 250 27.86 4.94 -27.06
C LEU C 250 28.32 3.80 -27.98
N GLY C 251 27.90 3.88 -29.27
CA GLY C 251 28.36 3.02 -30.34
C GLY C 251 29.78 3.31 -30.82
N ASP C 252 30.49 2.22 -31.15
CA ASP C 252 31.76 2.28 -31.85
C ASP C 252 31.54 2.44 -33.37
N PRO C 253 32.22 3.43 -34.00
CA PRO C 253 32.10 3.66 -35.47
C PRO C 253 32.56 2.50 -36.36
N ASP C 254 33.50 1.67 -35.88
CA ASP C 254 33.96 0.45 -36.57
C ASP C 254 32.89 -0.62 -36.80
N ASN C 255 31.84 -0.62 -35.97
CA ASN C 255 30.64 -1.43 -36.20
C ASN C 255 29.74 -1.04 -37.37
N TYR C 256 29.93 0.20 -37.87
CA TYR C 256 29.39 0.66 -39.18
C TYR C 256 30.15 0.20 -40.44
N THR C 257 31.38 -0.26 -40.25
CA THR C 257 32.11 -1.05 -41.26
C THR C 257 31.74 -2.55 -41.08
N PRO C 258 31.31 -3.26 -42.16
CA PRO C 258 31.13 -4.72 -42.12
C PRO C 258 32.31 -5.52 -41.60
N ALA C 259 32.02 -6.59 -40.85
CA ALA C 259 33.01 -7.56 -40.34
C ALA C 259 34.04 -8.01 -41.38
N ASN C 260 35.31 -7.80 -41.01
CA ASN C 260 36.46 -8.33 -41.73
C ASN C 260 37.22 -9.39 -40.88
N PRO C 261 37.22 -10.67 -41.30
CA PRO C 261 37.91 -11.75 -40.56
C PRO C 261 39.45 -11.73 -40.64
N LEU C 262 40.00 -10.94 -41.57
CA LEU C 262 41.42 -10.90 -41.91
C LEU C 262 42.18 -9.74 -41.24
N ASN C 263 41.45 -8.66 -40.90
CA ASN C 263 42.01 -7.45 -40.29
C ASN C 263 41.23 -6.92 -39.07
N THR C 264 41.94 -6.86 -37.93
CA THR C 264 41.52 -6.13 -36.71
C THR C 264 41.45 -4.60 -36.94
N PRO C 265 40.59 -3.88 -36.19
CA PRO C 265 40.90 -2.49 -35.81
C PRO C 265 42.18 -2.31 -34.97
N PRO C 266 43.01 -1.25 -35.24
CA PRO C 266 44.12 -0.84 -34.35
C PRO C 266 43.80 -0.68 -32.86
N HIS C 267 42.63 -0.10 -32.53
CA HIS C 267 42.23 0.17 -31.15
C HIS C 267 41.66 -1.08 -30.41
N ILE C 268 40.47 -1.54 -30.82
CA ILE C 268 39.65 -2.55 -30.10
C ILE C 268 39.29 -2.20 -28.64
N LYS C 269 38.07 -1.71 -28.47
CA LYS C 269 37.49 -1.41 -27.15
C LYS C 269 36.04 -1.93 -26.98
N PRO C 270 35.71 -2.50 -25.79
CA PRO C 270 34.30 -2.73 -25.40
C PRO C 270 33.41 -1.48 -25.37
N GLU C 271 32.10 -1.71 -25.52
CA GLU C 271 31.02 -0.89 -24.94
C GLU C 271 31.32 -0.52 -23.47
N TRP C 272 30.89 0.68 -23.05
CA TRP C 272 31.29 1.33 -21.79
C TRP C 272 31.19 0.46 -20.51
N TYR C 273 30.13 -0.36 -20.47
CA TYR C 273 29.77 -1.18 -19.32
C TYR C 273 30.65 -2.42 -19.10
N PHE C 274 31.54 -2.68 -20.06
CA PHE C 274 32.48 -3.77 -19.94
C PHE C 274 33.95 -3.35 -19.74
N LEU C 275 34.16 -2.03 -19.63
CA LEU C 275 35.49 -1.46 -19.66
C LEU C 275 36.32 -1.67 -18.38
N PHE C 276 35.64 -1.77 -17.22
CA PHE C 276 36.30 -2.07 -15.94
C PHE C 276 36.92 -3.48 -15.88
N ALA C 277 36.15 -4.45 -16.41
CA ALA C 277 36.50 -5.86 -16.43
C ALA C 277 37.62 -6.12 -17.45
N TYR C 278 37.49 -5.46 -18.61
CA TYR C 278 38.53 -5.40 -19.66
C TYR C 278 39.86 -4.85 -19.19
N ALA C 279 39.82 -3.75 -18.42
CA ALA C 279 41.00 -3.22 -17.70
C ALA C 279 41.61 -4.19 -16.71
N ILE C 280 40.76 -4.98 -16.02
CA ILE C 280 41.24 -5.97 -15.04
C ILE C 280 41.96 -7.17 -15.70
N LEU C 281 41.37 -7.68 -16.78
CA LEU C 281 41.98 -8.74 -17.61
C LEU C 281 43.39 -8.42 -18.15
N ARG C 282 43.53 -7.27 -18.81
CA ARG C 282 44.80 -6.90 -19.45
C ARG C 282 45.89 -6.29 -18.52
N SER C 283 45.51 -6.10 -17.24
CA SER C 283 46.42 -5.80 -16.12
C SER C 283 47.42 -6.91 -15.78
N ILE C 284 47.08 -8.15 -16.13
CA ILE C 284 47.89 -9.34 -15.80
C ILE C 284 48.71 -9.74 -17.05
N PRO C 285 50.06 -9.80 -16.96
CA PRO C 285 50.91 -10.23 -18.09
C PRO C 285 50.86 -11.76 -18.44
N ASN C 286 49.83 -12.45 -17.95
CA ASN C 286 49.60 -13.88 -18.19
C ASN C 286 48.19 -14.12 -18.76
N LYS C 287 48.10 -15.16 -19.60
CA LYS C 287 46.86 -15.55 -20.30
C LYS C 287 45.76 -15.98 -19.32
N LEU C 288 46.05 -17.04 -18.56
CA LEU C 288 45.15 -17.61 -17.55
C LEU C 288 44.90 -16.68 -16.38
N GLY C 289 45.99 -16.04 -15.89
CA GLY C 289 45.92 -15.03 -14.84
C GLY C 289 44.92 -13.91 -15.08
N GLY C 290 44.91 -13.40 -16.32
CA GLY C 290 44.05 -12.30 -16.76
C GLY C 290 42.57 -12.61 -16.77
N VAL C 291 42.21 -13.73 -17.40
CA VAL C 291 40.83 -14.23 -17.46
C VAL C 291 40.26 -14.60 -16.06
N LEU C 292 41.12 -15.20 -15.22
CA LEU C 292 40.81 -15.56 -13.84
C LEU C 292 40.51 -14.33 -12.99
N ALA C 293 41.35 -13.30 -13.15
CA ALA C 293 41.10 -11.93 -12.65
C ALA C 293 39.79 -11.27 -13.15
N LEU C 294 39.46 -11.46 -14.44
CA LEU C 294 38.23 -10.94 -15.06
C LEU C 294 36.97 -11.61 -14.48
N ALA C 295 36.97 -12.95 -14.50
CA ALA C 295 35.94 -13.80 -13.87
C ALA C 295 35.71 -13.45 -12.39
N PHE C 296 36.83 -13.32 -11.63
CA PHE C 296 36.81 -12.98 -10.20
C PHE C 296 36.33 -11.56 -9.90
N SER C 297 36.46 -10.66 -10.88
CA SER C 297 36.00 -9.26 -10.74
C SER C 297 34.46 -9.11 -10.70
N ILE C 298 33.76 -10.04 -11.37
CA ILE C 298 32.29 -10.12 -11.33
C ILE C 298 31.81 -11.06 -10.20
N LEU C 299 32.46 -12.23 -10.12
CA LEU C 299 32.09 -13.30 -9.21
C LEU C 299 32.34 -13.01 -7.72
N ILE C 300 33.14 -11.96 -7.44
CA ILE C 300 33.39 -11.42 -6.09
C ILE C 300 32.13 -10.99 -5.31
N LEU C 301 31.11 -10.52 -6.05
CA LEU C 301 29.79 -10.15 -5.49
C LEU C 301 29.13 -11.25 -4.65
N ALA C 302 29.34 -12.51 -5.04
CA ALA C 302 28.94 -13.71 -4.29
C ALA C 302 29.72 -13.95 -2.96
N LEU C 303 30.86 -13.27 -2.80
CA LEU C 303 31.65 -13.29 -1.55
C LEU C 303 31.38 -12.10 -0.62
N ILE C 304 30.80 -11.02 -1.15
CA ILE C 304 30.43 -9.81 -0.37
C ILE C 304 29.60 -10.04 0.94
N PRO C 305 28.56 -10.95 0.94
CA PRO C 305 27.95 -11.45 2.19
C PRO C 305 28.90 -11.99 3.28
N LEU C 306 29.99 -12.67 2.92
CA LEU C 306 30.89 -13.33 3.90
C LEU C 306 31.91 -12.35 4.51
N LEU C 307 32.03 -11.18 3.88
CA LEU C 307 33.02 -10.16 4.23
C LEU C 307 32.35 -9.01 5.02
N HIS C 308 31.01 -9.08 5.19
CA HIS C 308 30.29 -8.24 6.16
C HIS C 308 30.72 -8.56 7.60
N THR C 309 31.05 -7.48 8.29
CA THR C 309 31.87 -7.50 9.49
C THR C 309 31.27 -6.52 10.54
N SER C 310 30.59 -5.48 10.03
CA SER C 310 29.87 -4.46 10.79
C SER C 310 28.64 -5.05 11.51
N LYS C 311 28.40 -4.51 12.71
CA LYS C 311 27.18 -4.75 13.49
C LYS C 311 25.94 -3.96 13.01
N GLN C 312 26.16 -2.96 12.14
CA GLN C 312 25.09 -2.28 11.37
C GLN C 312 25.02 -2.78 9.93
N ARG C 313 23.79 -2.95 9.43
CA ARG C 313 23.49 -3.42 8.07
C ARG C 313 23.96 -2.43 6.98
N SER C 314 23.53 -1.17 7.12
CA SER C 314 23.64 -0.13 6.10
C SER C 314 24.91 0.70 6.33
N MET C 315 25.39 1.39 5.28
CA MET C 315 26.50 2.37 5.42
C MET C 315 26.07 3.77 5.85
N MET C 316 24.75 3.97 6.07
CA MET C 316 24.19 5.29 6.47
C MET C 316 24.84 5.92 7.73
N PHE C 317 25.11 5.08 8.74
CA PHE C 317 25.73 5.51 10.01
C PHE C 317 27.21 5.14 10.12
N ARG C 318 27.86 4.99 8.96
CA ARG C 318 29.22 4.47 8.88
C ARG C 318 30.14 5.34 7.96
N PRO C 319 30.69 6.48 8.48
CA PRO C 319 31.50 7.40 7.65
C PRO C 319 32.76 6.79 7.01
N LEU C 320 33.48 5.88 7.71
CA LEU C 320 34.68 5.17 7.20
C LEU C 320 34.38 4.34 5.96
N SER C 321 33.27 3.59 6.01
CA SER C 321 32.84 2.65 4.98
C SER C 321 32.33 3.42 3.76
N GLN C 322 31.60 4.52 4.02
CA GLN C 322 31.18 5.52 3.04
C GLN C 322 32.34 6.05 2.18
N CYS C 323 33.46 6.42 2.84
CA CYS C 323 34.68 6.90 2.16
C CYS C 323 35.32 5.83 1.29
N LEU C 324 35.36 4.61 1.82
CA LEU C 324 35.85 3.43 1.09
C LEU C 324 34.96 2.92 -0.03
N PHE C 325 33.64 3.16 0.10
CA PHE C 325 32.64 2.79 -0.95
C PHE C 325 32.80 3.71 -2.14
N TRP C 326 32.80 5.02 -1.86
CA TRP C 326 33.03 6.04 -2.86
C TRP C 326 34.39 5.96 -3.55
N ALA C 327 35.40 5.48 -2.80
CA ALA C 327 36.71 5.06 -3.32
C ALA C 327 36.66 3.88 -4.28
N LEU C 328 35.70 2.97 -4.08
CA LEU C 328 35.44 1.86 -5.01
C LEU C 328 34.81 2.30 -6.31
N VAL C 329 33.74 3.12 -6.20
CA VAL C 329 33.03 3.74 -7.33
C VAL C 329 34.01 4.52 -8.25
N ALA C 330 34.87 5.34 -7.63
CA ALA C 330 35.88 6.14 -8.32
C ALA C 330 37.03 5.31 -8.90
N ASP C 331 37.40 4.22 -8.21
CA ASP C 331 38.23 3.15 -8.77
C ASP C 331 37.62 2.46 -10.00
N LEU C 332 36.32 2.23 -9.97
CA LEU C 332 35.58 1.68 -11.11
C LEU C 332 35.47 2.63 -12.29
N LEU C 333 35.31 3.94 -12.00
CA LEU C 333 35.37 5.01 -13.00
C LEU C 333 36.73 5.07 -13.69
N THR C 334 37.81 4.95 -12.88
CA THR C 334 39.22 4.85 -13.32
C THR C 334 39.46 3.63 -14.22
N LEU C 335 38.97 2.46 -13.79
CA LEU C 335 39.02 1.23 -14.57
C LEU C 335 38.24 1.29 -15.91
N THR C 336 37.06 1.95 -15.93
CA THR C 336 36.33 2.26 -17.19
C THR C 336 37.06 3.23 -18.15
N TRP C 337 37.80 4.18 -17.57
CA TRP C 337 38.72 5.04 -18.31
C TRP C 337 39.88 4.25 -18.98
N ILE C 338 40.55 3.39 -18.19
CA ILE C 338 41.71 2.58 -18.64
C ILE C 338 41.34 1.50 -19.67
N GLY C 339 40.21 0.82 -19.43
CA GLY C 339 39.51 0.01 -20.43
C GLY C 339 39.40 0.57 -21.84
N GLY C 340 39.13 1.89 -21.95
CA GLY C 340 38.88 2.59 -23.22
C GLY C 340 40.08 3.27 -23.89
N GLN C 341 41.28 2.87 -23.48
CA GLN C 341 42.56 3.54 -23.85
C GLN C 341 43.61 2.48 -24.30
N PRO C 342 44.62 2.86 -25.13
CA PRO C 342 45.65 1.88 -25.57
C PRO C 342 46.58 1.37 -24.45
N VAL C 343 47.10 0.15 -24.64
CA VAL C 343 48.06 -0.51 -23.73
C VAL C 343 49.49 0.06 -23.81
N GLU C 344 49.62 1.27 -23.25
CA GLU C 344 50.82 2.13 -23.34
C GLU C 344 51.05 2.90 -22.02
N HIS C 345 52.10 3.75 -22.00
CA HIS C 345 52.95 4.01 -20.82
C HIS C 345 52.28 4.28 -19.43
N PRO C 346 51.56 5.41 -19.21
CA PRO C 346 50.98 5.64 -17.86
C PRO C 346 49.81 4.68 -17.55
N TYR C 347 49.08 4.32 -18.62
CA TYR C 347 47.84 3.58 -18.54
C TYR C 347 47.99 2.13 -18.04
N ILE C 348 49.12 1.47 -18.39
CA ILE C 348 49.48 0.10 -17.92
C ILE C 348 49.64 0.04 -16.39
N THR C 349 50.53 0.86 -15.83
CA THR C 349 50.87 0.81 -14.40
C THR C 349 49.72 1.28 -13.51
N ILE C 350 48.99 2.30 -13.98
CA ILE C 350 47.83 2.79 -13.25
C ILE C 350 46.63 1.83 -13.34
N GLY C 351 46.48 1.16 -14.49
CA GLY C 351 45.54 0.06 -14.69
C GLY C 351 45.77 -1.13 -13.78
N GLN C 352 47.06 -1.49 -13.58
CA GLN C 352 47.51 -2.46 -12.57
C GLN C 352 47.18 -2.04 -11.12
N LEU C 353 47.42 -0.77 -10.80
CA LEU C 353 47.19 -0.20 -9.46
C LEU C 353 45.70 -0.10 -9.09
N ALA C 354 44.88 0.30 -10.08
CA ALA C 354 43.43 0.32 -9.95
C ALA C 354 42.82 -1.08 -9.77
N SER C 355 43.39 -2.06 -10.48
CA SER C 355 43.04 -3.48 -10.38
C SER C 355 43.36 -4.10 -9.02
N VAL C 356 44.56 -3.82 -8.49
CA VAL C 356 44.95 -4.16 -7.10
C VAL C 356 43.98 -3.54 -6.06
N LEU C 357 43.71 -2.24 -6.21
CA LEU C 357 42.84 -1.45 -5.32
C LEU C 357 41.37 -1.89 -5.27
N TYR C 358 40.82 -2.28 -6.44
CA TYR C 358 39.51 -2.92 -6.56
C TYR C 358 39.39 -4.11 -5.61
N PHE C 359 40.36 -5.05 -5.70
CA PHE C 359 40.39 -6.26 -4.88
C PHE C 359 40.84 -5.97 -3.46
N LEU C 360 41.61 -4.91 -3.26
CA LEU C 360 42.00 -4.47 -1.92
C LEU C 360 40.88 -3.83 -1.10
N LEU C 361 40.04 -3.02 -1.76
CA LEU C 361 38.87 -2.37 -1.14
C LEU C 361 37.84 -3.39 -0.64
N ILE C 362 37.53 -4.37 -1.49
CA ILE C 362 36.49 -5.36 -1.24
C ILE C 362 36.99 -6.43 -0.25
N LEU C 363 38.10 -7.10 -0.59
CA LEU C 363 38.59 -8.25 0.18
C LEU C 363 39.22 -7.92 1.54
N VAL C 364 39.73 -6.68 1.71
CA VAL C 364 40.59 -6.29 2.84
C VAL C 364 40.09 -5.03 3.55
N LEU C 365 39.90 -3.94 2.79
CA LEU C 365 39.81 -2.57 3.33
C LEU C 365 38.44 -2.23 3.93
N MET C 366 37.36 -2.54 3.20
CA MET C 366 35.96 -2.42 3.68
C MET C 366 35.60 -3.33 4.90
N PRO C 367 35.98 -4.64 4.92
CA PRO C 367 35.93 -5.45 6.16
C PRO C 367 36.85 -5.05 7.33
N THR C 368 37.90 -4.28 7.09
CA THR C 368 38.69 -3.69 8.17
C THR C 368 38.00 -2.43 8.74
N ALA C 369 37.38 -1.61 7.86
CA ALA C 369 36.62 -0.41 8.24
C ALA C 369 35.42 -0.72 9.14
N GLY C 370 34.66 -1.77 8.79
CA GLY C 370 33.53 -2.27 9.60
C GLY C 370 33.90 -2.70 11.01
N THR C 371 35.10 -3.30 11.16
CA THR C 371 35.66 -3.78 12.43
C THR C 371 36.12 -2.63 13.30
N ILE C 372 36.84 -1.66 12.68
CA ILE C 372 37.26 -0.41 13.34
C ILE C 372 36.06 0.41 13.84
N GLU C 373 35.04 0.55 12.98
CA GLU C 373 33.76 1.20 13.30
C GLU C 373 32.98 0.57 14.46
N ASN C 374 33.03 -0.77 14.55
CA ASN C 374 32.51 -1.55 15.69
C ASN C 374 33.23 -1.22 17.00
N LYS C 375 34.57 -1.23 16.93
CA LYS C 375 35.48 -0.95 18.06
C LYS C 375 35.27 0.47 18.56
N LEU C 376 35.09 1.40 17.62
CA LEU C 376 34.81 2.82 17.87
C LEU C 376 33.50 3.09 18.60
N LEU C 377 32.46 2.34 18.24
CA LEU C 377 31.17 2.34 18.95
C LEU C 377 31.05 1.45 20.21
N LYS C 378 32.19 0.90 20.68
CA LYS C 378 32.31 -0.05 21.82
C LYS C 378 31.43 -1.34 21.67
N TRP C 379 31.40 -1.87 20.45
CA TRP C 379 30.52 -2.96 20.01
C TRP C 379 31.30 -4.20 19.63
N SER D 1 53.94 7.68 -39.78
CA SER D 1 53.23 6.74 -38.87
C SER D 1 53.25 7.18 -37.38
N ASP D 2 52.49 6.45 -36.53
CA ASP D 2 52.36 6.64 -35.06
C ASP D 2 51.61 7.90 -34.59
N LEU D 3 52.15 9.08 -34.95
CA LEU D 3 51.54 10.38 -34.65
C LEU D 3 50.24 10.65 -35.43
N GLU D 4 49.33 11.39 -34.80
CA GLU D 4 48.00 11.70 -35.34
C GLU D 4 47.62 13.18 -35.14
N LEU D 5 46.83 13.71 -36.09
CA LEU D 5 46.06 14.95 -35.92
C LEU D 5 44.56 14.71 -36.13
N HIS D 6 43.78 15.35 -35.25
CA HIS D 6 42.33 15.13 -35.11
C HIS D 6 41.52 16.34 -35.68
N PRO D 7 40.39 16.09 -36.38
CA PRO D 7 39.67 17.15 -37.14
C PRO D 7 39.09 18.31 -36.29
N PRO D 8 38.97 19.55 -36.85
CA PRO D 8 38.26 20.64 -36.15
C PRO D 8 36.74 20.56 -36.32
N SER D 9 36.00 21.39 -35.57
CA SER D 9 34.54 21.42 -35.60
C SER D 9 33.96 22.50 -36.52
N TYR D 10 33.55 22.06 -37.71
CA TYR D 10 32.89 22.92 -38.71
C TYR D 10 31.39 23.12 -38.36
N PRO D 11 30.83 24.36 -38.52
CA PRO D 11 29.44 24.63 -38.12
C PRO D 11 28.44 24.41 -39.27
N TRP D 12 28.27 23.12 -39.60
CA TRP D 12 27.18 22.59 -40.45
C TRP D 12 25.81 23.14 -40.04
N SER D 13 24.99 23.48 -41.05
CA SER D 13 23.56 23.80 -40.90
C SER D 13 22.69 22.73 -40.14
N HIS D 14 23.30 21.57 -39.88
CA HIS D 14 22.67 20.39 -39.26
C HIS D 14 23.32 19.88 -37.94
N ARG D 15 24.24 20.68 -37.37
CA ARG D 15 25.01 20.36 -36.15
C ARG D 15 24.17 20.36 -34.87
N GLY D 16 23.49 21.50 -34.60
CA GLY D 16 22.72 21.73 -33.37
C GLY D 16 21.50 20.83 -33.19
N LEU D 17 21.02 20.72 -31.94
CA LEU D 17 20.13 19.61 -31.52
C LEU D 17 18.80 19.47 -32.27
N LEU D 18 18.23 20.62 -32.67
CA LEU D 18 17.01 20.69 -33.50
C LEU D 18 17.21 21.07 -34.99
N SER D 19 18.48 21.00 -35.46
CA SER D 19 18.87 21.53 -36.78
C SER D 19 18.88 20.45 -37.85
N SER D 20 17.90 20.53 -38.75
CA SER D 20 17.82 19.73 -39.98
C SER D 20 18.98 19.98 -40.93
N LEU D 21 19.21 18.97 -41.78
CA LEU D 21 19.96 19.10 -43.04
C LEU D 21 19.40 20.15 -44.00
N ASP D 22 20.33 20.88 -44.63
CA ASP D 22 20.08 21.66 -45.85
C ASP D 22 19.94 20.71 -47.04
N HIS D 23 18.71 20.61 -47.55
CA HIS D 23 18.34 19.72 -48.65
C HIS D 23 18.74 20.21 -50.05
N THR D 24 18.84 21.55 -50.22
CA THR D 24 19.53 22.18 -51.38
C THR D 24 21.02 21.78 -51.45
N SER D 25 21.67 21.76 -50.28
CA SER D 25 23.03 21.22 -50.11
C SER D 25 23.15 19.68 -50.20
N ILE D 26 22.06 18.95 -49.92
CA ILE D 26 21.95 17.51 -50.28
C ILE D 26 21.94 17.31 -51.81
N ARG D 27 21.12 18.14 -52.51
CA ARG D 27 20.94 18.11 -53.98
C ARG D 27 22.24 18.25 -54.77
N ARG D 28 23.05 19.25 -54.36
CA ARG D 28 24.37 19.55 -54.94
C ARG D 28 25.38 18.43 -54.67
N GLY D 29 25.25 17.78 -53.51
CA GLY D 29 26.18 16.78 -53.02
C GLY D 29 26.03 15.40 -53.65
N PHE D 30 24.78 15.01 -53.96
CA PHE D 30 24.48 13.90 -54.90
C PHE D 30 25.21 14.05 -56.24
N GLN D 31 25.11 15.25 -56.82
CA GLN D 31 25.77 15.61 -58.08
C GLN D 31 27.30 15.42 -58.00
N VAL D 32 27.90 15.77 -56.85
CA VAL D 32 29.32 15.43 -56.51
C VAL D 32 29.55 13.92 -56.46
N TYR D 33 28.61 13.17 -55.87
CA TYR D 33 28.65 11.69 -55.87
C TYR D 33 28.63 11.07 -57.26
N LYS D 34 27.63 11.46 -58.06
CA LYS D 34 27.46 11.04 -59.46
C LYS D 34 28.64 11.38 -60.39
N GLN D 35 29.13 12.64 -60.30
CA GLN D 35 30.18 13.18 -61.19
C GLN D 35 31.57 12.64 -60.88
N VAL D 36 31.92 12.64 -59.59
CA VAL D 36 33.30 12.50 -59.11
C VAL D 36 33.56 11.13 -58.44
N CYS D 37 32.75 10.78 -57.44
CA CYS D 37 33.04 9.65 -56.53
C CYS D 37 32.65 8.27 -57.05
N SER D 38 31.51 8.20 -57.76
CA SER D 38 30.87 6.95 -58.23
C SER D 38 31.69 6.08 -59.21
N SER D 39 32.66 6.70 -59.90
CA SER D 39 33.67 6.02 -60.72
C SER D 39 34.65 5.11 -59.94
N CYS D 40 34.84 5.42 -58.64
CA CYS D 40 35.70 4.64 -57.73
C CYS D 40 34.99 4.06 -56.50
N HIS D 41 33.94 4.76 -56.03
CA HIS D 41 33.21 4.40 -54.80
C HIS D 41 31.85 3.76 -55.03
N SER D 42 31.68 2.58 -54.43
CA SER D 42 30.35 1.98 -54.22
C SER D 42 29.51 2.75 -53.19
N MET D 43 28.20 2.82 -53.47
CA MET D 43 27.19 3.23 -52.50
C MET D 43 25.99 2.26 -52.49
N ASP D 44 26.27 1.06 -51.95
CA ASP D 44 25.44 -0.15 -52.08
C ASP D 44 24.03 -0.10 -51.41
N TYR D 45 23.83 0.87 -50.51
CA TYR D 45 22.61 0.97 -49.68
C TYR D 45 21.72 2.22 -49.92
N VAL D 46 22.04 2.98 -50.98
CA VAL D 46 21.14 4.03 -51.52
C VAL D 46 20.68 3.71 -52.96
N ALA D 47 19.35 3.71 -53.11
CA ALA D 47 18.64 3.57 -54.38
C ALA D 47 18.01 4.92 -54.79
N TYR D 48 17.53 4.98 -56.05
CA TYR D 48 16.98 6.21 -56.67
C TYR D 48 15.66 6.70 -56.08
N ARG D 49 14.85 5.76 -55.57
CA ARG D 49 13.65 6.06 -54.75
C ARG D 49 13.88 6.81 -53.43
N HIS D 50 15.07 6.61 -52.82
CA HIS D 50 15.49 7.33 -51.59
C HIS D 50 15.66 8.84 -51.77
N LEU D 51 16.05 9.27 -52.98
CA LEU D 51 16.19 10.69 -53.33
C LEU D 51 14.88 11.48 -53.44
N VAL D 52 13.76 10.77 -53.67
CA VAL D 52 12.43 11.32 -54.04
C VAL D 52 11.81 12.22 -52.94
N GLY D 53 11.94 11.78 -51.68
CA GLY D 53 11.56 12.58 -50.51
C GLY D 53 12.34 13.88 -50.35
N VAL D 54 13.60 13.85 -50.77
CA VAL D 54 14.71 14.47 -50.04
C VAL D 54 15.25 15.69 -50.81
N CYS D 55 15.60 15.47 -52.08
CA CYS D 55 16.39 16.42 -52.89
C CYS D 55 15.92 16.58 -54.34
N TYR D 56 15.15 15.59 -54.83
CA TYR D 56 14.53 15.60 -56.16
C TYR D 56 13.00 15.40 -56.11
N THR D 57 12.33 15.63 -57.26
CA THR D 57 10.99 15.07 -57.56
C THR D 57 11.06 13.62 -58.06
N GLU D 58 9.91 12.93 -57.94
CA GLU D 58 9.62 11.61 -58.55
C GLU D 58 10.00 11.50 -60.05
N ASP D 59 9.64 12.51 -60.85
CA ASP D 59 10.03 12.61 -62.27
C ASP D 59 11.53 12.81 -62.51
N GLU D 60 12.16 13.67 -61.68
CA GLU D 60 13.61 13.96 -61.69
C GLU D 60 14.48 12.72 -61.43
N ALA D 61 14.10 11.95 -60.40
CA ALA D 61 14.84 10.78 -59.93
C ALA D 61 14.72 9.57 -60.87
N LYS D 62 13.52 9.39 -61.45
CA LYS D 62 13.28 8.51 -62.61
C LYS D 62 14.20 8.80 -63.81
N ALA D 63 14.35 10.09 -64.16
CA ALA D 63 15.26 10.56 -65.21
C ALA D 63 16.76 10.37 -64.90
N LEU D 64 17.14 10.48 -63.62
CA LEU D 64 18.52 10.26 -63.15
C LEU D 64 18.94 8.77 -63.16
N ALA D 65 18.01 7.90 -62.75
CA ALA D 65 18.09 6.44 -62.93
C ALA D 65 18.15 6.00 -64.40
N GLU D 66 17.42 6.72 -65.26
CA GLU D 66 17.42 6.53 -66.71
C GLU D 66 18.77 6.75 -67.42
N GLU D 67 19.64 7.59 -66.82
CA GLU D 67 21.03 7.86 -67.26
C GLU D 67 21.97 6.64 -67.31
N VAL D 68 21.73 5.65 -66.43
CA VAL D 68 22.60 4.44 -66.29
C VAL D 68 21.90 3.15 -66.82
N GLU D 69 22.71 2.19 -67.28
CA GLU D 69 22.26 0.81 -67.58
C GLU D 69 22.62 -0.18 -66.45
N VAL D 70 21.71 -1.14 -66.22
CA VAL D 70 21.63 -1.85 -64.93
C VAL D 70 22.15 -3.32 -64.97
N GLN D 71 21.65 -4.10 -65.94
CA GLN D 71 21.41 -5.58 -65.86
C GLN D 71 20.19 -6.07 -65.06
N ASP D 72 19.20 -6.60 -65.80
CA ASP D 72 18.05 -7.34 -65.25
C ASP D 72 18.14 -8.85 -65.51
N GLY D 73 17.63 -9.62 -64.54
CA GLY D 73 17.48 -11.08 -64.61
C GLY D 73 16.53 -11.56 -65.70
N PRO D 74 16.66 -12.84 -66.11
CA PRO D 74 16.50 -13.23 -67.53
C PRO D 74 15.05 -13.27 -68.06
N ASN D 75 14.91 -13.15 -69.39
CA ASN D 75 13.76 -13.68 -70.14
C ASN D 75 13.97 -15.17 -70.58
N GLU D 76 13.10 -15.66 -71.49
CA GLU D 76 12.86 -17.10 -71.78
C GLU D 76 14.08 -17.93 -72.25
N ASP D 77 15.06 -17.26 -72.90
CA ASP D 77 16.32 -17.89 -73.33
C ASP D 77 17.30 -18.22 -72.19
N GLY D 78 17.26 -17.41 -71.12
CA GLY D 78 18.11 -17.58 -69.94
C GLY D 78 19.43 -16.88 -70.12
N GLU D 79 19.40 -15.56 -70.00
CA GLU D 79 20.10 -14.66 -70.91
C GLU D 79 20.97 -13.58 -70.23
N MET D 80 20.37 -12.90 -69.23
CA MET D 80 20.80 -11.57 -68.74
C MET D 80 21.01 -10.47 -69.81
N PHE D 81 20.02 -9.56 -69.86
CA PHE D 81 20.02 -8.36 -70.71
C PHE D 81 20.33 -7.08 -69.91
N MET D 82 20.71 -6.00 -70.61
CA MET D 82 20.85 -4.65 -70.02
C MET D 82 19.58 -3.80 -70.20
N ARG D 83 19.36 -2.90 -69.23
CA ARG D 83 18.05 -2.28 -68.95
C ARG D 83 18.22 -0.75 -68.77
N PRO D 84 17.31 0.08 -69.34
CA PRO D 84 17.36 1.56 -69.23
C PRO D 84 17.39 2.19 -67.82
N GLY D 85 16.96 1.48 -66.75
CA GLY D 85 17.14 1.91 -65.37
C GLY D 85 15.90 2.61 -64.80
N LYS D 86 15.58 2.31 -63.54
CA LYS D 86 14.19 2.43 -63.01
C LYS D 86 13.99 3.43 -61.82
N LEU D 87 13.85 2.90 -60.58
CA LEU D 87 13.85 3.63 -59.28
C LEU D 87 14.19 2.68 -58.12
N SER D 88 13.73 1.42 -58.26
CA SER D 88 14.06 0.26 -57.39
C SER D 88 15.54 -0.17 -57.37
N ASP D 89 16.29 0.19 -58.42
CA ASP D 89 17.71 -0.19 -58.58
C ASP D 89 18.63 0.65 -57.70
N TYR D 90 19.65 -0.02 -57.15
CA TYR D 90 20.69 0.61 -56.32
C TYR D 90 21.83 1.25 -57.14
N PHE D 91 22.48 2.25 -56.52
CA PHE D 91 23.56 3.07 -57.11
C PHE D 91 24.76 2.19 -57.57
N PRO D 92 25.31 2.47 -58.78
CA PRO D 92 25.41 1.45 -59.83
C PRO D 92 26.54 0.39 -59.68
N LYS D 93 27.42 0.52 -58.67
CA LYS D 93 28.71 -0.21 -58.52
C LYS D 93 29.77 0.10 -59.61
N PRO D 94 30.92 0.70 -59.23
CA PRO D 94 32.08 0.79 -60.13
C PRO D 94 32.81 -0.53 -60.42
N TYR D 95 32.78 -1.48 -59.48
CA TYR D 95 33.53 -2.76 -59.58
C TYR D 95 32.69 -4.02 -59.24
N PRO D 96 32.89 -5.13 -59.98
CA PRO D 96 32.30 -6.44 -59.63
C PRO D 96 32.83 -7.11 -58.34
N ASN D 97 34.10 -6.90 -58.01
CA ASN D 97 34.76 -7.43 -56.79
C ASN D 97 35.42 -6.30 -55.94
N PRO D 98 35.77 -6.59 -54.66
CA PRO D 98 36.87 -5.85 -53.98
C PRO D 98 38.26 -5.93 -54.66
N GLU D 99 38.59 -7.07 -55.25
CA GLU D 99 39.90 -7.29 -55.92
C GLU D 99 40.10 -6.44 -57.18
N ALA D 100 39.02 -6.30 -57.97
CA ALA D 100 38.92 -5.35 -59.09
C ALA D 100 39.05 -3.86 -58.71
N ALA D 101 38.54 -3.50 -57.53
CA ALA D 101 38.81 -2.19 -56.89
C ALA D 101 40.29 -1.95 -56.56
N ARG D 102 40.95 -2.98 -56.04
CA ARG D 102 42.38 -2.98 -55.69
C ARG D 102 43.30 -2.93 -56.92
N ALA D 103 42.91 -3.67 -57.97
CA ALA D 103 43.59 -3.71 -59.28
C ALA D 103 43.64 -2.39 -60.04
N ALA D 104 42.53 -1.62 -59.98
CA ALA D 104 42.45 -0.26 -60.54
C ALA D 104 43.26 0.78 -59.77
N ASN D 105 43.25 0.69 -58.44
CA ASN D 105 43.76 1.72 -57.54
C ASN D 105 45.15 1.45 -56.90
N ASN D 106 45.95 0.64 -57.63
CA ASN D 106 47.30 0.16 -57.23
C ASN D 106 47.41 -0.44 -55.80
N GLY D 107 46.55 -1.44 -55.56
CA GLY D 107 46.55 -2.23 -54.32
C GLY D 107 45.57 -1.79 -53.23
N ALA D 108 45.26 -0.48 -53.19
CA ALA D 108 44.31 0.12 -52.24
C ALA D 108 42.85 -0.12 -52.63
N LEU D 109 42.02 -0.45 -51.63
CA LEU D 109 40.56 -0.62 -51.77
C LEU D 109 39.83 0.67 -51.35
N PRO D 110 39.20 1.40 -52.31
CA PRO D 110 38.22 2.45 -51.98
C PRO D 110 36.96 1.92 -51.23
N PRO D 111 36.77 2.28 -49.93
CA PRO D 111 35.66 1.75 -49.12
C PRO D 111 34.30 2.28 -49.59
N ASP D 112 33.25 1.46 -49.39
CA ASP D 112 31.85 1.87 -49.58
C ASP D 112 31.48 3.12 -48.80
N LEU D 113 30.69 3.98 -49.46
CA LEU D 113 30.43 5.36 -49.00
C LEU D 113 29.04 5.63 -48.43
N SER D 114 28.22 4.56 -48.35
CA SER D 114 26.91 4.56 -47.68
C SER D 114 26.95 4.95 -46.21
N TYR D 115 27.94 4.44 -45.46
CA TYR D 115 28.04 4.65 -44.01
C TYR D 115 29.31 5.36 -43.48
N ILE D 116 30.08 5.96 -44.41
CA ILE D 116 31.44 6.41 -44.17
C ILE D 116 31.61 7.55 -43.13
N VAL D 117 30.56 8.40 -43.05
CA VAL D 117 30.40 9.43 -42.01
C VAL D 117 30.27 8.80 -40.60
N ARG D 118 29.36 7.82 -40.47
CA ARG D 118 29.12 7.07 -39.21
C ARG D 118 30.22 6.04 -38.89
N ALA D 119 31.02 5.68 -39.92
CA ALA D 119 32.14 4.72 -39.84
C ALA D 119 33.55 5.35 -39.55
N ARG D 120 33.59 6.68 -39.39
CA ARG D 120 34.79 7.42 -38.98
C ARG D 120 34.48 8.38 -37.84
N HIS D 121 35.37 8.40 -36.84
CA HIS D 121 35.43 9.44 -35.80
C HIS D 121 35.60 10.84 -36.40
N GLY D 122 34.79 11.78 -35.91
CA GLY D 122 34.67 13.11 -36.50
C GLY D 122 33.51 13.30 -37.45
N GLY D 123 33.03 12.20 -38.05
CA GLY D 123 31.98 12.20 -39.06
C GLY D 123 32.34 12.97 -40.31
N GLU D 124 31.50 13.96 -40.62
CA GLU D 124 31.64 14.87 -41.78
C GLU D 124 32.86 15.79 -41.66
N ASP D 125 33.18 16.20 -40.42
CA ASP D 125 34.40 16.97 -40.08
C ASP D 125 35.70 16.32 -40.55
N TYR D 126 35.85 15.00 -40.32
CA TYR D 126 36.97 14.20 -40.85
C TYR D 126 37.03 14.15 -42.38
N VAL D 127 35.88 13.86 -43.02
CA VAL D 127 35.77 13.80 -44.49
C VAL D 127 36.07 15.16 -45.16
N PHE D 128 35.47 16.25 -44.63
CA PHE D 128 35.80 17.65 -45.03
C PHE D 128 37.29 17.98 -44.91
N SER D 129 37.89 17.63 -43.76
CA SER D 129 39.31 17.82 -43.48
C SER D 129 40.24 16.96 -44.34
N LEU D 130 39.81 15.73 -44.67
CA LEU D 130 40.47 14.87 -45.69
C LEU D 130 40.46 15.49 -47.10
N LEU D 131 39.30 16.03 -47.49
CA LEU D 131 39.10 16.60 -48.83
C LEU D 131 39.76 17.96 -49.04
N THR D 132 39.61 18.87 -48.07
CA THR D 132 40.18 20.23 -48.14
C THR D 132 41.61 20.39 -47.55
N GLY D 133 42.20 19.28 -47.09
CA GLY D 133 43.43 19.30 -46.30
C GLY D 133 44.67 18.65 -46.92
N TYR D 134 44.57 18.25 -48.20
CA TYR D 134 45.71 17.85 -49.04
C TYR D 134 46.77 18.94 -49.14
N CYS D 135 48.02 18.56 -48.84
CA CYS D 135 49.20 19.44 -48.85
C CYS D 135 50.49 18.71 -49.36
N GLU D 136 51.58 19.48 -49.53
CA GLU D 136 52.94 18.91 -49.70
C GLU D 136 53.45 18.15 -48.43
N PRO D 137 54.16 17.01 -48.60
CA PRO D 137 54.92 16.39 -47.49
C PRO D 137 56.01 17.29 -46.83
N PRO D 138 56.28 17.12 -45.51
CA PRO D 138 57.44 17.77 -44.86
C PRO D 138 58.76 17.01 -45.06
N THR D 139 59.88 17.70 -44.80
CA THR D 139 61.24 17.17 -45.03
C THR D 139 61.62 16.12 -43.99
N GLY D 140 62.14 15.00 -44.48
CA GLY D 140 62.15 13.73 -43.75
C GLY D 140 61.27 12.64 -44.36
N VAL D 141 60.14 13.05 -44.94
CA VAL D 141 59.05 12.15 -45.37
C VAL D 141 59.05 12.06 -46.90
N SER D 142 59.44 10.88 -47.39
CA SER D 142 59.20 10.44 -48.78
C SER D 142 58.16 9.32 -48.86
N LEU D 143 57.35 9.37 -49.92
CA LEU D 143 56.27 8.40 -50.18
C LEU D 143 56.69 7.38 -51.28
N ARG D 144 55.74 6.54 -51.71
CA ARG D 144 55.79 5.88 -53.04
C ARG D 144 55.48 6.81 -54.24
N GLU D 145 54.62 7.83 -54.01
CA GLU D 145 53.82 8.56 -55.02
C GLU D 145 52.69 7.85 -55.81
N GLY D 146 52.66 6.52 -55.70
CA GLY D 146 51.42 5.74 -55.65
C GLY D 146 50.54 6.06 -54.45
N LEU D 147 51.17 6.29 -53.30
CA LEU D 147 50.55 6.91 -52.11
C LEU D 147 50.84 8.41 -52.03
N TYR D 148 49.88 9.14 -51.45
CA TYR D 148 49.81 10.61 -51.48
C TYR D 148 49.74 11.15 -50.04
N PHE D 149 50.27 12.36 -49.82
CA PHE D 149 50.24 13.01 -48.50
C PHE D 149 48.87 13.58 -48.12
N ASN D 150 48.36 13.12 -46.97
CA ASN D 150 47.30 13.78 -46.21
C ASN D 150 47.54 13.73 -44.67
N PRO D 151 47.63 14.91 -44.01
CA PRO D 151 47.84 14.97 -42.54
C PRO D 151 46.67 14.45 -41.66
N TYR D 152 45.47 14.28 -42.24
CA TYR D 152 44.29 13.79 -41.53
C TYR D 152 44.09 12.28 -41.56
N PHE D 153 44.49 11.65 -42.67
CA PHE D 153 44.61 10.18 -42.78
C PHE D 153 45.64 9.60 -41.78
N PRO D 154 45.27 8.56 -41.00
CA PRO D 154 46.24 7.85 -40.14
C PRO D 154 47.38 7.17 -40.92
N GLY D 155 48.62 7.40 -40.46
CA GLY D 155 49.83 7.02 -41.18
C GLY D 155 50.36 8.05 -42.18
N GLN D 156 49.52 9.06 -42.49
CA GLN D 156 49.79 10.20 -43.41
C GLN D 156 49.81 9.90 -44.94
N ALA D 157 50.00 8.63 -45.31
CA ALA D 157 50.04 8.15 -46.69
C ALA D 157 48.72 7.47 -47.16
N ILE D 158 47.87 8.30 -47.79
CA ILE D 158 46.60 7.89 -48.45
C ILE D 158 46.81 7.47 -49.92
N GLY D 159 46.16 6.36 -50.31
CA GLY D 159 46.13 5.88 -51.69
C GLY D 159 45.19 6.61 -52.64
N MET D 160 44.41 7.56 -52.11
CA MET D 160 43.54 8.46 -52.86
C MET D 160 44.30 9.74 -53.22
N ALA D 161 44.44 9.97 -54.54
CA ALA D 161 44.82 11.27 -55.13
C ALA D 161 43.73 12.33 -54.87
N PRO D 162 44.09 13.63 -54.65
CA PRO D 162 43.09 14.71 -54.45
C PRO D 162 42.01 14.79 -55.57
N PRO D 163 40.73 14.51 -55.24
CA PRO D 163 39.68 14.40 -56.26
C PRO D 163 38.82 15.67 -56.43
N ILE D 164 39.38 16.82 -56.07
CA ILE D 164 38.62 17.89 -55.44
C ILE D 164 38.81 19.32 -56.01
N TYR D 165 40.07 19.68 -56.34
CA TYR D 165 40.41 20.95 -57.00
C TYR D 165 39.94 21.07 -58.47
N ASN D 166 39.78 19.92 -59.16
CA ASN D 166 38.96 19.76 -60.38
C ASN D 166 37.54 20.37 -60.22
N GLU D 167 37.21 21.28 -61.14
CA GLU D 167 36.14 22.27 -60.96
C GLU D 167 34.91 21.90 -61.82
N VAL D 168 34.22 20.85 -61.38
CA VAL D 168 33.32 20.02 -62.22
C VAL D 168 31.82 20.48 -62.09
N LEU D 169 30.88 19.66 -62.59
CA LEU D 169 29.44 19.61 -62.21
C LEU D 169 28.53 20.64 -62.92
N GLU D 170 27.44 20.10 -63.51
CA GLU D 170 26.21 20.84 -63.87
C GLU D 170 25.41 21.21 -62.59
N PHE D 171 24.97 22.48 -62.53
CA PHE D 171 24.67 23.17 -61.25
C PHE D 171 23.27 23.77 -61.02
N ASP D 172 22.52 24.00 -62.11
CA ASP D 172 21.04 24.18 -62.13
C ASP D 172 20.50 25.46 -61.45
N ASP D 173 20.59 25.51 -60.11
CA ASP D 173 20.60 26.77 -59.33
C ASP D 173 21.84 27.65 -59.65
N GLY D 174 22.99 26.99 -59.78
CA GLY D 174 24.20 27.57 -60.35
C GLY D 174 25.07 28.36 -59.38
N THR D 175 25.26 27.82 -58.16
CA THR D 175 26.26 28.29 -57.20
C THR D 175 27.74 28.03 -57.68
N PRO D 176 28.72 28.88 -57.29
CA PRO D 176 30.15 28.62 -57.60
C PRO D 176 30.72 27.32 -57.03
N ALA D 177 31.42 26.55 -57.88
CA ALA D 177 31.87 25.19 -57.56
C ALA D 177 33.37 25.12 -57.14
N THR D 178 33.69 25.91 -56.11
CA THR D 178 35.01 25.93 -55.45
C THR D 178 35.27 24.63 -54.64
N MET D 179 36.55 24.31 -54.43
CA MET D 179 37.04 23.16 -53.63
C MET D 179 36.42 23.04 -52.22
N SER D 180 36.29 24.20 -51.55
CA SER D 180 35.59 24.35 -50.27
C SER D 180 34.08 24.02 -50.33
N GLN D 181 33.40 24.54 -51.37
CA GLN D 181 31.95 24.40 -51.53
C GLN D 181 31.52 23.02 -52.01
N VAL D 182 32.29 22.45 -52.96
CA VAL D 182 32.14 21.05 -53.42
C VAL D 182 32.32 19.98 -52.31
N ALA D 183 33.21 20.28 -51.35
CA ALA D 183 33.43 19.46 -50.17
C ALA D 183 32.32 19.61 -49.13
N LYS D 184 31.80 20.84 -48.96
CA LYS D 184 30.66 21.18 -48.09
C LYS D 184 29.38 20.45 -48.47
N ASP D 185 29.08 20.42 -49.77
CA ASP D 185 27.90 19.76 -50.34
C ASP D 185 27.98 18.24 -50.25
N VAL D 186 29.14 17.67 -50.60
CA VAL D 186 29.36 16.20 -50.56
C VAL D 186 29.25 15.60 -49.16
N CYS D 187 29.80 16.31 -48.16
CA CYS D 187 29.72 15.94 -46.75
C CYS D 187 28.30 16.03 -46.16
N THR D 188 27.54 17.06 -46.57
CA THR D 188 26.11 17.25 -46.25
C THR D 188 25.26 16.09 -46.80
N PHE D 189 25.56 15.68 -48.04
CA PHE D 189 24.95 14.52 -48.70
C PHE D 189 25.35 13.19 -48.06
N LEU D 190 26.64 13.02 -47.73
CA LEU D 190 27.15 11.77 -47.13
C LEU D 190 26.62 11.49 -45.70
N ARG D 191 26.32 12.57 -44.94
CA ARG D 191 25.51 12.53 -43.71
C ARG D 191 24.12 11.93 -43.97
N TRP D 192 23.41 12.47 -44.97
CA TRP D 192 22.11 11.96 -45.42
C TRP D 192 22.16 10.48 -45.86
N ALA D 193 23.17 10.12 -46.65
CA ALA D 193 23.42 8.73 -47.04
C ALA D 193 23.66 7.76 -45.85
N ALA D 194 24.36 8.26 -44.81
CA ALA D 194 24.57 7.53 -43.56
C ALA D 194 23.34 7.46 -42.64
N GLU D 195 22.52 8.52 -42.68
CA GLU D 195 21.46 8.78 -41.71
C GLU D 195 20.26 9.50 -42.40
N PRO D 196 19.42 8.78 -43.20
CA PRO D 196 18.19 9.37 -43.80
C PRO D 196 17.12 9.80 -42.78
N GLU D 197 17.15 9.18 -41.60
CA GLU D 197 16.25 9.46 -40.48
C GLU D 197 16.50 10.78 -39.70
N HIS D 198 17.65 11.43 -39.98
CA HIS D 198 18.18 12.64 -39.29
C HIS D 198 17.13 13.72 -38.96
N ASP D 199 16.30 14.05 -39.96
CA ASP D 199 15.31 15.12 -39.89
C ASP D 199 14.08 14.72 -39.09
N HIS D 200 13.62 13.47 -39.29
CA HIS D 200 12.50 12.87 -38.53
C HIS D 200 12.84 12.68 -37.04
N ARG D 201 14.05 12.16 -36.80
CA ARG D 201 14.69 11.96 -35.47
C ARG D 201 14.61 13.20 -34.56
N LYS D 202 14.89 14.36 -35.15
CA LYS D 202 14.96 15.65 -34.47
C LYS D 202 13.58 16.30 -34.29
N ARG D 203 12.69 16.16 -35.28
CA ARG D 203 11.27 16.54 -35.16
C ARG D 203 10.57 15.78 -34.01
N MET D 204 10.77 14.45 -33.98
CA MET D 204 10.41 13.58 -32.85
C MET D 204 11.05 14.01 -31.53
N GLY D 205 12.34 14.38 -31.61
CA GLY D 205 13.13 14.90 -30.50
C GLY D 205 12.57 16.14 -29.81
N LEU D 206 12.17 17.14 -30.61
CA LEU D 206 11.41 18.32 -30.12
C LEU D 206 10.09 17.93 -29.44
N LYS D 207 9.35 17.03 -30.11
CA LYS D 207 8.03 16.55 -29.67
C LYS D 207 8.10 15.82 -28.33
N MET D 208 9.19 15.05 -28.15
CA MET D 208 9.57 14.37 -26.91
C MET D 208 9.81 15.37 -25.77
N LEU D 209 10.73 16.32 -25.98
CA LEU D 209 11.12 17.31 -24.96
C LEU D 209 9.97 18.18 -24.49
N LEU D 210 9.13 18.61 -25.45
CA LEU D 210 7.90 19.37 -25.17
C LEU D 210 6.87 18.58 -24.35
N MET D 211 6.72 17.29 -24.69
CA MET D 211 5.86 16.36 -23.95
C MET D 211 6.35 16.01 -22.56
N MET D 212 7.66 15.78 -22.46
CA MET D 212 8.36 15.55 -21.20
C MET D 212 8.37 16.76 -20.28
N GLY D 213 8.45 17.96 -20.86
CA GLY D 213 8.25 19.23 -20.17
C GLY D 213 6.88 19.46 -19.58
N LEU D 214 5.85 18.90 -20.23
CA LEU D 214 4.51 18.78 -19.66
C LEU D 214 4.39 17.64 -18.63
N LEU D 215 4.81 16.43 -19.03
CA LEU D 215 4.48 15.19 -18.33
C LEU D 215 5.27 14.95 -17.05
N LEU D 216 6.56 15.31 -17.07
CA LEU D 216 7.41 15.24 -15.87
C LEU D 216 6.93 16.08 -14.67
N PRO D 217 6.63 17.41 -14.80
CA PRO D 217 6.01 18.16 -13.68
C PRO D 217 4.62 17.65 -13.23
N LEU D 218 3.82 17.16 -14.18
CA LEU D 218 2.46 16.67 -13.89
C LEU D 218 2.41 15.35 -13.11
N VAL D 219 3.23 14.38 -13.55
CA VAL D 219 3.44 13.08 -12.84
C VAL D 219 4.08 13.30 -11.45
N TYR D 220 5.03 14.25 -11.38
CA TYR D 220 5.60 14.73 -10.13
C TYR D 220 4.56 15.29 -9.15
N ALA D 221 3.63 16.11 -9.69
CA ALA D 221 2.49 16.66 -8.95
C ALA D 221 1.48 15.61 -8.48
N MET D 222 1.32 14.54 -9.28
CA MET D 222 0.51 13.36 -8.95
C MET D 222 1.14 12.55 -7.79
N LYS D 223 2.45 12.30 -7.88
CA LYS D 223 3.20 11.64 -6.80
C LYS D 223 3.29 12.44 -5.50
N ARG D 224 3.47 13.76 -5.63
CA ARG D 224 3.37 14.69 -4.50
C ARG D 224 2.00 14.76 -3.80
N HIS D 225 0.92 14.63 -4.61
CA HIS D 225 -0.48 14.58 -4.13
C HIS D 225 -0.73 13.36 -3.22
N LYS D 226 -0.45 12.17 -3.75
CA LYS D 226 -0.60 10.91 -3.01
C LYS D 226 0.32 10.80 -1.77
N TRP D 227 1.56 11.29 -1.91
CA TRP D 227 2.55 11.24 -0.84
C TRP D 227 2.37 12.30 0.26
N SER D 228 1.50 13.29 0.01
CA SER D 228 1.17 14.40 0.94
C SER D 228 0.76 13.91 2.33
N VAL D 229 -0.10 12.87 2.34
CA VAL D 229 -0.64 12.15 3.51
C VAL D 229 0.46 11.73 4.48
N LEU D 230 1.57 11.26 3.91
CA LEU D 230 2.76 10.83 4.62
C LEU D 230 3.72 11.94 4.97
N LYS D 231 3.97 12.85 4.02
CA LYS D 231 4.98 13.91 4.19
C LYS D 231 4.58 14.98 5.20
N SER D 232 3.27 15.11 5.46
CA SER D 232 2.79 15.95 6.54
C SER D 232 2.25 15.29 7.83
N ARG D 233 2.22 13.95 7.87
CA ARG D 233 1.93 13.19 9.10
C ARG D 233 2.70 13.61 10.39
N LYS D 234 1.93 13.67 11.48
CA LYS D 234 2.45 13.92 12.83
C LYS D 234 2.33 12.67 13.70
N LEU D 235 3.43 12.35 14.38
CA LEU D 235 3.47 11.31 15.41
C LEU D 235 3.53 11.88 16.82
N ALA D 236 2.80 11.20 17.72
CA ALA D 236 2.90 11.39 19.17
C ALA D 236 3.01 10.05 19.86
N TYR D 237 3.90 9.99 20.84
CA TYR D 237 4.07 8.86 21.72
C TYR D 237 3.49 9.18 23.07
N ARG D 238 2.51 8.37 23.45
CA ARG D 238 1.78 8.56 24.71
C ARG D 238 1.80 7.31 25.62
N PRO D 239 2.97 6.91 26.18
CA PRO D 239 3.01 5.71 27.05
C PRO D 239 2.29 5.93 28.41
N PRO D 240 1.77 4.89 29.10
CA PRO D 240 1.20 5.06 30.46
C PRO D 240 2.25 5.48 31.51
N LYS D 241 1.88 6.52 32.29
CA LYS D 241 2.68 7.17 33.38
C LYS D 241 4.04 7.80 33.01
N SER E 1 -13.91 -56.18 21.20
CA SER E 1 -14.72 -55.86 19.98
C SER E 1 -13.86 -55.34 18.80
N HIS E 2 -12.92 -54.41 19.08
CA HIS E 2 -11.70 -54.23 18.25
C HIS E 2 -10.85 -55.50 18.07
N THR E 3 -10.91 -56.38 19.07
CA THR E 3 -10.34 -57.76 19.04
C THR E 3 -10.92 -58.70 17.95
N ASP E 4 -12.13 -58.39 17.44
CA ASP E 4 -12.71 -59.05 16.24
C ASP E 4 -12.01 -58.71 14.89
N ILE E 5 -11.17 -57.66 14.89
CA ILE E 5 -10.38 -57.25 13.73
C ILE E 5 -9.15 -58.17 13.58
N LYS E 6 -9.39 -59.24 12.82
CA LYS E 6 -8.35 -59.99 12.10
C LYS E 6 -8.02 -59.31 10.76
N VAL E 7 -6.75 -59.37 10.37
CA VAL E 7 -6.28 -58.93 9.04
C VAL E 7 -6.59 -60.04 8.00
N PRO E 8 -7.25 -59.68 6.87
CA PRO E 8 -7.63 -60.68 5.85
C PRO E 8 -6.44 -61.35 5.15
N ASP E 9 -6.69 -62.57 4.66
CA ASP E 9 -5.71 -63.39 3.95
C ASP E 9 -5.15 -62.72 2.69
N PHE E 10 -3.83 -62.51 2.69
CA PHE E 10 -3.07 -61.96 1.56
C PHE E 10 -2.26 -63.01 0.75
N SER E 11 -2.52 -64.31 1.00
CA SER E 11 -1.88 -65.46 0.33
C SER E 11 -1.92 -65.44 -1.20
N ASP E 12 -3.00 -64.88 -1.76
CA ASP E 12 -3.19 -64.62 -3.20
C ASP E 12 -2.13 -63.70 -3.81
N TYR E 13 -1.67 -62.73 -3.01
CA TYR E 13 -0.84 -61.63 -3.50
C TYR E 13 0.63 -61.72 -3.06
N ARG E 14 0.90 -62.63 -2.10
CA ARG E 14 2.22 -62.79 -1.47
C ARG E 14 3.17 -63.50 -2.38
N ARG E 15 4.38 -62.94 -2.47
CA ARG E 15 5.61 -63.63 -2.94
C ARG E 15 5.79 -65.05 -2.32
N PRO E 16 6.24 -66.07 -3.10
CA PRO E 16 6.33 -67.47 -2.61
C PRO E 16 7.25 -67.72 -1.40
N GLU E 17 8.22 -66.82 -1.21
CA GLU E 17 9.16 -66.85 -0.08
C GLU E 17 8.53 -66.55 1.30
N VAL E 18 7.37 -65.90 1.28
CA VAL E 18 6.68 -65.36 2.48
C VAL E 18 5.24 -65.89 2.72
N LEU E 19 4.92 -66.99 2.05
CA LEU E 19 3.66 -67.73 2.24
C LEU E 19 3.60 -68.56 3.52
N ASP E 20 4.73 -69.13 3.93
CA ASP E 20 4.84 -69.90 5.16
C ASP E 20 4.83 -69.00 6.39
N SER E 21 3.73 -69.12 7.13
CA SER E 21 3.50 -68.43 8.42
C SER E 21 4.46 -68.84 9.55
N THR E 22 5.01 -70.06 9.47
CA THR E 22 5.97 -70.61 10.44
C THR E 22 7.46 -70.35 10.07
N LYS E 23 7.67 -69.75 8.89
CA LYS E 23 8.99 -69.28 8.42
C LYS E 23 9.19 -67.78 8.71
N SER E 24 10.36 -67.44 9.26
CA SER E 24 10.91 -66.07 9.25
C SER E 24 11.03 -65.51 7.84
N SER E 25 10.52 -64.28 7.70
CA SER E 25 10.66 -63.48 6.48
C SER E 25 12.05 -62.89 6.27
N LYS E 26 12.76 -62.63 7.38
CA LYS E 26 14.18 -62.21 7.43
C LYS E 26 15.13 -63.01 6.50
N GLU E 27 14.85 -64.32 6.40
CA GLU E 27 15.59 -65.27 5.55
C GLU E 27 15.51 -65.02 4.03
N SER E 28 14.48 -64.26 3.62
CA SER E 28 14.19 -63.96 2.22
C SER E 28 14.14 -62.46 1.84
N SER E 29 14.25 -61.57 2.85
CA SER E 29 14.21 -60.11 2.65
C SER E 29 15.35 -59.56 1.80
N GLU E 30 16.54 -60.16 1.96
CA GLU E 30 17.72 -59.89 1.12
C GLU E 30 17.51 -60.25 -0.37
N ALA E 31 16.93 -61.44 -0.62
CA ALA E 31 16.61 -61.94 -1.96
C ALA E 31 15.50 -61.14 -2.64
N ARG E 32 14.52 -60.70 -1.84
CA ARG E 32 13.31 -60.03 -2.33
C ARG E 32 13.54 -58.56 -2.64
N LYS E 33 14.26 -57.86 -1.75
CA LYS E 33 14.77 -56.49 -2.01
C LYS E 33 15.82 -56.47 -3.14
N GLY E 34 16.66 -57.51 -3.18
CA GLY E 34 17.58 -57.82 -4.27
C GLY E 34 16.97 -57.82 -5.67
N PHE E 35 15.84 -58.54 -5.81
CA PHE E 35 15.08 -58.66 -7.06
C PHE E 35 14.48 -57.34 -7.55
N SER E 36 13.83 -56.60 -6.64
CA SER E 36 13.13 -55.33 -6.96
C SER E 36 14.09 -54.17 -7.21
N TYR E 37 15.18 -54.11 -6.43
CA TYR E 37 16.24 -53.15 -6.67
C TYR E 37 17.13 -53.43 -7.90
N LEU E 38 17.32 -54.71 -8.25
CA LEU E 38 17.92 -55.11 -9.55
C LEU E 38 17.13 -54.63 -10.77
N VAL E 39 15.79 -54.68 -10.69
CA VAL E 39 14.85 -54.09 -11.66
C VAL E 39 15.11 -52.57 -11.88
N THR E 40 15.21 -51.83 -10.78
CA THR E 40 15.40 -50.38 -10.82
C THR E 40 16.83 -50.02 -11.28
N ALA E 41 17.82 -50.82 -10.82
CA ALA E 41 19.22 -50.77 -11.28
C ALA E 41 19.40 -50.98 -12.79
N THR E 42 18.77 -52.05 -13.32
CA THR E 42 18.79 -52.42 -14.76
C THR E 42 18.15 -51.34 -15.63
N THR E 43 17.05 -50.77 -15.14
CA THR E 43 16.34 -49.63 -15.73
C THR E 43 17.22 -48.37 -15.86
N THR E 44 17.84 -47.96 -14.75
CA THR E 44 18.70 -46.76 -14.69
C THR E 44 19.91 -46.86 -15.64
N VAL E 45 20.49 -48.06 -15.74
CA VAL E 45 21.53 -48.45 -16.72
C VAL E 45 21.02 -48.22 -18.16
N GLY E 46 19.85 -48.78 -18.46
CA GLY E 46 19.17 -48.62 -19.76
C GLY E 46 18.84 -47.17 -20.12
N VAL E 47 18.37 -46.41 -19.12
CA VAL E 47 17.98 -45.00 -19.27
C VAL E 47 19.23 -44.13 -19.47
N ALA E 48 20.32 -44.46 -18.73
CA ALA E 48 21.63 -43.82 -18.85
C ALA E 48 22.24 -43.95 -20.24
N TYR E 49 22.21 -45.17 -20.78
CA TYR E 49 22.51 -45.49 -22.19
C TYR E 49 21.79 -44.59 -23.19
N ALA E 50 20.47 -44.46 -23.03
CA ALA E 50 19.62 -43.63 -23.91
C ALA E 50 19.87 -42.13 -23.75
N ALA E 51 20.08 -41.69 -22.49
CA ALA E 51 20.34 -40.27 -22.13
C ALA E 51 21.70 -39.77 -22.63
N LYS E 52 22.75 -40.57 -22.42
CA LYS E 52 24.09 -40.37 -23.03
C LYS E 52 24.03 -40.15 -24.55
N ASN E 53 23.26 -41.01 -25.24
CA ASN E 53 23.14 -41.00 -26.70
C ASN E 53 22.43 -39.77 -27.28
N VAL E 54 21.22 -39.43 -26.78
CA VAL E 54 20.56 -38.13 -27.12
C VAL E 54 21.38 -36.88 -26.82
N VAL E 55 21.98 -36.83 -25.61
CA VAL E 55 22.75 -35.66 -25.12
C VAL E 55 24.01 -35.42 -25.97
N SER E 56 24.80 -36.49 -26.19
CA SER E 56 25.93 -36.53 -27.16
C SER E 56 25.59 -36.07 -28.59
N GLN E 57 24.43 -36.52 -29.09
CA GLN E 57 23.91 -36.13 -30.41
C GLN E 57 23.53 -34.64 -30.54
N PHE E 58 22.89 -34.11 -29.50
CA PHE E 58 22.63 -32.68 -29.35
C PHE E 58 23.91 -31.85 -29.15
N VAL E 59 24.84 -32.38 -28.35
CA VAL E 59 26.22 -31.85 -28.17
C VAL E 59 27.01 -31.79 -29.50
N SER E 60 27.03 -32.91 -30.24
CA SER E 60 27.68 -33.04 -31.57
C SER E 60 27.12 -32.12 -32.66
N SER E 61 25.82 -31.83 -32.63
CA SER E 61 25.17 -30.86 -33.52
C SER E 61 25.76 -29.43 -33.50
N MET E 62 26.32 -29.05 -32.35
CA MET E 62 27.05 -27.78 -32.10
C MET E 62 28.50 -27.81 -32.63
N SER E 63 29.15 -29.00 -32.61
CA SER E 63 30.43 -29.24 -33.31
C SER E 63 30.41 -28.86 -34.78
N ALA E 64 31.60 -28.55 -35.31
CA ALA E 64 31.85 -28.31 -36.74
C ALA E 64 31.19 -29.38 -37.63
N SER E 65 30.15 -28.90 -38.33
CA SER E 65 29.44 -29.64 -39.40
C SER E 65 30.35 -29.99 -40.59
N ALA E 66 30.02 -31.10 -41.26
CA ALA E 66 30.76 -31.65 -42.42
C ALA E 66 31.06 -30.63 -43.55
N ASP E 67 30.04 -29.81 -43.88
CA ASP E 67 30.11 -28.39 -44.30
C ASP E 67 31.45 -27.61 -44.11
N VAL E 68 31.95 -27.61 -42.87
CA VAL E 68 32.96 -26.67 -42.34
C VAL E 68 34.34 -27.38 -42.27
N LEU E 69 34.31 -28.72 -42.10
CA LEU E 69 35.49 -29.57 -41.90
C LEU E 69 36.31 -29.87 -43.18
N ALA E 70 35.74 -29.50 -44.34
CA ALA E 70 36.25 -29.81 -45.68
C ALA E 70 37.57 -29.09 -46.00
N MET E 71 38.40 -29.75 -46.80
CA MET E 71 39.88 -29.69 -46.72
C MET E 71 40.57 -28.32 -47.00
N SER E 72 39.83 -27.41 -47.69
CA SER E 72 40.34 -26.13 -48.24
C SER E 72 41.58 -26.27 -49.17
N LYS E 73 42.79 -26.27 -48.55
CA LYS E 73 44.12 -26.18 -49.22
C LYS E 73 44.36 -25.01 -50.20
N ILE E 74 45.52 -24.36 -50.05
CA ILE E 74 45.88 -23.14 -50.79
C ILE E 74 47.18 -23.21 -51.62
N GLU E 75 47.06 -22.82 -52.90
CA GLU E 75 48.18 -22.52 -53.80
C GLU E 75 48.76 -21.12 -53.56
N ILE E 76 50.08 -21.06 -53.34
CA ILE E 76 50.83 -19.80 -53.15
C ILE E 76 51.98 -19.74 -54.19
N LYS E 77 52.03 -18.61 -54.93
CA LYS E 77 53.15 -18.27 -55.84
C LYS E 77 54.29 -17.54 -55.11
N LEU E 78 55.42 -18.25 -54.94
CA LEU E 78 56.52 -17.87 -54.03
C LEU E 78 57.39 -16.70 -54.52
N SER E 79 57.69 -16.70 -55.83
CA SER E 79 58.41 -15.62 -56.54
C SER E 79 57.73 -14.23 -56.52
N ASP E 80 56.40 -14.23 -56.30
CA ASP E 80 55.59 -13.02 -56.04
C ASP E 80 55.71 -12.39 -54.63
N ILE E 81 56.42 -13.08 -53.72
CA ILE E 81 56.81 -12.55 -52.38
C ILE E 81 58.32 -12.13 -52.38
N PRO E 82 58.62 -10.81 -52.48
CA PRO E 82 60.01 -10.31 -52.42
C PRO E 82 60.68 -10.45 -51.05
N GLU E 83 62.03 -10.36 -51.04
CA GLU E 83 62.89 -10.42 -49.84
C GLU E 83 62.59 -9.30 -48.85
N GLY E 84 62.43 -9.69 -47.58
CA GLY E 84 62.01 -8.80 -46.50
C GLY E 84 60.56 -8.94 -46.06
N LYS E 85 59.67 -9.20 -47.03
CA LYS E 85 58.23 -8.93 -46.94
C LYS E 85 57.38 -10.11 -46.39
N ASN E 86 56.39 -9.76 -45.56
CA ASN E 86 55.30 -10.65 -45.12
C ASN E 86 54.02 -10.41 -45.95
N MET E 87 53.62 -11.44 -46.71
CA MET E 87 52.36 -11.46 -47.47
C MET E 87 51.25 -12.24 -46.74
N ALA E 88 50.05 -11.64 -46.74
CA ALA E 88 48.87 -12.17 -46.03
C ALA E 88 47.80 -12.72 -46.99
N PHE E 89 47.58 -14.03 -46.92
CA PHE E 89 46.58 -14.76 -47.71
C PHE E 89 45.42 -15.26 -46.86
N LYS E 90 44.21 -15.19 -47.44
CA LYS E 90 43.01 -15.91 -46.93
C LYS E 90 43.18 -17.43 -47.05
N TRP E 91 43.09 -18.08 -45.89
CA TRP E 91 42.97 -19.55 -45.77
C TRP E 91 42.13 -19.93 -44.56
N ARG E 92 41.25 -20.92 -44.75
CA ARG E 92 40.34 -21.48 -43.70
C ARG E 92 39.38 -20.49 -42.98
N GLY E 93 39.26 -19.28 -43.55
CA GLY E 93 38.62 -18.13 -42.92
C GLY E 93 39.53 -17.13 -42.21
N LYS E 94 40.75 -17.55 -41.85
CA LYS E 94 41.63 -16.82 -40.89
C LYS E 94 43.14 -16.92 -41.25
N PRO E 95 43.86 -15.77 -41.25
CA PRO E 95 44.89 -15.49 -42.26
C PRO E 95 46.14 -16.37 -42.18
N LEU E 96 46.74 -16.63 -43.35
CA LEU E 96 48.04 -17.27 -43.49
C LEU E 96 49.14 -16.27 -43.92
N PHE E 97 50.11 -16.10 -43.03
CA PHE E 97 51.31 -15.28 -43.27
C PHE E 97 52.42 -16.12 -43.90
N VAL E 98 52.84 -15.68 -45.10
CA VAL E 98 54.01 -16.23 -45.82
C VAL E 98 55.06 -15.10 -45.95
N ARG E 99 56.26 -15.38 -45.43
CA ARG E 99 57.29 -14.38 -45.13
C ARG E 99 58.68 -14.83 -45.64
N HIS E 100 59.09 -14.20 -46.75
CA HIS E 100 60.46 -14.27 -47.29
C HIS E 100 61.44 -13.54 -46.35
N ARG E 101 62.49 -14.26 -45.95
CA ARG E 101 63.43 -13.81 -44.89
C ARG E 101 64.80 -13.42 -45.46
N THR E 102 65.22 -12.18 -45.15
CA THR E 102 66.61 -11.69 -45.33
C THR E 102 67.58 -12.46 -44.44
N LYS E 103 68.84 -12.57 -44.90
CA LYS E 103 69.94 -13.26 -44.17
C LYS E 103 70.21 -12.73 -42.75
N LYS E 104 70.11 -11.40 -42.60
CA LYS E 104 70.13 -10.68 -41.29
C LYS E 104 69.11 -11.19 -40.26
N GLU E 105 67.90 -11.52 -40.73
CA GLU E 105 66.81 -12.08 -39.90
C GLU E 105 67.08 -13.53 -39.46
N ILE E 106 67.53 -14.37 -40.40
CA ILE E 106 67.88 -15.81 -40.18
C ILE E 106 69.09 -15.97 -39.22
N ASP E 107 70.10 -15.11 -39.39
CA ASP E 107 71.23 -14.93 -38.45
C ASP E 107 70.77 -14.52 -37.02
N GLN E 108 69.79 -13.59 -36.96
CA GLN E 108 69.25 -13.04 -35.69
C GLN E 108 68.43 -14.04 -34.88
N GLU E 109 67.67 -14.90 -35.57
CA GLU E 109 66.83 -15.94 -34.95
C GLU E 109 67.57 -17.21 -34.53
N ALA E 110 68.68 -17.52 -35.23
CA ALA E 110 69.73 -18.44 -34.78
C ALA E 110 70.43 -18.01 -33.48
N ALA E 111 70.57 -16.68 -33.28
CA ALA E 111 71.29 -16.06 -32.14
C ALA E 111 70.50 -15.94 -30.81
N VAL E 112 69.17 -16.12 -30.90
CA VAL E 112 68.23 -16.09 -29.75
C VAL E 112 68.48 -17.30 -28.81
N GLU E 113 68.60 -16.99 -27.50
CA GLU E 113 68.64 -17.98 -26.41
C GLU E 113 67.31 -18.74 -26.27
N VAL E 114 67.40 -20.05 -26.54
CA VAL E 114 66.26 -21.01 -26.52
C VAL E 114 65.71 -21.22 -25.10
N SER E 115 66.62 -21.27 -24.11
CA SER E 115 66.29 -21.43 -22.68
C SER E 115 65.47 -20.28 -22.06
N GLN E 116 65.68 -19.06 -22.55
CA GLN E 116 65.07 -17.82 -22.01
C GLN E 116 63.59 -17.55 -22.41
N LEU E 117 63.06 -18.38 -23.31
CA LEU E 117 61.73 -18.19 -23.96
C LEU E 117 60.56 -18.84 -23.17
N ARG E 118 59.34 -18.31 -23.39
CA ARG E 118 58.07 -18.87 -22.90
C ARG E 118 57.77 -20.27 -23.48
N ASP E 119 57.85 -20.39 -24.81
CA ASP E 119 57.58 -21.62 -25.56
C ASP E 119 58.87 -22.04 -26.33
N PRO E 120 59.70 -22.92 -25.71
CA PRO E 120 61.12 -23.05 -26.13
C PRO E 120 61.29 -23.88 -27.42
N GLN E 121 61.50 -23.17 -28.52
CA GLN E 121 61.89 -23.74 -29.82
C GLN E 121 63.08 -22.99 -30.42
N HIS E 122 64.02 -23.77 -30.99
CA HIS E 122 64.94 -23.28 -32.02
C HIS E 122 64.21 -22.93 -33.32
N ASP E 123 64.76 -21.95 -34.05
CA ASP E 123 64.29 -21.59 -35.39
C ASP E 123 64.37 -22.71 -36.44
N LEU E 124 65.40 -23.57 -36.33
CA LEU E 124 65.68 -24.67 -37.27
C LEU E 124 64.64 -25.80 -37.28
N GLU E 125 64.10 -26.13 -36.11
CA GLU E 125 62.96 -27.06 -35.96
C GLU E 125 61.56 -26.53 -36.39
N ARG E 126 61.47 -25.20 -36.56
CA ARG E 126 60.24 -24.50 -36.99
C ARG E 126 60.06 -24.33 -38.51
N VAL E 127 61.18 -24.18 -39.23
CA VAL E 127 61.20 -24.00 -40.70
C VAL E 127 61.81 -25.19 -41.44
N LYS E 128 61.15 -25.59 -42.52
CA LYS E 128 61.64 -26.62 -43.47
C LYS E 128 62.85 -26.15 -44.30
N LYS E 129 62.80 -24.88 -44.74
CA LYS E 129 63.90 -24.20 -45.43
C LYS E 129 63.98 -22.71 -45.00
N PRO E 130 65.18 -22.23 -44.59
CA PRO E 130 65.28 -21.11 -43.61
C PRO E 130 64.85 -19.72 -44.11
N GLU E 131 64.83 -19.52 -45.43
CA GLU E 131 64.27 -18.31 -46.08
C GLU E 131 62.74 -18.14 -46.03
N TRP E 132 62.03 -19.26 -45.79
CA TRP E 132 60.56 -19.31 -45.77
C TRP E 132 59.97 -19.68 -44.39
N VAL E 133 59.48 -18.66 -43.68
CA VAL E 133 58.60 -18.83 -42.49
C VAL E 133 57.11 -18.64 -42.80
N ILE E 134 56.35 -19.73 -42.58
CA ILE E 134 54.90 -19.79 -42.84
C ILE E 134 54.15 -19.97 -41.49
N LEU E 135 53.21 -19.06 -41.25
CA LEU E 135 52.47 -18.97 -39.99
C LEU E 135 50.97 -18.74 -40.18
N ILE E 136 50.17 -19.40 -39.34
CA ILE E 136 48.77 -19.01 -39.03
C ILE E 136 48.79 -17.66 -38.29
N GLY E 137 48.16 -16.65 -38.92
CA GLY E 137 48.28 -15.24 -38.52
C GLY E 137 47.31 -14.81 -37.44
N VAL E 138 47.32 -15.58 -36.35
CA VAL E 138 46.34 -15.54 -35.26
C VAL E 138 47.17 -15.61 -33.97
N CYS E 139 47.08 -14.54 -33.17
CA CYS E 139 47.73 -14.41 -31.85
C CYS E 139 47.22 -15.47 -30.87
N THR E 140 48.16 -16.07 -30.13
CA THR E 140 47.88 -17.20 -29.19
C THR E 140 47.22 -16.76 -27.86
N HIS E 141 47.16 -15.45 -27.64
CA HIS E 141 46.48 -14.84 -26.49
C HIS E 141 44.96 -14.98 -26.64
N LEU E 142 44.36 -14.14 -27.51
CA LEU E 142 42.90 -14.04 -27.66
C LEU E 142 42.36 -13.94 -29.12
N GLY E 143 43.24 -14.23 -30.09
CA GLY E 143 42.90 -14.45 -31.49
C GLY E 143 42.82 -13.27 -32.44
N CYS E 144 43.28 -12.09 -32.01
CA CYS E 144 43.52 -10.95 -32.91
C CYS E 144 44.62 -11.22 -33.94
N VAL E 145 44.56 -10.50 -35.07
CA VAL E 145 45.52 -10.64 -36.19
C VAL E 145 46.69 -9.64 -35.99
N PRO E 146 47.92 -10.14 -35.72
CA PRO E 146 49.11 -9.27 -35.55
C PRO E 146 49.54 -8.57 -36.84
N ILE E 147 49.90 -7.29 -36.69
CA ILE E 147 50.47 -6.48 -37.77
C ILE E 147 51.91 -6.93 -38.09
N ALA E 148 52.12 -7.26 -39.36
CA ALA E 148 53.43 -7.61 -39.93
C ALA E 148 54.44 -6.45 -39.84
N ASN E 149 55.69 -6.82 -39.51
CA ASN E 149 56.87 -5.92 -39.43
C ASN E 149 56.77 -4.79 -38.37
N ALA E 150 56.28 -5.18 -37.19
CA ALA E 150 56.02 -4.27 -36.06
C ALA E 150 56.43 -4.86 -34.69
N GLY E 151 56.56 -3.97 -33.70
CA GLY E 151 56.95 -4.31 -32.33
C GLY E 151 58.40 -3.97 -31.97
N ASP E 152 58.87 -4.60 -30.88
CA ASP E 152 60.23 -4.43 -30.35
C ASP E 152 61.22 -5.55 -30.80
N PHE E 153 60.74 -6.45 -31.67
CA PHE E 153 61.50 -7.63 -32.13
C PHE E 153 61.64 -7.80 -33.66
N GLY E 154 60.97 -6.93 -34.43
CA GLY E 154 61.03 -6.88 -35.88
C GLY E 154 60.32 -8.00 -36.64
N GLY E 155 59.41 -8.70 -35.95
CA GLY E 155 58.53 -9.70 -36.53
C GLY E 155 57.10 -9.21 -36.62
N TYR E 156 56.38 -9.31 -35.50
CA TYR E 156 54.91 -9.15 -35.42
C TYR E 156 54.49 -8.50 -34.10
N TYR E 157 53.62 -7.49 -34.19
CA TYR E 157 52.93 -6.93 -33.02
C TYR E 157 51.41 -7.07 -33.12
N CYS E 158 50.84 -7.72 -32.10
CA CYS E 158 49.40 -7.74 -31.84
C CYS E 158 48.97 -6.48 -31.04
N PRO E 159 48.21 -5.55 -31.69
CA PRO E 159 47.83 -4.26 -31.05
C PRO E 159 46.79 -4.37 -29.90
N CYS E 160 46.18 -5.56 -29.77
CA CYS E 160 45.03 -5.83 -28.88
C CYS E 160 45.38 -5.72 -27.39
N HIS E 161 46.44 -6.42 -26.96
CA HIS E 161 46.91 -6.44 -25.55
C HIS E 161 48.45 -6.37 -25.36
N GLY E 162 49.17 -6.38 -26.49
CA GLY E 162 50.60 -6.05 -26.55
C GLY E 162 51.54 -7.23 -26.64
N SER E 163 51.21 -8.18 -27.53
CA SER E 163 52.07 -9.34 -27.83
C SER E 163 53.13 -8.99 -28.86
N HIS E 164 54.40 -9.24 -28.49
CA HIS E 164 55.57 -9.02 -29.36
C HIS E 164 56.17 -10.35 -29.82
N TYR E 165 56.09 -10.56 -31.14
CA TYR E 165 56.68 -11.74 -31.81
C TYR E 165 57.91 -11.38 -32.64
N ASP E 166 58.88 -12.29 -32.65
CA ASP E 166 60.05 -12.21 -33.55
C ASP E 166 59.78 -12.74 -34.98
N ALA E 167 60.82 -12.73 -35.83
CA ALA E 167 60.81 -13.23 -37.22
C ALA E 167 60.56 -14.75 -37.42
N SER E 168 60.71 -15.55 -36.35
CA SER E 168 60.23 -16.94 -36.29
C SER E 168 58.75 -17.12 -35.87
N GLY E 169 58.09 -16.00 -35.56
CA GLY E 169 56.77 -15.98 -34.92
C GLY E 169 56.75 -16.39 -33.47
N ARG E 170 57.91 -16.35 -32.80
CA ARG E 170 58.06 -16.76 -31.39
C ARG E 170 57.73 -15.60 -30.45
N ILE E 171 56.90 -15.88 -29.44
CA ILE E 171 56.52 -14.93 -28.38
C ILE E 171 57.68 -14.51 -27.45
N ARG E 172 57.76 -13.19 -27.23
CA ARG E 172 58.87 -12.54 -26.53
C ARG E 172 58.43 -11.64 -25.37
N LYS E 173 57.31 -10.96 -25.56
CA LYS E 173 56.74 -9.97 -24.60
C LYS E 173 55.21 -9.97 -24.65
N GLY E 174 54.59 -9.68 -23.50
CA GLY E 174 53.14 -9.54 -23.34
C GLY E 174 52.41 -10.87 -23.09
N PRO E 175 51.05 -10.86 -23.18
CA PRO E 175 50.22 -11.87 -22.48
C PRO E 175 50.22 -13.28 -23.10
N ALA E 176 50.61 -13.43 -24.38
CA ALA E 176 50.41 -14.66 -25.16
C ALA E 176 51.31 -15.85 -24.71
N PRO E 177 50.72 -17.05 -24.50
CA PRO E 177 51.49 -18.18 -23.94
C PRO E 177 52.46 -18.88 -24.92
N LEU E 178 52.16 -18.83 -26.23
CA LEU E 178 52.78 -19.70 -27.24
C LEU E 178 53.22 -18.96 -28.50
N ASN E 179 54.30 -19.47 -29.12
CA ASN E 179 54.72 -19.09 -30.48
C ASN E 179 53.59 -19.32 -31.50
N LEU E 180 53.50 -18.42 -32.49
CA LEU E 180 52.49 -18.50 -33.58
C LEU E 180 52.55 -19.83 -34.32
N GLU E 181 51.37 -20.35 -34.66
CA GLU E 181 51.20 -21.72 -35.17
C GLU E 181 51.85 -21.93 -36.54
N VAL E 182 52.78 -22.88 -36.55
CA VAL E 182 53.38 -23.43 -37.79
C VAL E 182 52.39 -24.48 -38.38
N PRO E 183 51.81 -24.22 -39.57
CA PRO E 183 51.02 -25.24 -40.29
C PRO E 183 51.87 -26.37 -40.90
N SER E 184 51.22 -27.49 -41.27
CA SER E 184 51.84 -28.54 -42.10
C SER E 184 51.98 -28.09 -43.56
N TYR E 185 53.23 -28.04 -44.03
CA TYR E 185 53.59 -27.70 -45.42
C TYR E 185 54.75 -28.54 -46.00
N GLU E 186 54.71 -28.74 -47.32
CA GLU E 186 55.85 -29.24 -48.11
C GLU E 186 56.10 -28.48 -49.43
N PHE E 187 57.39 -28.40 -49.82
CA PHE E 187 57.84 -27.80 -51.09
C PHE E 187 58.06 -28.87 -52.17
N THR E 188 57.30 -28.76 -53.26
CA THR E 188 57.48 -29.56 -54.49
C THR E 188 58.27 -28.84 -55.60
N SER E 189 58.00 -27.54 -55.74
CA SER E 189 58.90 -26.58 -56.41
C SER E 189 59.28 -25.40 -55.49
N ASP E 190 60.38 -24.70 -55.84
CA ASP E 190 60.69 -23.36 -55.30
C ASP E 190 60.04 -22.15 -56.06
N ASP E 191 59.04 -22.46 -56.90
CA ASP E 191 58.02 -21.50 -57.38
C ASP E 191 56.65 -21.56 -56.67
N MET E 192 56.23 -22.76 -56.24
CA MET E 192 54.92 -23.00 -55.60
C MET E 192 54.97 -23.88 -54.35
N VAL E 193 54.32 -23.40 -53.28
CA VAL E 193 54.07 -24.14 -52.02
C VAL E 193 52.57 -24.42 -51.76
N ILE E 194 52.26 -25.69 -51.50
CA ILE E 194 50.95 -26.15 -50.99
C ILE E 194 51.02 -26.27 -49.46
N VAL E 195 50.09 -25.57 -48.80
CA VAL E 195 49.94 -25.56 -47.33
C VAL E 195 48.65 -26.31 -46.95
N GLY E 196 48.81 -27.34 -46.10
CA GLY E 196 47.74 -28.22 -45.66
C GLY E 196 48.22 -29.54 -45.08
N ALA F 5 41.75 6.52 38.60
CA ALA F 5 43.17 6.80 38.25
C ALA F 5 43.34 7.57 36.92
N VAL F 6 42.87 6.95 35.81
CA VAL F 6 43.28 7.31 34.43
C VAL F 6 42.63 8.59 33.89
N SER F 7 43.46 9.51 33.40
CA SER F 7 43.08 10.91 33.13
C SER F 7 43.17 11.34 31.64
N ALA F 8 44.39 11.59 31.14
CA ALA F 8 44.64 12.35 29.90
C ALA F 8 44.46 11.54 28.59
N SER F 9 44.99 10.31 28.59
CA SER F 9 44.83 9.32 27.50
C SER F 9 43.38 8.85 27.29
N SER F 10 42.66 8.70 28.42
CA SER F 10 41.26 8.25 28.48
C SER F 10 40.28 9.21 27.78
N ARG F 11 40.44 10.51 28.06
CA ARG F 11 39.66 11.60 27.43
C ARG F 11 39.85 11.73 25.91
N TRP F 12 41.06 11.41 25.42
CA TRP F 12 41.39 11.36 23.99
C TRP F 12 40.80 10.15 23.27
N LEU F 13 40.98 8.96 23.87
CA LEU F 13 40.25 7.72 23.51
C LEU F 13 38.73 7.91 23.45
N GLU F 14 38.17 8.58 24.47
CA GLU F 14 36.77 9.06 24.53
C GLU F 14 36.43 10.10 23.46
N GLY F 15 37.40 10.98 23.16
CA GLY F 15 37.30 12.02 22.14
C GLY F 15 37.11 11.51 20.70
N ILE F 16 37.94 10.53 20.30
CA ILE F 16 37.80 9.78 19.03
C ILE F 16 36.46 9.00 18.95
N ARG F 17 36.07 8.36 20.07
CA ARG F 17 34.77 7.69 20.24
C ARG F 17 33.58 8.65 20.10
N LYS F 18 33.70 9.85 20.72
CA LYS F 18 32.68 10.91 20.64
C LYS F 18 32.60 11.57 19.28
N TRP F 19 33.78 11.84 18.66
CA TRP F 19 33.91 12.31 17.27
C TRP F 19 33.20 11.41 16.27
N TYR F 20 33.50 10.10 16.33
CA TYR F 20 32.90 9.06 15.47
C TYR F 20 31.39 8.94 15.69
N TYR F 21 30.96 9.05 16.95
CA TYR F 21 29.53 9.04 17.33
C TYR F 21 28.78 10.15 16.59
N ASN F 22 29.36 11.37 16.57
CA ASN F 22 28.74 12.50 15.86
C ASN F 22 28.75 12.38 14.34
N ALA F 23 29.86 11.87 13.78
CA ALA F 23 30.00 11.56 12.36
C ALA F 23 29.08 10.42 11.86
N ALA F 24 28.87 9.40 12.71
CA ALA F 24 27.87 8.34 12.47
C ALA F 24 26.45 8.87 12.21
N GLY F 25 26.01 9.85 13.01
CA GLY F 25 24.82 10.66 12.74
C GLY F 25 23.44 10.04 12.97
N PHE F 26 23.37 8.85 13.61
CA PHE F 26 22.07 8.27 14.06
C PHE F 26 21.37 9.05 15.16
N ASN F 27 22.18 9.76 15.94
CA ASN F 27 21.74 10.75 16.91
C ASN F 27 21.00 11.97 16.35
N LYS F 28 21.22 12.32 15.07
CA LYS F 28 20.47 13.37 14.37
C LYS F 28 19.00 12.98 14.10
N LEU F 29 18.77 11.66 14.05
CA LEU F 29 17.44 11.03 13.94
C LEU F 29 16.82 10.61 15.27
N GLY F 30 17.52 10.91 16.40
CA GLY F 30 17.08 10.52 17.74
C GLY F 30 17.29 9.07 18.10
N LEU F 31 18.02 8.35 17.26
CA LEU F 31 18.41 6.99 17.55
C LEU F 31 19.48 6.90 18.62
N MET F 32 19.28 5.91 19.47
CA MET F 32 20.35 5.34 20.27
C MET F 32 21.15 4.31 19.46
N ARG F 33 22.41 4.09 19.84
CA ARG F 33 23.29 3.04 19.26
C ARG F 33 22.60 1.66 19.06
N ASP F 34 21.91 1.19 20.10
CA ASP F 34 21.27 -0.12 20.13
C ASP F 34 20.05 -0.26 19.22
N ASP F 35 19.42 0.87 18.86
CA ASP F 35 18.37 0.96 17.81
C ASP F 35 18.84 0.62 16.38
N THR F 36 20.15 0.75 16.13
CA THR F 36 20.74 0.67 14.78
C THR F 36 21.30 -0.71 14.45
N ILE F 37 21.40 -1.57 15.48
CA ILE F 37 21.95 -2.93 15.39
C ILE F 37 21.20 -3.80 14.33
N HIS F 38 21.99 -4.49 13.50
CA HIS F 38 21.49 -5.49 12.57
C HIS F 38 20.83 -6.65 13.32
N GLU F 39 19.56 -6.90 12.98
CA GLU F 39 18.74 -7.99 13.53
C GLU F 39 19.15 -9.33 12.94
N ASN F 40 20.17 -9.95 13.54
CA ASN F 40 20.33 -11.41 13.48
C ASN F 40 19.46 -12.16 14.55
N ASP F 41 19.59 -13.49 14.62
CA ASP F 41 18.88 -14.34 15.61
C ASP F 41 19.16 -14.02 17.08
N ASP F 42 20.44 -13.80 17.41
CA ASP F 42 20.87 -13.29 18.73
C ASP F 42 20.17 -11.98 19.12
N VAL F 43 20.09 -11.06 18.16
CA VAL F 43 19.52 -9.72 18.34
C VAL F 43 18.00 -9.76 18.48
N LYS F 44 17.35 -10.59 17.65
CA LYS F 44 15.89 -10.74 17.66
C LYS F 44 15.40 -11.31 19.00
N GLU F 45 16.21 -12.23 19.57
CA GLU F 45 15.99 -12.77 20.90
C GLU F 45 16.17 -11.75 22.00
N ALA F 46 17.20 -10.91 21.90
CA ALA F 46 17.42 -9.78 22.81
C ALA F 46 16.26 -8.79 22.85
N ILE F 47 15.71 -8.42 21.66
CA ILE F 47 14.49 -7.55 21.53
C ILE F 47 13.31 -8.17 22.26
N ARG F 48 13.09 -9.48 22.02
CA ARG F 48 12.01 -10.29 22.60
C ARG F 48 12.04 -10.27 24.15
N ARG F 49 13.26 -10.35 24.72
CA ARG F 49 13.49 -10.31 26.17
C ARG F 49 13.35 -8.92 26.82
N LEU F 50 13.30 -7.84 26.03
CA LEU F 50 13.25 -6.46 26.57
C LEU F 50 11.99 -6.25 27.43
N PRO F 51 12.07 -5.49 28.53
CA PRO F 51 10.84 -5.18 29.29
C PRO F 51 9.94 -4.21 28.51
N GLU F 52 8.69 -4.17 28.92
CA GLU F 52 7.62 -3.44 28.24
C GLU F 52 8.00 -1.99 27.85
N ASN F 53 8.49 -1.26 28.85
CA ASN F 53 8.90 0.17 28.72
C ASN F 53 9.98 0.45 27.66
N LEU F 54 10.98 -0.45 27.65
CA LEU F 54 12.13 -0.36 26.76
C LEU F 54 11.81 -0.79 25.34
N TYR F 55 11.06 -1.89 25.20
CA TYR F 55 10.49 -2.32 23.93
C TYR F 55 9.72 -1.19 23.21
N ASP F 56 8.79 -0.55 23.91
CA ASP F 56 7.90 0.46 23.32
C ASP F 56 8.64 1.73 22.95
N ASP F 57 9.57 2.17 23.82
CA ASP F 57 10.52 3.27 23.57
C ASP F 57 11.38 3.05 22.30
N ARG F 58 11.92 1.84 22.18
CA ARG F 58 12.63 1.36 20.99
C ARG F 58 11.85 1.51 19.69
N VAL F 59 10.58 1.03 19.66
CA VAL F 59 9.71 1.20 18.51
C VAL F 59 9.41 2.62 18.11
N PHE F 60 9.00 3.45 19.10
CA PHE F 60 8.84 4.88 18.85
C PHE F 60 10.05 5.57 18.27
N ARG F 61 11.24 5.23 18.79
CA ARG F 61 12.51 5.78 18.29
C ARG F 61 12.79 5.38 16.83
N ILE F 62 12.53 4.09 16.48
CA ILE F 62 12.67 3.62 15.09
C ILE F 62 11.69 4.37 14.17
N LYS F 63 10.40 4.42 14.57
CA LYS F 63 9.30 5.04 13.81
C LYS F 63 9.59 6.50 13.49
N ARG F 64 10.03 7.23 14.51
CA ARG F 64 10.37 8.62 14.40
C ARG F 64 11.57 8.85 13.46
N ALA F 65 12.51 7.89 13.46
CA ALA F 65 13.68 7.87 12.56
C ALA F 65 13.37 7.50 11.12
N LEU F 66 12.51 6.50 10.91
CA LEU F 66 12.05 6.12 9.58
C LEU F 66 11.19 7.22 8.94
N ASP F 67 10.35 7.85 9.76
CA ASP F 67 9.60 9.06 9.38
C ASP F 67 10.51 10.23 8.89
N LEU F 68 11.60 10.46 9.62
CA LEU F 68 12.58 11.48 9.26
C LEU F 68 13.33 11.13 7.99
N SER F 69 13.74 9.85 7.87
CA SER F 69 14.46 9.33 6.70
C SER F 69 13.64 9.43 5.40
N MET F 70 12.32 9.16 5.48
CA MET F 70 11.34 9.39 4.40
C MET F 70 11.27 10.87 3.92
N ARG F 71 11.27 11.80 4.88
CA ARG F 71 11.25 13.27 4.63
C ARG F 71 12.63 13.87 4.37
N GLN F 72 13.65 13.01 4.54
CA GLN F 72 15.09 13.32 4.37
C GLN F 72 15.54 14.47 5.30
N GLN F 73 14.86 14.52 6.45
CA GLN F 73 15.05 15.52 7.49
C GLN F 73 15.73 14.89 8.70
N ILE F 74 16.16 15.77 9.60
CA ILE F 74 16.79 15.42 10.88
C ILE F 74 16.09 16.20 12.02
N LEU F 75 16.30 15.77 13.26
CA LEU F 75 15.82 16.52 14.42
C LEU F 75 16.54 17.89 14.58
N PRO F 76 15.87 18.89 15.23
CA PRO F 76 16.62 20.06 15.80
C PRO F 76 17.76 19.61 16.76
N LYS F 77 18.89 20.33 16.71
CA LYS F 77 20.12 20.02 17.46
C LYS F 77 19.93 19.76 18.98
N GLU F 78 19.00 20.52 19.58
CA GLU F 78 18.48 20.35 20.96
C GLU F 78 18.13 18.89 21.32
N GLN F 79 17.50 18.21 20.33
CA GLN F 79 16.85 16.91 20.45
C GLN F 79 17.71 15.71 19.97
N TRP F 80 18.92 15.96 19.46
CA TRP F 80 19.90 14.90 19.15
C TRP F 80 20.34 14.17 20.41
N THR F 81 20.55 12.86 20.30
CA THR F 81 20.99 12.06 21.43
C THR F 81 22.46 12.29 21.68
N LYS F 82 22.72 12.70 22.91
CA LYS F 82 24.06 13.03 23.39
C LYS F 82 24.77 11.72 23.69
N TYR F 83 26.03 11.61 23.22
CA TYR F 83 26.92 10.45 23.42
C TYR F 83 26.95 9.96 24.89
N GLU F 84 27.09 10.93 25.81
CA GLU F 84 27.07 10.75 27.26
C GLU F 84 25.74 10.20 27.80
N GLU F 85 24.62 10.60 27.17
CA GLU F 85 23.25 10.14 27.49
C GLU F 85 22.78 8.83 26.78
N ASP F 86 23.63 8.29 25.89
CA ASP F 86 23.30 7.11 25.09
C ASP F 86 23.29 5.84 25.97
N LYS F 87 22.09 5.27 26.11
CA LYS F 87 21.82 4.13 27.00
C LYS F 87 22.02 2.86 26.22
N SER F 88 22.99 2.04 26.63
CA SER F 88 23.21 0.72 26.04
C SER F 88 22.24 -0.36 26.61
N TYR F 89 20.96 -0.18 26.30
CA TYR F 89 19.84 -0.88 26.96
C TYR F 89 19.70 -2.35 26.50
N LEU F 90 20.14 -2.63 25.25
CA LEU F 90 20.13 -3.98 24.65
C LEU F 90 21.31 -4.87 25.02
N GLU F 91 22.51 -4.27 25.07
CA GLU F 91 23.81 -4.93 25.36
C GLU F 91 23.77 -6.08 26.43
N PRO F 92 23.30 -5.83 27.69
CA PRO F 92 23.23 -6.93 28.68
C PRO F 92 22.25 -8.08 28.33
N TYR F 93 21.13 -7.78 27.63
CA TYR F 93 20.26 -8.82 27.03
C TYR F 93 20.97 -9.63 25.94
N LEU F 94 21.63 -8.90 25.03
CA LEU F 94 22.38 -9.49 23.92
C LEU F 94 23.56 -10.33 24.35
N LYS F 95 24.32 -9.84 25.33
CA LYS F 95 25.46 -10.53 25.93
C LYS F 95 25.07 -11.89 26.53
N GLU F 96 23.94 -11.91 27.26
CA GLU F 96 23.38 -13.11 27.84
C GLU F 96 22.87 -14.14 26.80
N VAL F 97 22.19 -13.63 25.76
CA VAL F 97 21.80 -14.43 24.56
C VAL F 97 23.01 -15.10 23.87
N ILE F 98 24.10 -14.32 23.66
CA ILE F 98 25.39 -14.83 23.12
C ILE F 98 26.04 -15.90 24.01
N ARG F 99 26.01 -15.68 25.33
CA ARG F 99 26.54 -16.60 26.35
C ARG F 99 25.79 -17.96 26.34
N GLU F 100 24.46 -17.89 26.19
CA GLU F 100 23.58 -19.05 26.05
C GLU F 100 23.80 -19.89 24.81
N ARG F 101 23.96 -19.21 23.65
CA ARG F 101 24.31 -19.87 22.37
C ARG F 101 25.66 -20.58 22.41
N LYS F 102 26.63 -19.93 23.07
CA LYS F 102 28.02 -20.42 23.14
C LYS F 102 28.17 -21.70 23.99
N GLU F 103 27.41 -21.76 25.09
CA GLU F 103 27.24 -22.96 25.94
C GLU F 103 26.63 -24.19 25.19
N ARG F 104 25.54 -23.92 24.44
CA ARG F 104 24.94 -24.92 23.51
C ARG F 104 25.96 -25.46 22.50
N GLU F 105 26.74 -24.53 21.93
CA GLU F 105 27.81 -24.83 20.98
C GLU F 105 28.98 -25.63 21.55
N GLU F 106 29.31 -25.40 22.82
CA GLU F 106 30.29 -26.23 23.56
C GLU F 106 29.81 -27.64 23.90
N TRP F 107 28.55 -27.75 24.33
CA TRP F 107 27.86 -29.03 24.52
C TRP F 107 27.75 -29.87 23.25
N ALA F 108 27.48 -29.21 22.12
CA ALA F 108 27.44 -29.82 20.78
C ALA F 108 28.80 -30.33 20.27
N LYS F 109 29.92 -29.78 20.80
CA LYS F 109 31.29 -30.24 20.53
C LYS F 109 31.61 -31.63 21.09
N LYS F 110 31.14 -31.92 22.30
CA LYS F 110 31.64 -33.07 23.07
C LYS F 110 31.07 -34.41 22.62
N GLY G 1 5.85 -14.17 2.24
CA GLY G 1 4.89 -13.05 2.09
C GLY G 1 4.38 -12.50 3.40
N ARG G 2 4.64 -11.20 3.62
CA ARG G 2 4.25 -10.46 4.83
C ARG G 2 2.93 -9.70 4.60
N GLN G 3 2.07 -9.63 5.63
CA GLN G 3 0.73 -8.97 5.54
C GLN G 3 0.50 -8.08 6.72
N PHE G 4 -0.21 -6.96 6.48
CA PHE G 4 -0.71 -6.08 7.54
C PHE G 4 -1.62 -6.80 8.52
N GLY G 5 -1.43 -6.51 9.81
CA GLY G 5 -2.01 -7.30 10.90
C GLY G 5 -1.09 -8.33 11.54
N HIS G 6 -0.03 -8.74 10.81
CA HIS G 6 0.91 -9.80 11.21
C HIS G 6 2.39 -9.37 11.27
N LEU G 7 2.64 -8.07 11.16
CA LEU G 7 4.01 -7.56 11.03
C LEU G 7 4.76 -7.54 12.34
N THR G 8 4.31 -6.71 13.27
CA THR G 8 4.92 -6.50 14.60
C THR G 8 3.95 -5.89 15.62
N ARG G 9 4.37 -5.85 16.90
CA ARG G 9 3.62 -5.22 17.99
C ARG G 9 4.09 -3.76 18.19
N VAL G 10 3.12 -2.84 18.14
CA VAL G 10 3.29 -1.42 18.40
C VAL G 10 2.20 -0.99 19.41
N ARG G 11 2.65 -0.31 20.46
CA ARG G 11 1.78 0.27 21.49
C ARG G 11 2.09 1.75 21.68
N HIS G 12 1.00 2.52 21.87
CA HIS G 12 1.02 3.92 22.40
C HIS G 12 1.47 5.04 21.41
N VAL G 13 1.35 4.76 20.11
CA VAL G 13 1.75 5.71 19.05
C VAL G 13 0.51 6.26 18.36
N ILE G 14 0.33 7.59 18.45
CA ILE G 14 -0.70 8.31 17.68
C ILE G 14 -0.11 8.89 16.40
N THR G 15 -0.73 8.56 15.25
CA THR G 15 -0.50 9.24 13.95
C THR G 15 -1.70 10.11 13.57
N TYR G 16 -1.38 11.36 13.23
CA TYR G 16 -2.30 12.36 12.70
C TYR G 16 -1.96 12.56 11.23
N SER G 17 -2.99 12.53 10.38
CA SER G 17 -2.86 12.65 8.93
C SER G 17 -3.94 13.58 8.38
N LEU G 18 -3.60 14.30 7.31
CA LEU G 18 -4.57 15.02 6.49
C LEU G 18 -4.76 14.41 5.11
N SER G 19 -6.01 14.50 4.60
CA SER G 19 -6.35 14.27 3.19
C SER G 19 -5.44 15.04 2.21
N PRO G 20 -5.05 14.43 1.05
CA PRO G 20 -4.31 15.15 0.01
C PRO G 20 -5.09 16.30 -0.65
N PHE G 21 -6.42 16.19 -0.69
CA PHE G 21 -7.31 17.26 -1.15
C PHE G 21 -7.43 18.46 -0.19
N GLU G 22 -6.95 18.28 1.05
CA GLU G 22 -6.99 19.33 2.10
C GLU G 22 -5.72 20.19 2.16
N GLN G 23 -4.71 19.78 1.38
CA GLN G 23 -3.32 20.14 1.58
C GLN G 23 -2.50 20.36 0.29
N ARG G 24 -1.31 20.98 0.45
CA ARG G 24 -0.41 21.34 -0.65
C ARG G 24 0.43 20.16 -1.07
N ALA G 25 0.56 19.98 -2.39
CA ALA G 25 1.51 19.03 -2.99
C ALA G 25 2.97 19.49 -2.89
N PHE G 26 3.19 20.82 -3.01
CA PHE G 26 4.51 21.44 -2.92
C PHE G 26 4.57 22.52 -1.77
N PRO G 27 4.46 22.10 -0.47
CA PRO G 27 4.42 23.08 0.62
C PRO G 27 5.83 23.66 0.92
N HIS G 28 5.94 24.98 0.76
CA HIS G 28 7.20 25.76 0.92
C HIS G 28 8.38 25.17 0.11
N TYR G 29 8.11 24.95 -1.19
CA TYR G 29 8.95 24.09 -2.06
C TYR G 29 10.39 24.56 -2.26
N PHE G 30 10.56 25.87 -2.48
CA PHE G 30 11.91 26.49 -2.57
C PHE G 30 12.43 26.97 -1.21
N SER G 31 11.55 27.64 -0.45
CA SER G 31 11.89 28.25 0.85
C SER G 31 12.35 27.26 1.96
N LYS G 32 11.76 26.06 1.97
CA LYS G 32 12.25 24.93 2.80
C LYS G 32 13.10 23.87 2.07
N GLY G 33 12.90 23.76 0.75
CA GLY G 33 13.54 22.76 -0.09
C GLY G 33 15.03 22.96 -0.27
N ILE G 34 15.43 24.09 -0.86
CA ILE G 34 16.86 24.44 -1.01
C ILE G 34 17.79 24.54 0.24
N PRO G 35 17.30 25.05 1.42
CA PRO G 35 18.00 24.80 2.70
C PRO G 35 18.28 23.34 3.05
N ASN G 36 17.34 22.44 2.72
CA ASN G 36 17.46 21.01 2.98
C ASN G 36 18.50 20.30 2.13
N VAL G 37 18.45 20.50 0.80
CA VAL G 37 19.50 20.04 -0.15
C VAL G 37 20.92 20.57 0.12
N LEU G 38 21.00 21.82 0.58
CA LEU G 38 22.26 22.42 1.05
C LEU G 38 22.84 21.72 2.30
N ARG G 39 21.95 21.45 3.27
CA ARG G 39 22.24 20.66 4.49
C ARG G 39 22.64 19.18 4.20
N ARG G 40 21.98 18.59 3.19
CA ARG G 40 22.28 17.22 2.71
C ARG G 40 23.64 17.12 2.01
N THR G 41 23.95 18.12 1.18
CA THR G 41 25.22 18.26 0.46
C THR G 41 26.43 18.32 1.43
N ARG G 42 26.34 19.25 2.41
CA ARG G 42 27.29 19.43 3.53
C ARG G 42 27.56 18.13 4.31
N ALA G 43 26.46 17.38 4.56
CA ALA G 43 26.48 16.15 5.35
C ALA G 43 27.25 15.00 4.67
N CYS G 44 27.34 15.05 3.34
CA CYS G 44 27.88 13.96 2.55
C CYS G 44 29.13 14.26 1.71
N ILE G 45 29.40 15.55 1.41
CA ILE G 45 30.52 15.99 0.51
C ILE G 45 31.89 15.37 0.80
N LEU G 46 32.24 15.33 2.09
CA LEU G 46 33.53 14.85 2.57
C LEU G 46 33.75 13.37 2.41
N ARG G 47 32.64 12.63 2.29
CA ARG G 47 32.61 11.18 1.99
C ARG G 47 32.58 10.88 0.49
N VAL G 48 31.78 11.63 -0.27
CA VAL G 48 31.52 11.38 -1.71
C VAL G 48 32.63 11.98 -2.59
N ALA G 49 32.83 13.30 -2.50
CA ALA G 49 33.73 14.07 -3.39
C ALA G 49 35.25 13.67 -3.46
N PRO G 50 36.00 13.50 -2.32
CA PRO G 50 37.45 13.21 -2.39
C PRO G 50 37.96 11.98 -3.20
N PRO G 51 37.25 10.84 -3.30
CA PRO G 51 37.58 9.83 -4.33
C PRO G 51 37.51 10.30 -5.78
N PHE G 52 36.49 11.09 -6.16
CA PHE G 52 36.26 11.54 -7.54
C PHE G 52 37.24 12.60 -8.03
N VAL G 53 37.55 13.57 -7.15
CA VAL G 53 38.71 14.46 -7.33
C VAL G 53 40.05 13.72 -7.53
N ALA G 54 40.28 12.67 -6.72
CA ALA G 54 41.46 11.79 -6.86
C ALA G 54 41.49 10.96 -8.16
N PHE G 55 40.31 10.62 -8.69
CA PHE G 55 40.16 10.14 -10.07
C PHE G 55 40.51 11.22 -11.10
N TYR G 56 39.86 12.39 -10.98
CA TYR G 56 40.09 13.55 -11.87
C TYR G 56 41.58 13.96 -12.00
N LEU G 57 42.30 14.00 -10.87
CA LEU G 57 43.74 14.30 -10.83
C LEU G 57 44.62 13.25 -11.54
N VAL G 58 44.26 11.97 -11.36
CA VAL G 58 44.91 10.82 -12.03
C VAL G 58 44.54 10.77 -13.55
N TYR G 59 43.29 11.14 -13.85
CA TYR G 59 42.79 11.38 -15.24
C TYR G 59 43.58 12.45 -16.00
N THR G 60 43.72 13.64 -15.38
CA THR G 60 44.37 14.80 -16.00
C THR G 60 45.89 14.69 -16.13
N TRP G 61 46.55 14.16 -15.09
CA TRP G 61 47.96 13.70 -15.15
C TRP G 61 48.20 12.65 -16.24
N GLY G 62 47.42 11.55 -16.20
CA GLY G 62 47.56 10.39 -17.09
C GLY G 62 47.41 10.65 -18.57
N THR G 63 46.43 11.51 -18.91
CA THR G 63 46.21 12.02 -20.27
C THR G 63 47.35 12.95 -20.75
N GLN G 64 47.79 13.86 -19.87
CA GLN G 64 48.91 14.80 -20.11
C GLN G 64 50.25 14.10 -20.36
N GLU G 65 50.55 13.10 -19.52
CA GLU G 65 51.77 12.26 -19.58
C GLU G 65 51.90 11.46 -20.88
N PHE G 66 50.80 10.79 -21.26
CA PHE G 66 50.69 9.93 -22.45
C PHE G 66 50.86 10.71 -23.76
N GLU G 67 50.13 11.83 -23.87
CA GLU G 67 50.29 12.87 -24.91
C GLU G 67 51.75 13.36 -25.09
N LYS G 68 52.42 13.61 -23.96
CA LYS G 68 53.82 14.10 -23.91
C LYS G 68 54.88 13.00 -24.07
N SER G 69 54.51 11.75 -23.78
CA SER G 69 55.34 10.56 -24.08
C SER G 69 55.48 10.23 -25.57
N LYS G 70 54.47 10.60 -26.37
CA LYS G 70 54.39 10.33 -27.82
C LYS G 70 55.04 11.43 -28.70
N ARG G 71 56.19 11.92 -28.21
CA ARG G 71 57.03 12.97 -28.78
C ARG G 71 58.50 12.61 -28.53
N LYS G 72 59.34 12.90 -29.53
CA LYS G 72 60.81 12.95 -29.36
C LYS G 72 61.30 14.38 -29.05
N ASN G 73 62.61 14.54 -28.80
CA ASN G 73 63.35 15.82 -28.98
C ASN G 73 64.86 15.78 -29.44
N PRO G 74 65.69 14.79 -29.00
CA PRO G 74 66.89 14.39 -29.78
C PRO G 74 66.83 13.02 -30.47
N ALA G 75 67.65 12.89 -31.52
CA ALA G 75 68.11 11.60 -32.08
C ALA G 75 69.59 11.62 -32.46
N ASP H 15 38.63 30.84 -54.88
CA ASP H 15 38.24 29.76 -53.92
C ASP H 15 38.52 30.17 -52.43
N PRO H 16 37.45 30.35 -51.62
CA PRO H 16 37.53 31.16 -50.38
C PRO H 16 38.29 30.51 -49.21
N LEU H 17 38.61 29.20 -49.32
CA LEU H 17 39.63 28.51 -48.52
C LEU H 17 41.02 29.17 -48.52
N THR H 18 41.44 29.67 -49.69
CA THR H 18 42.71 30.42 -49.87
C THR H 18 42.73 31.76 -49.09
N THR H 19 41.65 32.56 -49.24
CA THR H 19 41.34 33.78 -48.44
C THR H 19 41.44 33.55 -46.92
N VAL H 20 40.85 32.43 -46.46
CA VAL H 20 40.66 32.11 -45.04
C VAL H 20 41.97 31.57 -44.38
N ARG H 21 42.68 30.67 -45.09
CA ARG H 21 44.01 30.15 -44.66
C ARG H 21 45.12 31.23 -44.54
N GLU H 22 45.14 32.17 -45.51
CA GLU H 22 45.98 33.38 -45.48
C GLU H 22 45.71 34.27 -44.25
N GLN H 23 44.42 34.49 -43.96
CA GLN H 23 43.94 35.25 -42.79
C GLN H 23 44.20 34.54 -41.45
N CYS H 24 44.19 33.20 -41.47
CA CYS H 24 44.49 32.33 -40.31
C CYS H 24 45.96 32.29 -39.91
N GLU H 25 46.84 32.22 -40.93
CA GLU H 25 48.29 32.31 -40.79
C GLU H 25 48.82 33.61 -40.14
N GLN H 26 48.08 34.71 -40.33
CA GLN H 26 48.23 35.99 -39.59
C GLN H 26 48.20 35.88 -38.05
N LEU H 27 47.34 34.99 -37.53
CA LEU H 27 47.10 34.81 -36.08
C LEU H 27 48.30 34.18 -35.36
N GLU H 28 48.47 34.60 -34.09
CA GLU H 28 49.77 34.58 -33.37
C GLU H 28 50.36 33.19 -33.09
N LYS H 29 49.48 32.22 -32.77
CA LYS H 29 49.83 30.82 -32.50
C LYS H 29 50.40 30.07 -33.72
N CYS H 30 49.86 30.37 -34.91
CA CYS H 30 50.30 29.82 -36.21
C CYS H 30 51.72 30.26 -36.63
N VAL H 31 52.05 31.53 -36.34
CA VAL H 31 53.35 32.16 -36.64
C VAL H 31 54.50 31.42 -35.90
N LYS H 32 54.30 31.17 -34.60
CA LYS H 32 55.23 30.42 -33.73
C LYS H 32 55.38 28.93 -34.10
N ALA H 33 54.33 28.36 -34.71
CA ALA H 33 54.32 26.98 -35.22
C ALA H 33 54.91 26.82 -36.64
N ARG H 34 54.67 27.82 -37.51
CA ARG H 34 55.44 27.99 -38.77
C ARG H 34 56.96 28.08 -38.55
N GLU H 35 57.39 28.88 -37.55
CA GLU H 35 58.82 29.06 -37.20
C GLU H 35 59.47 27.82 -36.58
N ARG H 36 58.71 27.10 -35.73
CA ARG H 36 59.12 25.81 -35.17
C ARG H 36 59.23 24.70 -36.23
N LEU H 37 58.37 24.77 -37.24
CA LEU H 37 58.51 23.99 -38.49
C LEU H 37 59.69 24.42 -39.36
N GLU H 38 59.85 25.74 -39.54
CA GLU H 38 60.99 26.35 -40.26
C GLU H 38 62.38 25.96 -39.67
N LEU H 39 62.48 25.98 -38.33
CA LEU H 39 63.66 25.51 -37.61
C LEU H 39 63.83 23.98 -37.55
N CYS H 40 62.78 23.24 -37.97
CA CYS H 40 62.87 21.82 -38.31
C CYS H 40 63.31 21.54 -39.76
N ASP H 41 62.72 22.31 -40.73
CA ASP H 41 63.16 22.34 -42.15
C ASP H 41 64.68 22.54 -42.32
N GLU H 42 65.21 23.53 -41.60
CA GLU H 42 66.64 23.90 -41.58
C GLU H 42 67.52 22.81 -40.92
N ARG H 43 66.97 22.16 -39.88
CA ARG H 43 67.64 21.11 -39.08
C ARG H 43 67.89 19.81 -39.86
N VAL H 44 67.01 19.51 -40.81
CA VAL H 44 66.84 18.18 -41.44
C VAL H 44 67.55 18.09 -42.82
N SER H 45 67.56 19.23 -43.54
CA SER H 45 68.57 19.55 -44.60
C SER H 45 70.04 19.33 -44.17
N SER H 46 70.36 19.76 -42.93
CA SER H 46 71.73 20.09 -42.49
C SER H 46 72.72 18.92 -42.38
N ARG H 47 72.21 17.69 -42.24
CA ARG H 47 73.02 16.46 -42.17
C ARG H 47 72.60 15.39 -43.19
N SER H 48 73.59 14.56 -43.58
CA SER H 48 73.47 13.54 -44.64
C SER H 48 72.55 12.37 -44.26
N GLN H 49 72.86 11.72 -43.12
CA GLN H 49 72.00 10.69 -42.50
C GLN H 49 71.38 11.18 -41.19
N THR H 50 70.07 11.44 -41.27
CA THR H 50 69.19 11.65 -40.09
C THR H 50 67.88 10.83 -40.17
N GLU H 51 67.31 10.55 -38.99
CA GLU H 51 66.00 9.89 -38.85
C GLU H 51 64.81 10.86 -38.77
N GLU H 52 65.07 12.09 -38.29
CA GLU H 52 64.06 13.10 -37.89
C GLU H 52 63.19 13.58 -39.06
N ASP H 53 61.95 13.95 -38.73
CA ASP H 53 60.78 13.70 -39.59
C ASP H 53 60.04 14.97 -40.07
N CYS H 54 59.92 15.95 -39.16
CA CYS H 54 59.05 17.16 -39.32
C CYS H 54 57.52 16.97 -39.52
N THR H 55 57.05 15.71 -39.38
CA THR H 55 55.61 15.37 -39.25
C THR H 55 54.99 16.09 -38.04
N GLU H 56 55.69 16.02 -36.89
CA GLU H 56 55.25 16.55 -35.59
C GLU H 56 55.08 18.07 -35.59
N GLU H 57 55.98 18.74 -36.30
CA GLU H 57 56.03 20.19 -36.44
C GLU H 57 54.95 20.74 -37.39
N LEU H 58 54.67 20.01 -38.48
CA LEU H 58 53.60 20.34 -39.44
C LEU H 58 52.19 20.17 -38.84
N LEU H 59 51.94 18.99 -38.24
CA LEU H 59 50.66 18.66 -37.56
C LEU H 59 50.26 19.64 -36.45
N ASP H 60 51.28 20.09 -35.69
CA ASP H 60 51.24 21.24 -34.77
C ASP H 60 50.66 22.55 -35.34
N PHE H 61 51.00 22.84 -36.60
CA PHE H 61 50.68 24.11 -37.27
C PHE H 61 49.26 24.11 -37.86
N LEU H 62 48.95 23.07 -38.64
CA LEU H 62 47.60 22.81 -39.17
C LEU H 62 46.48 22.68 -38.12
N HIS H 63 46.82 22.12 -36.94
CA HIS H 63 45.98 22.15 -35.71
C HIS H 63 45.51 23.57 -35.30
N ALA H 64 46.46 24.51 -35.22
CA ALA H 64 46.20 25.94 -34.96
C ALA H 64 45.48 26.65 -36.11
N ARG H 65 45.80 26.22 -37.35
CA ARG H 65 45.31 26.87 -38.58
C ARG H 65 43.87 26.47 -38.93
N ASP H 66 43.62 25.15 -39.00
CA ASP H 66 42.28 24.61 -39.29
C ASP H 66 41.21 24.88 -38.23
N HIS H 67 41.63 25.06 -36.96
CA HIS H 67 40.79 25.58 -35.85
C HIS H 67 40.12 26.93 -36.21
N CYS H 68 40.94 27.88 -36.67
CA CYS H 68 40.51 29.22 -37.08
C CYS H 68 39.69 29.21 -38.40
N VAL H 69 40.16 28.41 -39.36
CA VAL H 69 39.42 28.03 -40.61
C VAL H 69 37.94 27.66 -40.35
N ALA H 70 37.74 26.74 -39.38
CA ALA H 70 36.42 26.19 -39.02
C ALA H 70 35.43 27.24 -38.48
N HIS H 71 35.95 28.21 -37.70
CA HIS H 71 35.17 29.34 -37.15
C HIS H 71 34.60 30.31 -38.21
N LYS H 72 35.28 30.40 -39.37
CA LYS H 72 35.10 31.50 -40.32
C LYS H 72 34.57 31.12 -41.72
N LEU H 73 35.04 29.98 -42.23
CA LEU H 73 34.88 29.53 -43.64
C LEU H 73 33.44 29.47 -44.20
N PHE H 74 32.50 29.04 -43.36
CA PHE H 74 31.15 28.65 -43.78
C PHE H 74 30.18 29.83 -44.06
N ASN H 75 30.56 31.03 -43.59
CA ASN H 75 29.94 32.32 -43.98
C ASN H 75 30.09 32.68 -45.47
N SER H 76 31.22 32.25 -46.07
CA SER H 76 31.52 32.43 -47.51
C SER H 76 30.73 31.48 -48.43
N LEU H 77 30.49 30.25 -47.93
CA LEU H 77 30.00 29.12 -48.73
C LEU H 77 28.47 29.14 -48.81
N LYS H 78 27.96 28.98 -50.04
CA LYS H 78 26.56 29.27 -50.41
C LYS H 78 25.86 28.03 -51.02
N MET I 1 -48.48 -6.03 43.13
CA MET I 1 -47.44 -5.15 42.51
C MET I 1 -46.51 -6.01 41.64
N LEU I 2 -47.09 -6.56 40.57
CA LEU I 2 -46.56 -7.78 39.94
C LEU I 2 -45.43 -7.47 38.91
N SER I 3 -45.20 -8.37 37.93
CA SER I 3 -43.92 -8.58 37.24
C SER I 3 -42.71 -8.86 38.14
N VAL I 4 -42.09 -10.01 37.86
CA VAL I 4 -41.02 -10.61 38.69
C VAL I 4 -39.74 -9.73 38.62
N ALA I 5 -39.32 -9.40 37.39
CA ALA I 5 -38.17 -8.52 37.12
C ALA I 5 -38.42 -7.00 37.32
N ALA I 6 -39.66 -6.55 37.10
CA ALA I 6 -40.10 -5.16 37.38
C ALA I 6 -40.64 -4.89 38.83
N ARG I 7 -40.58 -5.94 39.68
CA ARG I 7 -40.35 -5.82 41.13
C ARG I 7 -38.87 -5.46 41.50
N SER I 8 -37.97 -5.58 40.51
CA SER I 8 -36.62 -4.97 40.46
C SER I 8 -35.61 -5.56 41.42
N GLY I 9 -34.73 -6.40 40.85
CA GLY I 9 -33.98 -7.40 41.59
C GLY I 9 -33.56 -8.60 40.75
N PRO I 10 -34.47 -9.55 40.41
CA PRO I 10 -34.07 -10.76 39.68
C PRO I 10 -33.73 -10.50 38.23
N PHE I 11 -32.99 -11.42 37.61
CA PHE I 11 -32.48 -11.21 36.25
C PHE I 11 -33.44 -11.70 35.15
N ALA I 12 -33.62 -10.80 34.18
CA ALA I 12 -34.22 -11.05 32.86
C ALA I 12 -33.11 -11.05 31.76
N PRO I 13 -33.10 -12.06 30.85
CA PRO I 13 -32.49 -11.89 29.52
C PRO I 13 -33.41 -11.78 28.35
N VAL I 14 -32.97 -10.93 27.40
CA VAL I 14 -33.59 -10.71 26.09
C VAL I 14 -32.57 -11.10 24.97
N LEU I 15 -33.03 -11.96 24.05
CA LEU I 15 -32.54 -12.02 22.64
C LEU I 15 -33.54 -11.32 21.70
N SER I 16 -33.02 -10.71 20.64
CA SER I 16 -33.84 -10.22 19.52
C SER I 16 -33.47 -10.73 18.11
N ALA I 17 -34.40 -10.60 17.14
CA ALA I 17 -34.06 -10.59 15.69
C ALA I 17 -33.03 -9.48 15.29
N THR I 18 -33.38 -8.20 15.55
CA THR I 18 -32.69 -7.00 14.99
C THR I 18 -31.93 -6.17 16.04
N SER I 19 -32.19 -6.50 17.31
CA SER I 19 -31.75 -5.70 18.47
C SER I 19 -30.88 -6.50 19.41
N ARG I 20 -29.95 -5.78 20.03
CA ARG I 20 -28.90 -6.32 20.92
C ARG I 20 -29.48 -7.01 22.16
N GLY I 21 -28.87 -8.16 22.51
CA GLY I 21 -29.04 -8.87 23.79
C GLY I 21 -28.96 -8.01 25.05
N VAL I 22 -29.89 -8.25 25.98
CA VAL I 22 -29.94 -7.56 27.28
C VAL I 22 -29.89 -8.55 28.48
N ALA I 23 -29.26 -8.07 29.56
CA ALA I 23 -29.47 -8.55 30.93
C ALA I 23 -29.75 -7.34 31.85
N GLY I 24 -30.84 -7.44 32.64
CA GLY I 24 -31.32 -6.35 33.50
C GLY I 24 -31.88 -6.81 34.83
N ALA I 25 -31.58 -6.03 35.89
CA ALA I 25 -31.86 -6.36 37.33
C ALA I 25 -31.57 -5.20 38.33
N LEU I 26 -32.03 -5.36 39.58
CA LEU I 26 -31.72 -4.41 40.67
C LEU I 26 -30.81 -4.86 41.86
N ARG I 27 -29.77 -5.60 41.48
CA ARG I 27 -28.37 -5.16 41.60
C ARG I 27 -28.09 -3.63 41.30
N PRO I 28 -27.12 -3.00 41.98
CA PRO I 28 -26.77 -1.61 41.66
C PRO I 28 -25.54 -1.42 40.73
N LEU I 29 -25.56 -0.38 39.87
CA LEU I 29 -24.38 0.11 39.09
C LEU I 29 -24.32 1.62 38.76
N VAL I 30 -25.48 2.30 38.85
CA VAL I 30 -25.57 3.76 38.64
C VAL I 30 -24.91 4.54 39.80
N GLN I 31 -25.32 4.23 41.05
CA GLN I 31 -24.67 4.72 42.31
C GLN I 31 -23.37 3.98 42.73
N ALA I 32 -22.96 2.98 41.93
CA ALA I 32 -21.62 2.36 41.97
C ALA I 32 -20.53 3.13 41.21
N ALA I 33 -20.91 3.73 40.07
CA ALA I 33 -20.10 4.71 39.31
C ALA I 33 -19.81 6.03 40.04
N VAL I 34 -20.68 6.38 40.99
CA VAL I 34 -20.78 7.72 41.58
C VAL I 34 -19.63 8.05 42.60
N PRO I 35 -19.25 7.11 43.50
CA PRO I 35 -17.84 6.98 43.91
C PRO I 35 -17.10 5.90 43.12
N ALA I 36 -15.94 6.30 42.59
CA ALA I 36 -15.61 6.07 41.19
C ALA I 36 -14.45 5.06 40.95
N THR I 37 -13.94 5.00 39.71
CA THR I 37 -13.26 3.83 39.10
C THR I 37 -13.92 2.45 39.25
N SER I 38 -15.02 2.29 38.49
CA SER I 38 -15.31 1.05 37.77
C SER I 38 -14.80 1.18 36.32
N GLU I 39 -13.57 0.69 36.12
CA GLU I 39 -12.87 0.71 34.83
C GLU I 39 -13.37 -0.46 33.94
N SER I 40 -14.55 -0.24 33.34
CA SER I 40 -15.44 -1.30 32.84
C SER I 40 -14.97 -1.89 31.49
N PRO I 41 -14.87 -3.24 31.37
CA PRO I 41 -15.04 -3.92 30.07
C PRO I 41 -16.31 -3.53 29.26
N VAL I 42 -16.18 -2.39 28.58
CA VAL I 42 -17.16 -1.83 27.65
C VAL I 42 -16.53 -1.83 26.25
N LEU I 43 -17.12 -2.68 25.39
CA LEU I 43 -16.61 -3.09 24.06
C LEU I 43 -15.21 -3.76 24.02
N ASP I 44 -14.99 -4.64 25.02
CA ASP I 44 -14.15 -5.86 24.91
C ASP I 44 -14.84 -6.93 24.00
N LEU I 45 -14.62 -8.25 24.22
CA LEU I 45 -15.32 -9.33 23.47
C LEU I 45 -16.87 -9.36 23.70
N LYS I 46 -17.57 -8.50 22.93
CA LYS I 46 -18.82 -7.81 23.35
C LYS I 46 -19.61 -7.19 22.19
N ARG I 47 -20.90 -7.52 22.14
CA ARG I 47 -22.03 -6.58 22.14
C ARG I 47 -21.88 -5.04 21.80
N SER I 48 -22.92 -4.27 22.21
CA SER I 48 -23.08 -2.81 22.04
C SER I 48 -24.17 -2.32 23.02
N VAL I 49 -23.91 -1.19 23.69
CA VAL I 49 -24.76 -0.70 24.80
C VAL I 49 -25.70 0.43 24.43
N LEU I 50 -26.86 0.46 25.12
CA LEU I 50 -28.06 1.26 24.78
C LEU I 50 -28.64 1.01 23.39
N CYS I 51 -29.61 0.09 23.36
CA CYS I 51 -30.85 0.21 22.56
C CYS I 51 -30.77 0.90 21.18
N ARG I 52 -30.72 0.08 20.13
CA ARG I 52 -30.77 0.53 18.73
C ARG I 52 -32.05 0.15 17.97
N GLU I 53 -32.26 0.77 16.80
CA GLU I 53 -33.53 1.39 16.37
C GLU I 53 -34.04 2.44 17.40
N SER I 54 -33.21 3.50 17.53
CA SER I 54 -33.52 4.75 18.27
C SER I 54 -32.87 6.02 17.61
N LEU I 55 -33.47 6.46 16.50
CA LEU I 55 -33.16 7.74 15.85
C LEU I 55 -34.41 8.49 15.40
N ARG I 56 -34.33 9.82 15.50
CA ARG I 56 -35.27 10.78 14.90
C ARG I 56 -35.20 10.83 13.35
N GLY I 57 -36.13 11.56 12.73
CA GLY I 57 -36.09 11.91 11.32
C GLY I 57 -34.89 12.76 10.93
N ALA J 2 -18.56 33.30 -10.59
CA ALA J 2 -18.50 33.58 -9.12
C ALA J 2 -18.45 32.31 -8.20
N PRO J 3 -18.93 31.14 -8.69
CA PRO J 3 -18.17 29.88 -8.54
C PRO J 3 -17.07 29.67 -9.59
N THR J 4 -16.04 28.93 -9.17
CA THR J 4 -14.78 28.74 -9.93
C THR J 4 -14.96 27.79 -11.14
N LEU J 5 -14.07 27.95 -12.12
CA LEU J 5 -13.99 27.10 -13.31
C LEU J 5 -13.50 25.67 -13.06
N THR J 6 -12.58 25.51 -12.10
CA THR J 6 -12.20 24.20 -11.53
C THR J 6 -13.40 23.45 -10.92
N ALA J 7 -14.23 24.20 -10.18
CA ALA J 7 -15.48 23.73 -9.56
C ALA J 7 -16.52 23.25 -10.59
N ARG J 8 -16.65 23.99 -11.70
CA ARG J 8 -17.53 23.63 -12.83
C ARG J 8 -17.01 22.42 -13.62
N LEU J 9 -15.70 22.39 -13.93
CA LEU J 9 -15.00 21.25 -14.56
C LEU J 9 -15.09 19.94 -13.77
N TYR J 10 -15.04 20.07 -12.42
CA TYR J 10 -15.38 18.98 -11.52
C TYR J 10 -16.83 18.51 -11.62
N SER J 11 -17.77 19.45 -11.38
CA SER J 11 -19.22 19.17 -11.25
C SER J 11 -19.84 18.52 -12.49
N LEU J 12 -19.46 19.04 -13.66
CA LEU J 12 -20.01 18.65 -14.96
C LEU J 12 -19.33 17.42 -15.57
N LEU J 13 -18.04 17.23 -15.26
CA LEU J 13 -17.17 16.33 -16.02
C LEU J 13 -16.33 15.32 -15.22
N PHE J 14 -15.79 15.73 -14.06
CA PHE J 14 -14.84 14.90 -13.29
C PHE J 14 -15.42 13.93 -12.26
N ARG J 15 -16.64 14.22 -11.75
CA ARG J 15 -17.32 13.43 -10.70
C ARG J 15 -17.58 11.97 -11.11
N ARG J 16 -18.20 11.77 -12.29
CA ARG J 16 -18.38 10.43 -12.87
C ARG J 16 -17.13 10.05 -13.63
N THR J 17 -16.63 8.84 -13.34
CA THR J 17 -15.46 8.25 -14.02
C THR J 17 -15.70 8.03 -15.50
N SER J 18 -16.95 7.74 -15.86
CA SER J 18 -17.48 7.72 -17.22
C SER J 18 -17.23 9.00 -18.01
N THR J 19 -17.69 10.14 -17.47
CA THR J 19 -17.49 11.47 -18.08
C THR J 19 -16.01 11.94 -18.01
N PHE J 20 -15.33 11.60 -16.91
CA PHE J 20 -13.88 11.80 -16.72
C PHE J 20 -13.04 11.17 -17.83
N ALA J 21 -13.33 9.89 -18.14
CA ALA J 21 -12.75 9.16 -19.26
C ALA J 21 -13.13 9.74 -20.64
N LEU J 22 -14.42 10.12 -20.80
CA LEU J 22 -14.92 10.82 -21.98
C LEU J 22 -14.24 12.17 -22.25
N THR J 23 -13.98 12.93 -21.18
CA THR J 23 -13.20 14.17 -21.22
C THR J 23 -11.79 13.95 -21.73
N ILE J 24 -11.08 12.96 -21.17
CA ILE J 24 -9.71 12.65 -21.60
C ILE J 24 -9.55 12.23 -23.08
N VAL J 25 -10.53 11.48 -23.60
CA VAL J 25 -10.47 10.88 -24.95
C VAL J 25 -10.81 11.92 -26.05
N VAL J 26 -11.89 12.68 -25.84
CA VAL J 26 -12.18 13.96 -26.55
C VAL J 26 -11.00 14.97 -26.42
N GLY J 27 -10.46 15.08 -25.21
CA GLY J 27 -9.25 15.85 -24.89
C GLY J 27 -8.01 15.43 -25.66
N ALA J 28 -7.83 14.12 -25.85
CA ALA J 28 -6.64 13.54 -26.50
C ALA J 28 -6.64 13.74 -28.02
N LEU J 29 -7.82 13.57 -28.64
CA LEU J 29 -8.05 13.80 -30.08
C LEU J 29 -7.79 15.26 -30.50
N PHE J 30 -8.39 16.19 -29.74
CA PHE J 30 -8.19 17.64 -29.91
C PHE J 30 -6.78 18.12 -29.58
N PHE J 31 -6.17 17.47 -28.58
CA PHE J 31 -4.77 17.71 -28.20
C PHE J 31 -3.76 17.24 -29.24
N GLU J 32 -3.95 16.03 -29.77
CA GLU J 32 -3.12 15.47 -30.85
C GLU J 32 -3.02 16.38 -32.09
N ARG J 33 -4.18 16.93 -32.52
CA ARG J 33 -4.28 17.93 -33.59
C ARG J 33 -3.49 19.22 -33.29
N ALA J 34 -3.74 19.79 -32.10
CA ALA J 34 -3.21 21.09 -31.68
C ALA J 34 -1.71 21.05 -31.35
N PHE J 35 -1.27 19.96 -30.74
CA PHE J 35 0.14 19.71 -30.42
C PHE J 35 0.99 19.46 -31.66
N ASP J 36 0.57 18.52 -32.53
CA ASP J 36 1.23 18.25 -33.82
C ASP J 36 1.35 19.46 -34.75
N GLN J 37 0.28 20.26 -34.84
CA GLN J 37 0.20 21.49 -35.66
C GLN J 37 1.19 22.59 -35.23
N GLY J 38 1.29 22.80 -33.91
CA GLY J 38 2.28 23.68 -33.28
C GLY J 38 3.70 23.17 -33.36
N ALA J 39 3.90 21.89 -33.02
CA ALA J 39 5.25 21.26 -33.02
C ALA J 39 5.87 21.08 -34.40
N ASP J 40 5.04 20.90 -35.44
CA ASP J 40 5.47 21.03 -36.84
C ASP J 40 5.93 22.45 -37.19
N ALA J 41 5.07 23.43 -36.84
CA ALA J 41 5.29 24.87 -37.13
C ALA J 41 6.48 25.50 -36.42
N ILE J 42 6.76 25.03 -35.19
CA ILE J 42 8.01 25.37 -34.48
C ILE J 42 9.26 24.82 -35.18
N TYR J 43 9.23 23.51 -35.50
CA TYR J 43 10.29 22.81 -36.25
C TYR J 43 10.53 23.38 -37.67
N GLU J 44 9.43 23.74 -38.35
CA GLU J 44 9.39 24.40 -39.65
C GLU J 44 10.05 25.78 -39.66
N HIS J 45 9.74 26.60 -38.63
CA HIS J 45 10.34 27.94 -38.43
C HIS J 45 11.84 27.94 -38.07
N ILE J 46 12.30 26.89 -37.39
CA ILE J 46 13.72 26.66 -37.09
C ILE J 46 14.59 26.36 -38.34
N ASN J 47 13.99 25.73 -39.37
CA ASN J 47 14.76 25.02 -40.40
C ASN J 47 14.90 25.54 -41.84
N GLU J 48 13.79 25.58 -42.61
CA GLU J 48 13.65 26.34 -43.89
C GLU J 48 14.49 25.95 -45.15
N GLY J 49 15.31 24.89 -45.02
CA GLY J 49 15.86 24.15 -46.16
C GLY J 49 15.41 22.70 -46.23
N LYS J 50 14.09 22.48 -46.35
CA LYS J 50 13.45 21.14 -46.33
C LYS J 50 12.87 20.74 -47.72
N LEU J 51 11.54 20.67 -47.85
CA LEU J 51 10.83 21.01 -49.11
C LEU J 51 9.94 22.28 -48.95
N TRP J 52 10.55 23.30 -48.34
CA TRP J 52 10.26 24.73 -48.60
C TRP J 52 10.67 25.16 -50.02
N LYS J 53 11.76 24.55 -50.50
CA LYS J 53 12.37 24.75 -51.82
C LYS J 53 11.54 24.28 -53.04
N HIS J 54 10.61 23.34 -52.80
CA HIS J 54 10.04 22.46 -53.85
C HIS J 54 9.06 23.09 -54.87
N ILE J 55 8.74 24.38 -54.67
CA ILE J 55 8.24 25.31 -55.71
C ILE J 55 9.10 25.41 -57.00
N LYS J 56 10.43 25.26 -56.82
CA LYS J 56 11.44 25.24 -57.91
C LYS J 56 11.19 24.17 -58.98
N HIS J 57 10.83 22.95 -58.53
CA HIS J 57 11.01 21.71 -59.31
C HIS J 57 9.69 21.03 -59.72
N LYS J 58 8.66 21.20 -58.88
CA LYS J 58 7.25 20.86 -59.18
C LYS J 58 6.58 21.93 -60.08
N TYR J 59 5.34 21.63 -60.53
CA TYR J 59 4.44 22.52 -61.32
C TYR J 59 4.87 22.81 -62.79
N GLU J 60 6.19 22.84 -63.04
CA GLU J 60 6.82 22.53 -64.35
C GLU J 60 6.34 21.22 -65.01
N ASN J 61 6.16 20.16 -64.18
CA ASN J 61 5.50 18.90 -64.56
C ASN J 61 4.02 19.08 -64.93
N MET K 1 -33.62 -21.06 -16.38
CA MET K 1 -32.56 -20.90 -15.34
C MET K 1 -32.13 -19.44 -15.10
N LEU K 2 -32.11 -18.64 -16.18
CA LEU K 2 -31.93 -17.17 -16.14
C LEU K 2 -33.26 -16.34 -15.99
N THR K 3 -34.34 -17.05 -15.67
CA THR K 3 -35.59 -16.50 -15.08
C THR K 3 -35.38 -15.78 -13.72
N ARG K 4 -34.40 -16.29 -12.95
CA ARG K 4 -33.72 -15.64 -11.80
C ARG K 4 -33.61 -14.11 -11.84
N PHE K 5 -33.18 -13.56 -12.99
CA PHE K 5 -32.88 -12.12 -13.15
C PHE K 5 -34.02 -11.30 -13.80
N LEU K 6 -35.25 -11.76 -13.58
CA LEU K 6 -36.48 -11.12 -14.09
C LEU K 6 -37.48 -10.80 -12.98
N GLY K 7 -37.76 -9.51 -12.83
CA GLY K 7 -38.45 -8.94 -11.66
C GLY K 7 -38.15 -7.45 -11.47
N PRO K 8 -39.01 -6.70 -10.73
CA PRO K 8 -38.90 -5.22 -10.60
C PRO K 8 -37.56 -4.66 -10.06
N ARG K 9 -36.89 -5.37 -9.14
CA ARG K 9 -35.53 -4.97 -8.64
C ARG K 9 -34.46 -4.91 -9.74
N TYR K 10 -34.46 -5.95 -10.57
CA TYR K 10 -33.53 -6.10 -11.70
C TYR K 10 -33.74 -5.13 -12.87
N ARG K 11 -34.99 -4.75 -13.10
CA ARG K 11 -35.35 -3.67 -14.03
C ARG K 11 -34.87 -2.29 -13.57
N GLN K 12 -34.98 -2.02 -12.26
CA GLN K 12 -34.51 -0.78 -11.64
C GLN K 12 -32.99 -0.67 -11.66
N LEU K 13 -32.32 -1.81 -11.45
CA LEU K 13 -30.86 -1.91 -11.52
C LEU K 13 -30.31 -1.74 -12.95
N ALA K 14 -31.06 -2.25 -13.94
CA ALA K 14 -30.89 -1.92 -15.36
C ALA K 14 -31.00 -0.42 -15.67
N ARG K 15 -32.08 0.22 -15.17
CA ARG K 15 -32.34 1.67 -15.34
C ARG K 15 -31.25 2.59 -14.73
N ASN K 16 -30.70 2.18 -13.57
CA ASN K 16 -29.64 2.91 -12.86
C ASN K 16 -28.28 2.90 -13.56
N TRP K 17 -27.96 1.77 -14.20
CA TRP K 17 -26.68 1.55 -14.89
C TRP K 17 -26.62 1.90 -16.40
N VAL K 18 -27.79 2.13 -16.99
CA VAL K 18 -27.94 2.50 -18.41
C VAL K 18 -27.30 3.83 -18.93
N PRO K 19 -27.40 4.99 -18.18
CA PRO K 19 -26.61 6.18 -18.55
C PRO K 19 -25.09 5.96 -18.48
N THR K 20 -24.65 5.12 -17.52
CA THR K 20 -23.26 4.74 -17.35
C THR K 20 -22.75 3.82 -18.47
N ALA K 21 -23.50 2.75 -18.77
CA ALA K 21 -23.23 1.81 -19.91
C ALA K 21 -23.16 2.48 -21.30
N SER K 22 -24.03 3.47 -21.53
CA SER K 22 -24.04 4.26 -22.75
C SER K 22 -22.92 5.31 -22.84
N LEU K 23 -22.58 5.94 -21.70
CA LEU K 23 -21.41 6.82 -21.57
C LEU K 23 -20.06 6.12 -21.72
N TRP K 24 -19.97 4.87 -21.23
CA TRP K 24 -18.82 3.98 -21.52
C TRP K 24 -18.72 3.57 -23.00
N GLY K 25 -19.89 3.31 -23.61
CA GLY K 25 -20.03 3.13 -25.06
C GLY K 25 -19.53 4.30 -25.89
N ALA K 26 -19.85 5.51 -25.42
CA ALA K 26 -19.31 6.79 -25.92
C ALA K 26 -17.78 6.93 -25.78
N VAL K 27 -17.22 6.50 -24.64
CA VAL K 27 -15.76 6.43 -24.38
C VAL K 27 -15.06 5.46 -25.38
N GLY K 28 -15.64 4.28 -25.56
CA GLY K 28 -15.11 3.23 -26.42
C GLY K 28 -15.11 3.59 -27.90
N ALA K 29 -16.23 4.16 -28.37
CA ALA K 29 -16.42 4.57 -29.78
C ALA K 29 -15.50 5.72 -30.20
N VAL K 30 -15.41 6.75 -29.35
CA VAL K 30 -14.52 7.91 -29.55
C VAL K 30 -13.03 7.49 -29.43
N GLY K 31 -12.78 6.52 -28.53
CA GLY K 31 -11.48 5.87 -28.33
C GLY K 31 -10.96 5.06 -29.49
N LEU K 32 -11.82 4.20 -30.06
CA LEU K 32 -11.55 3.46 -31.30
C LEU K 32 -11.37 4.34 -32.53
N VAL K 33 -12.19 5.39 -32.64
CA VAL K 33 -12.16 6.39 -33.72
C VAL K 33 -10.82 7.18 -33.74
N TRP K 34 -10.41 7.64 -32.54
CA TRP K 34 -9.14 8.31 -32.27
C TRP K 34 -7.91 7.41 -32.56
N ALA K 35 -7.91 6.18 -32.04
CA ALA K 35 -6.75 5.26 -32.13
C ALA K 35 -6.44 4.72 -33.55
N THR K 36 -7.48 4.60 -34.39
CA THR K 36 -7.36 4.14 -35.80
C THR K 36 -7.32 5.28 -36.86
N ASP K 37 -7.46 6.53 -36.39
CA ASP K 37 -7.69 7.75 -37.21
C ASP K 37 -8.82 7.62 -38.26
N TRP K 38 -9.99 7.18 -37.78
CA TRP K 38 -11.02 6.58 -38.63
C TRP K 38 -11.77 7.59 -39.51
N ARG K 39 -11.15 7.81 -40.68
CA ARG K 39 -11.78 8.17 -41.98
C ARG K 39 -13.23 8.68 -42.03
N LEU K 40 -14.21 7.77 -41.86
CA LEU K 40 -15.67 8.03 -42.04
C LEU K 40 -16.22 9.06 -41.06
N ILE K 41 -15.80 8.94 -39.79
CA ILE K 41 -16.25 9.79 -38.67
C ILE K 41 -15.45 11.09 -38.61
N LEU K 42 -14.12 11.00 -38.80
CA LEU K 42 -13.18 12.11 -38.58
C LEU K 42 -13.02 13.14 -39.70
N ASP K 43 -13.46 12.79 -40.92
CA ASP K 43 -13.79 13.76 -41.99
C ASP K 43 -14.96 14.71 -41.62
N TRP K 44 -15.87 14.21 -40.77
CA TRP K 44 -17.11 14.90 -40.38
C TRP K 44 -17.03 15.74 -39.07
N VAL K 45 -15.84 15.76 -38.45
CA VAL K 45 -15.55 16.53 -37.22
C VAL K 45 -14.89 17.89 -37.63
N PRO K 46 -15.55 19.06 -37.38
CA PRO K 46 -15.39 20.27 -38.22
C PRO K 46 -14.03 20.99 -38.10
N TYR K 47 -13.43 20.94 -36.90
CA TYR K 47 -11.96 20.96 -36.71
C TYR K 47 -11.49 19.51 -36.46
N ILE K 48 -10.19 19.26 -36.72
CA ILE K 48 -9.64 17.96 -37.23
C ILE K 48 -10.17 17.64 -38.64
N ASN K 49 -9.83 18.54 -39.57
CA ASN K 49 -9.71 18.23 -41.01
C ASN K 49 -8.27 18.47 -41.51
N GLY K 50 -7.34 17.73 -40.91
CA GLY K 50 -5.93 17.69 -41.30
C GLY K 50 -5.57 16.53 -42.23
N LYS K 51 -6.45 16.30 -43.22
CA LYS K 51 -6.08 15.69 -44.50
C LYS K 51 -6.23 16.68 -45.67
N PHE K 52 -7.41 17.32 -45.75
CA PHE K 52 -7.81 18.32 -46.79
C PHE K 52 -7.65 17.89 -48.27
N LYS K 53 -6.39 17.83 -48.75
CA LYS K 53 -6.01 17.21 -50.03
C LYS K 53 -4.62 16.59 -49.95
CHA HEM L . 20.79 -6.97 -31.12
CHB HEM L . 16.73 -9.69 -30.79
CHC HEM L . 16.64 -8.80 -25.98
CHD HEM L . 21.03 -6.61 -26.28
C1A HEM L . 19.65 -7.69 -31.43
C2A HEM L . 19.22 -8.06 -32.79
C3A HEM L . 18.09 -8.80 -32.68
C4A HEM L . 17.73 -8.87 -31.25
CMA HEM L . 17.28 -9.36 -33.84
CAA HEM L . 19.96 -7.77 -34.12
CBA HEM L . 19.53 -6.41 -34.75
CGA HEM L . 20.31 -5.30 -34.29
O1A HEM L . 21.54 -5.37 -34.06
O2A HEM L . 19.75 -4.19 -34.22
C1B HEM L . 16.38 -9.67 -29.45
C2B HEM L . 15.20 -10.36 -28.95
C3B HEM L . 15.20 -10.13 -27.60
C4B HEM L . 16.37 -9.31 -27.25
CMB HEM L . 14.20 -11.18 -29.75
CAB HEM L . 14.07 -10.48 -26.67
CBB HEM L . 14.12 -11.97 -26.32
C1C HEM L . 17.93 -8.39 -25.66
C2C HEM L . 18.35 -8.10 -24.28
C3C HEM L . 19.54 -7.46 -24.37
C4C HEM L . 19.84 -7.27 -25.79
CMC HEM L . 17.67 -8.48 -22.97
CAC HEM L . 20.45 -7.13 -23.22
CBC HEM L . 20.10 -5.74 -22.66
C1D HEM L . 21.16 -6.33 -27.64
C2D HEM L . 22.31 -5.62 -28.21
C3D HEM L . 22.23 -5.75 -29.56
C4D HEM L . 21.09 -6.52 -29.84
CMD HEM L . 23.40 -4.88 -27.44
CAD HEM L . 23.14 -5.04 -30.59
CBD HEM L . 22.44 -3.73 -31.04
CGD HEM L . 23.21 -3.04 -31.99
O1D HEM L . 24.15 -2.30 -31.61
O2D HEM L . 22.88 -3.05 -33.19
NA HEM L . 18.79 -8.34 -30.56
NB HEM L . 17.04 -8.99 -28.42
NC HEM L . 18.75 -7.69 -26.54
ND HEM L . 20.57 -7.02 -28.67
FE HEM L . 18.79 -7.99 -28.54
CHA HEM M . 15.56 -5.85 -5.13
CHB HEM M . 14.45 -6.93 -9.79
CHC HEM M . 19.20 -7.41 -10.73
CHD HEM M . 19.98 -7.84 -5.86
C1A HEM M . 14.95 -5.86 -6.39
C2A HEM M . 13.62 -5.32 -6.66
C3A HEM M . 13.26 -5.71 -7.93
C4A HEM M . 14.46 -6.31 -8.55
CMA HEM M . 11.93 -5.45 -8.60
CAA HEM M . 12.69 -4.62 -5.65
CBA HEM M . 12.77 -3.06 -5.73
CGA HEM M . 14.09 -2.60 -5.49
O1A HEM M . 14.62 -2.69 -4.36
O2A HEM M . 14.78 -2.22 -6.44
C1B HEM M . 15.67 -7.00 -10.46
C2B HEM M . 15.80 -7.24 -11.89
C3B HEM M . 17.12 -7.49 -12.13
C4B HEM M . 17.81 -7.48 -10.85
CMB HEM M . 14.65 -7.25 -12.88
CAB HEM M . 17.79 -7.56 -13.51
CBB HEM M . 17.44 -8.84 -14.28
C1C HEM M . 19.81 -7.56 -9.47
C2C HEM M . 21.25 -7.71 -9.30
C3C HEM M . 21.47 -7.82 -7.95
C4C HEM M . 20.19 -7.58 -7.28
CMC HEM M . 22.27 -7.73 -10.43
CAC HEM M . 22.80 -7.82 -7.22
CBC HEM M . 23.71 -9.04 -7.43
C1D HEM M . 18.81 -7.39 -5.27
C2D HEM M . 18.66 -7.21 -3.85
C3D HEM M . 17.47 -6.57 -3.65
C4D HEM M . 16.80 -6.48 -4.91
CMD HEM M . 19.67 -7.60 -2.79
CAD HEM M . 16.93 -6.19 -2.24
CBD HEM M . 17.03 -4.66 -2.07
CGD HEM M . 16.57 -4.10 -0.86
O1D HEM M . 17.25 -3.20 -0.36
O2D HEM M . 15.41 -4.27 -0.45
NA HEM M . 15.33 -6.55 -7.52
NB HEM M . 16.90 -7.20 -9.86
NC HEM M . 19.18 -7.61 -8.23
ND HEM M . 17.69 -6.87 -5.90
FE HEM M . 17.25 -7.08 -7.88
F13 FDN N . 32.22 -8.02 -24.32
C13 FDN N . 31.03 -7.94 -23.70
C12 FDN N . 30.93 -8.60 -22.45
C11 FDN N . 29.72 -8.54 -21.72
F11 FDN N . 29.62 -9.11 -20.51
C10 FDN N . 28.62 -7.81 -22.22
C9 FDN N . 28.73 -7.19 -23.48
C8 FDN N . 29.94 -7.18 -24.22
C5 FDN N . 29.99 -6.52 -25.61
C7 FDN N . 28.79 -5.62 -25.94
O4 FDN N . 30.07 -7.55 -26.61
C3 FDN N . 31.24 -7.34 -27.41
O3 FDN N . 31.52 -8.07 -28.36
N2 FDN N . 31.89 -6.27 -26.96
C6 FDN N . 31.25 -5.72 -25.91
O6 FDN N . 31.60 -4.74 -25.28
N1 FDN N . 33.00 -5.76 -27.51
C21 FDN N . 34.27 -6.08 -27.18
C22 FDN N . 34.62 -7.18 -26.36
C23 FDN N . 35.97 -7.51 -26.11
C24 FDN N . 36.99 -6.74 -26.72
C25 FDN N . 36.67 -5.63 -27.55
C26 FDN N . 35.31 -5.31 -27.78
CHA HEM O . 39.31 6.45 -49.78
CHB HEM O . 35.85 9.94 -49.97
CHC HEM O . 36.56 10.36 -54.75
CHD HEM O . 39.96 6.77 -54.63
C1A HEM O . 38.42 7.46 -49.43
C2A HEM O . 37.95 7.70 -48.06
C3A HEM O . 36.96 8.65 -48.13
C4A HEM O . 36.84 9.07 -49.53
CMA HEM O . 36.21 9.24 -46.94
CAA HEM O . 38.26 6.88 -46.79
CBA HEM O . 39.58 7.20 -46.04
CGA HEM O . 39.69 6.36 -44.89
O1A HEM O . 39.93 5.13 -44.99
O2A HEM O . 39.61 6.85 -43.73
C1B HEM O . 35.90 10.43 -51.27
C2B HEM O . 35.06 11.53 -51.71
C3B HEM O . 35.30 11.69 -53.05
C4B HEM O . 36.29 10.67 -53.42
CMB HEM O . 34.09 12.30 -50.83
CAB HEM O . 34.74 12.75 -54.00
CBB HEM O . 34.88 14.24 -53.57
C1C HEM O . 37.58 9.49 -55.08
C2C HEM O . 38.03 9.32 -56.44
C3C HEM O . 38.99 8.36 -56.44
C4C HEM O . 39.13 7.90 -55.04
CMC HEM O . 37.54 10.11 -57.65
CAC HEM O . 39.88 7.99 -57.63
CBC HEM O . 40.88 9.12 -58.00
C1D HEM O . 40.02 6.39 -53.27
C2D HEM O . 40.99 5.42 -52.74
C3D HEM O . 40.82 5.36 -51.39
C4D HEM O . 39.79 6.30 -51.06
CMD HEM O . 41.99 4.62 -53.54
CAD HEM O . 41.58 4.40 -50.41
CBD HEM O . 42.75 5.12 -49.65
CGD HEM O . 43.52 4.25 -48.84
O1D HEM O . 44.72 4.06 -49.13
O2D HEM O . 43.07 3.79 -47.74
NA HEM O . 37.58 8.17 -50.26
NB HEM O . 36.53 9.84 -52.35
NC HEM O . 38.15 8.50 -54.27
ND HEM O . 39.27 6.87 -52.21
FE HEM O . 37.91 8.35 -52.28
FE1 FES P . 47.03 -10.64 -29.13
FE2 FES P . 45.65 -10.17 -26.78
S1 FES P . 47.81 -9.84 -27.21
S2 FES P . 44.88 -11.00 -28.65
#